data_6HNX
# 
_entry.id   6HNX 
# 
_audit_conform.dict_name       mmcif_pdbx.dic 
_audit_conform.dict_version    5.383 
_audit_conform.dict_location   http://mmcif.pdb.org/dictionaries/ascii/mmcif_pdbx.dic 
# 
loop_
_database_2.database_id 
_database_2.database_code 
_database_2.pdbx_database_accession 
_database_2.pdbx_DOI 
PDB   6HNX         pdb_00006hnx 10.2210/pdb6hnx/pdb 
WWPDB D_1200011901 ?            ?                   
# 
loop_
_pdbx_audit_revision_history.ordinal 
_pdbx_audit_revision_history.data_content_type 
_pdbx_audit_revision_history.major_revision 
_pdbx_audit_revision_history.minor_revision 
_pdbx_audit_revision_history.revision_date 
1 'Structure model' 1 0 2018-12-26 
2 'Structure model' 1 1 2019-01-23 
3 'Structure model' 1 2 2024-01-24 
# 
_pdbx_audit_revision_details.ordinal             1 
_pdbx_audit_revision_details.revision_ordinal    1 
_pdbx_audit_revision_details.data_content_type   'Structure model' 
_pdbx_audit_revision_details.provider            repository 
_pdbx_audit_revision_details.type                'Initial release' 
_pdbx_audit_revision_details.description         ? 
_pdbx_audit_revision_details.details             ? 
# 
loop_
_pdbx_audit_revision_group.ordinal 
_pdbx_audit_revision_group.revision_ordinal 
_pdbx_audit_revision_group.data_content_type 
_pdbx_audit_revision_group.group 
1 2 'Structure model' 'Data collection'        
2 2 'Structure model' 'Database references'    
3 3 'Structure model' 'Data collection'        
4 3 'Structure model' 'Database references'    
5 3 'Structure model' 'Refinement description' 
# 
loop_
_pdbx_audit_revision_category.ordinal 
_pdbx_audit_revision_category.revision_ordinal 
_pdbx_audit_revision_category.data_content_type 
_pdbx_audit_revision_category.category 
1 2 'Structure model' citation                      
2 3 'Structure model' chem_comp_atom                
3 3 'Structure model' chem_comp_bond                
4 3 'Structure model' database_2                    
5 3 'Structure model' pdbx_initial_refinement_model 
# 
loop_
_pdbx_audit_revision_item.ordinal 
_pdbx_audit_revision_item.revision_ordinal 
_pdbx_audit_revision_item.data_content_type 
_pdbx_audit_revision_item.item 
1 2 'Structure model' '_citation.journal_volume'            
2 2 'Structure model' '_citation.page_first'                
3 2 'Structure model' '_citation.page_last'                 
4 3 'Structure model' '_database_2.pdbx_DOI'                
5 3 'Structure model' '_database_2.pdbx_database_accession' 
# 
_pdbx_database_status.status_code                     REL 
_pdbx_database_status.status_code_sf                  REL 
_pdbx_database_status.status_code_mr                  ? 
_pdbx_database_status.entry_id                        6HNX 
_pdbx_database_status.recvd_initial_deposition_date   2018-09-17 
_pdbx_database_status.SG_entry                        N 
_pdbx_database_status.deposit_site                    PDBE 
_pdbx_database_status.process_site                    PDBE 
_pdbx_database_status.status_code_cs                  ? 
_pdbx_database_status.methods_development_category    ? 
_pdbx_database_status.pdb_format_compatible           Y 
_pdbx_database_status.status_code_nmr_data            ? 
# 
loop_
_audit_author.name 
_audit_author.pdbx_ordinal 
_audit_author.identifier_ORCID 
'Wintjens, R.'  1 0000-0002-0234-7847 
'Wohlkonig, A.' 2 0000-0003-3103-5022 
# 
_citation.abstract                  ? 
_citation.abstract_id_CAS           ? 
_citation.book_id_ISBN              ? 
_citation.book_publisher            ? 
_citation.book_publisher_city       ? 
_citation.book_title                ? 
_citation.coordinate_linkage        ? 
_citation.country                   ? 
_citation.database_id_Medline       ? 
_citation.details                   ? 
_citation.id                        primary 
_citation.journal_abbrev            'Biochim Biophys Acta Proteins Proteom' 
_citation.journal_id_ASTM           ? 
_citation.journal_id_CSD            ? 
_citation.journal_id_ISSN           1878-1454 
_citation.journal_full              ? 
_citation.journal_issue             ? 
_citation.journal_volume            1867 
_citation.language                  ? 
_citation.page_first                248 
_citation.page_last                 258 
_citation.title                     
'A comprehensive analysis of the protein-ligand interactions in crystal structures of Mycobacterium tuberculosis EthR.' 
_citation.year                      2018 
_citation.database_id_CSD           ? 
_citation.pdbx_database_id_DOI      10.1016/j.bbapap.2018.12.003 
_citation.pdbx_database_id_PubMed   30553830 
_citation.unpublished_flag          ? 
# 
loop_
_citation_author.citation_id 
_citation_author.name 
_citation_author.ordinal 
_citation_author.identifier_ORCID 
primary 'Tanina, A.'     1  ? 
primary 'Wohlkonig, A.'  2  ? 
primary 'Soror, S.H.'    3  ? 
primary 'Flipo, M.'      4  ? 
primary 'Villemagne, B.' 5  ? 
primary 'Prevet, H.'     6  ? 
primary 'Deprez, B.'     7  ? 
primary 'Moune, M.'      8  ? 
primary 'Peree, H.'      9  ? 
primary 'Meyer, F.'      10 ? 
primary 'Baulard, A.R.'  11 ? 
primary 'Willand, N.'    12 ? 
primary 'Wintjens, R.'   13 ? 
# 
loop_
_entity.id 
_entity.type 
_entity.src_method 
_entity.pdbx_description 
_entity.formula_weight 
_entity.pdbx_number_of_molecules 
_entity.pdbx_ec 
_entity.pdbx_mutation 
_entity.pdbx_fragment 
_entity.details 
1 polymer     man 'HTH-type transcriptional regulator EthR'                                                             23781.705 
1  ? ? ? ? 
2 non-polymer syn "4-(4-oxidanylidene-1'-propan-2-yl-spiro[3~{H}-chromene-2,4'-piperidine]-6-yl)-~{N}-phenyl-benzamide" 454.560   
1  ? ? ? ? 
3 water       nat water                                                                                                 18.015    
45 ? ? ? ? 
# 
_entity_poly.entity_id                      1 
_entity_poly.type                           'polypeptide(L)' 
_entity_poly.nstd_linkage                   no 
_entity_poly.nstd_monomer                   no 
_entity_poly.pdbx_seq_one_letter_code       
;MTTSAASQASLPRGRRTARPSGDDRELAILATAENLLEDRPLADISVDDLAKGAGISRPTFYFYFPSKEAVLLTLLDRVV
NQADMALQTLAENPADTDRENMWRTGINVFFETFGSHKAVTRAGQAARATSVEVAELWSTFMQKWIAYTAAVIDAERDRG
AAPRTLPAHELATALNLMNERTLFASFAGEQPSVPEARVLDTLVHIWVTSIYGENR
;
_entity_poly.pdbx_seq_one_letter_code_can   
;MTTSAASQASLPRGRRTARPSGDDRELAILATAENLLEDRPLADISVDDLAKGAGISRPTFYFYFPSKEAVLLTLLDRVV
NQADMALQTLAENPADTDRENMWRTGINVFFETFGSHKAVTRAGQAARATSVEVAELWSTFMQKWIAYTAAVIDAERDRG
AAPRTLPAHELATALNLMNERTLFASFAGEQPSVPEARVLDTLVHIWVTSIYGENR
;
_entity_poly.pdbx_strand_id                 A 
_entity_poly.pdbx_target_identifier         ? 
# 
loop_
_pdbx_entity_nonpoly.entity_id 
_pdbx_entity_nonpoly.name 
_pdbx_entity_nonpoly.comp_id 
2 "4-(4-oxidanylidene-1'-propan-2-yl-spiro[3~{H}-chromene-2,4'-piperidine]-6-yl)-~{N}-phenyl-benzamide" GFZ 
3 water                                                                                                 HOH 
# 
loop_
_entity_poly_seq.entity_id 
_entity_poly_seq.num 
_entity_poly_seq.mon_id 
_entity_poly_seq.hetero 
1 1   MET n 
1 2   THR n 
1 3   THR n 
1 4   SER n 
1 5   ALA n 
1 6   ALA n 
1 7   SER n 
1 8   GLN n 
1 9   ALA n 
1 10  SER n 
1 11  LEU n 
1 12  PRO n 
1 13  ARG n 
1 14  GLY n 
1 15  ARG n 
1 16  ARG n 
1 17  THR n 
1 18  ALA n 
1 19  ARG n 
1 20  PRO n 
1 21  SER n 
1 22  GLY n 
1 23  ASP n 
1 24  ASP n 
1 25  ARG n 
1 26  GLU n 
1 27  LEU n 
1 28  ALA n 
1 29  ILE n 
1 30  LEU n 
1 31  ALA n 
1 32  THR n 
1 33  ALA n 
1 34  GLU n 
1 35  ASN n 
1 36  LEU n 
1 37  LEU n 
1 38  GLU n 
1 39  ASP n 
1 40  ARG n 
1 41  PRO n 
1 42  LEU n 
1 43  ALA n 
1 44  ASP n 
1 45  ILE n 
1 46  SER n 
1 47  VAL n 
1 48  ASP n 
1 49  ASP n 
1 50  LEU n 
1 51  ALA n 
1 52  LYS n 
1 53  GLY n 
1 54  ALA n 
1 55  GLY n 
1 56  ILE n 
1 57  SER n 
1 58  ARG n 
1 59  PRO n 
1 60  THR n 
1 61  PHE n 
1 62  TYR n 
1 63  PHE n 
1 64  TYR n 
1 65  PHE n 
1 66  PRO n 
1 67  SER n 
1 68  LYS n 
1 69  GLU n 
1 70  ALA n 
1 71  VAL n 
1 72  LEU n 
1 73  LEU n 
1 74  THR n 
1 75  LEU n 
1 76  LEU n 
1 77  ASP n 
1 78  ARG n 
1 79  VAL n 
1 80  VAL n 
1 81  ASN n 
1 82  GLN n 
1 83  ALA n 
1 84  ASP n 
1 85  MET n 
1 86  ALA n 
1 87  LEU n 
1 88  GLN n 
1 89  THR n 
1 90  LEU n 
1 91  ALA n 
1 92  GLU n 
1 93  ASN n 
1 94  PRO n 
1 95  ALA n 
1 96  ASP n 
1 97  THR n 
1 98  ASP n 
1 99  ARG n 
1 100 GLU n 
1 101 ASN n 
1 102 MET n 
1 103 TRP n 
1 104 ARG n 
1 105 THR n 
1 106 GLY n 
1 107 ILE n 
1 108 ASN n 
1 109 VAL n 
1 110 PHE n 
1 111 PHE n 
1 112 GLU n 
1 113 THR n 
1 114 PHE n 
1 115 GLY n 
1 116 SER n 
1 117 HIS n 
1 118 LYS n 
1 119 ALA n 
1 120 VAL n 
1 121 THR n 
1 122 ARG n 
1 123 ALA n 
1 124 GLY n 
1 125 GLN n 
1 126 ALA n 
1 127 ALA n 
1 128 ARG n 
1 129 ALA n 
1 130 THR n 
1 131 SER n 
1 132 VAL n 
1 133 GLU n 
1 134 VAL n 
1 135 ALA n 
1 136 GLU n 
1 137 LEU n 
1 138 TRP n 
1 139 SER n 
1 140 THR n 
1 141 PHE n 
1 142 MET n 
1 143 GLN n 
1 144 LYS n 
1 145 TRP n 
1 146 ILE n 
1 147 ALA n 
1 148 TYR n 
1 149 THR n 
1 150 ALA n 
1 151 ALA n 
1 152 VAL n 
1 153 ILE n 
1 154 ASP n 
1 155 ALA n 
1 156 GLU n 
1 157 ARG n 
1 158 ASP n 
1 159 ARG n 
1 160 GLY n 
1 161 ALA n 
1 162 ALA n 
1 163 PRO n 
1 164 ARG n 
1 165 THR n 
1 166 LEU n 
1 167 PRO n 
1 168 ALA n 
1 169 HIS n 
1 170 GLU n 
1 171 LEU n 
1 172 ALA n 
1 173 THR n 
1 174 ALA n 
1 175 LEU n 
1 176 ASN n 
1 177 LEU n 
1 178 MET n 
1 179 ASN n 
1 180 GLU n 
1 181 ARG n 
1 182 THR n 
1 183 LEU n 
1 184 PHE n 
1 185 ALA n 
1 186 SER n 
1 187 PHE n 
1 188 ALA n 
1 189 GLY n 
1 190 GLU n 
1 191 GLN n 
1 192 PRO n 
1 193 SER n 
1 194 VAL n 
1 195 PRO n 
1 196 GLU n 
1 197 ALA n 
1 198 ARG n 
1 199 VAL n 
1 200 LEU n 
1 201 ASP n 
1 202 THR n 
1 203 LEU n 
1 204 VAL n 
1 205 HIS n 
1 206 ILE n 
1 207 TRP n 
1 208 VAL n 
1 209 THR n 
1 210 SER n 
1 211 ILE n 
1 212 TYR n 
1 213 GLY n 
1 214 GLU n 
1 215 ASN n 
1 216 ARG n 
# 
_entity_src_gen.entity_id                          1 
_entity_src_gen.pdbx_src_id                        1 
_entity_src_gen.pdbx_alt_source_flag               sample 
_entity_src_gen.pdbx_seq_type                      'Biological sequence' 
_entity_src_gen.pdbx_beg_seq_num                   1 
_entity_src_gen.pdbx_end_seq_num                   216 
_entity_src_gen.gene_src_common_name               ? 
_entity_src_gen.gene_src_genus                     ? 
_entity_src_gen.pdbx_gene_src_gene                 'ethR, etaR, MT3970' 
_entity_src_gen.gene_src_species                   ? 
_entity_src_gen.gene_src_strain                    ? 
_entity_src_gen.gene_src_tissue                    ? 
_entity_src_gen.gene_src_tissue_fraction           ? 
_entity_src_gen.gene_src_details                   ? 
_entity_src_gen.pdbx_gene_src_fragment             ? 
_entity_src_gen.pdbx_gene_src_scientific_name      'Mycobacterium tuberculosis CDC1551' 
_entity_src_gen.pdbx_gene_src_ncbi_taxonomy_id     83331 
_entity_src_gen.pdbx_gene_src_variant              'CDC 1551 / Oshkosh' 
_entity_src_gen.pdbx_gene_src_cell_line            ? 
_entity_src_gen.pdbx_gene_src_atcc                 ? 
_entity_src_gen.pdbx_gene_src_organ                ? 
_entity_src_gen.pdbx_gene_src_organelle            ? 
_entity_src_gen.pdbx_gene_src_cell                 ? 
_entity_src_gen.pdbx_gene_src_cellular_location    ? 
_entity_src_gen.host_org_common_name               ? 
_entity_src_gen.pdbx_host_org_scientific_name      'Escherichia coli BL21' 
_entity_src_gen.pdbx_host_org_ncbi_taxonomy_id     511693 
_entity_src_gen.host_org_genus                     ? 
_entity_src_gen.pdbx_host_org_gene                 ? 
_entity_src_gen.pdbx_host_org_organ                ? 
_entity_src_gen.host_org_species                   ? 
_entity_src_gen.pdbx_host_org_tissue               ? 
_entity_src_gen.pdbx_host_org_tissue_fraction      ? 
_entity_src_gen.pdbx_host_org_strain               ? 
_entity_src_gen.pdbx_host_org_variant              ? 
_entity_src_gen.pdbx_host_org_cell_line            ? 
_entity_src_gen.pdbx_host_org_atcc                 ? 
_entity_src_gen.pdbx_host_org_culture_collection   ? 
_entity_src_gen.pdbx_host_org_cell                 ? 
_entity_src_gen.pdbx_host_org_organelle            ? 
_entity_src_gen.pdbx_host_org_cellular_location    ? 
_entity_src_gen.pdbx_host_org_vector_type          ? 
_entity_src_gen.pdbx_host_org_vector               ? 
_entity_src_gen.host_org_details                   ? 
_entity_src_gen.expression_system_id               ? 
_entity_src_gen.plasmid_name                       ? 
_entity_src_gen.plasmid_details                    ? 
_entity_src_gen.pdbx_description                   ? 
# 
loop_
_chem_comp.id 
_chem_comp.type 
_chem_comp.mon_nstd_flag 
_chem_comp.name 
_chem_comp.pdbx_synonyms 
_chem_comp.formula 
_chem_comp.formula_weight 
ALA 'L-peptide linking' y ALANINE                                                                                               ? 
'C3 H7 N O2'     89.093  
ARG 'L-peptide linking' y ARGININE                                                                                              ? 
'C6 H15 N4 O2 1' 175.209 
ASN 'L-peptide linking' y ASPARAGINE                                                                                            ? 
'C4 H8 N2 O3'    132.118 
ASP 'L-peptide linking' y 'ASPARTIC ACID'                                                                                       ? 
'C4 H7 N O4'     133.103 
GFZ non-polymer         . "4-(4-oxidanylidene-1'-propan-2-yl-spiro[3~{H}-chromene-2,4'-piperidine]-6-yl)-~{N}-phenyl-benzamide" ? 
'C29 H30 N2 O3'  454.560 
GLN 'L-peptide linking' y GLUTAMINE                                                                                             ? 
'C5 H10 N2 O3'   146.144 
GLU 'L-peptide linking' y 'GLUTAMIC ACID'                                                                                       ? 
'C5 H9 N O4'     147.129 
GLY 'peptide linking'   y GLYCINE                                                                                               ? 
'C2 H5 N O2'     75.067  
HIS 'L-peptide linking' y HISTIDINE                                                                                             ? 
'C6 H10 N3 O2 1' 156.162 
HOH non-polymer         . WATER                                                                                                 ? 
'H2 O'           18.015  
ILE 'L-peptide linking' y ISOLEUCINE                                                                                            ? 
'C6 H13 N O2'    131.173 
LEU 'L-peptide linking' y LEUCINE                                                                                               ? 
'C6 H13 N O2'    131.173 
LYS 'L-peptide linking' y LYSINE                                                                                                ? 
'C6 H15 N2 O2 1' 147.195 
MET 'L-peptide linking' y METHIONINE                                                                                            ? 
'C5 H11 N O2 S'  149.211 
PHE 'L-peptide linking' y PHENYLALANINE                                                                                         ? 
'C9 H11 N O2'    165.189 
PRO 'L-peptide linking' y PROLINE                                                                                               ? 
'C5 H9 N O2'     115.130 
SER 'L-peptide linking' y SERINE                                                                                                ? 
'C3 H7 N O3'     105.093 
THR 'L-peptide linking' y THREONINE                                                                                             ? 
'C4 H9 N O3'     119.119 
TRP 'L-peptide linking' y TRYPTOPHAN                                                                                            ? 
'C11 H12 N2 O2'  204.225 
TYR 'L-peptide linking' y TYROSINE                                                                                              ? 
'C9 H11 N O3'    181.189 
VAL 'L-peptide linking' y VALINE                                                                                                ? 
'C5 H11 N O2'    117.146 
# 
loop_
_pdbx_poly_seq_scheme.asym_id 
_pdbx_poly_seq_scheme.entity_id 
_pdbx_poly_seq_scheme.seq_id 
_pdbx_poly_seq_scheme.mon_id 
_pdbx_poly_seq_scheme.ndb_seq_num 
_pdbx_poly_seq_scheme.pdb_seq_num 
_pdbx_poly_seq_scheme.auth_seq_num 
_pdbx_poly_seq_scheme.pdb_mon_id 
_pdbx_poly_seq_scheme.auth_mon_id 
_pdbx_poly_seq_scheme.pdb_strand_id 
_pdbx_poly_seq_scheme.pdb_ins_code 
_pdbx_poly_seq_scheme.hetero 
A 1 1   MET 1   1   ?   ?   ?   A . n 
A 1 2   THR 2   2   ?   ?   ?   A . n 
A 1 3   THR 3   3   ?   ?   ?   A . n 
A 1 4   SER 4   4   ?   ?   ?   A . n 
A 1 5   ALA 5   5   ?   ?   ?   A . n 
A 1 6   ALA 6   6   ?   ?   ?   A . n 
A 1 7   SER 7   7   ?   ?   ?   A . n 
A 1 8   GLN 8   8   ?   ?   ?   A . n 
A 1 9   ALA 9   9   ?   ?   ?   A . n 
A 1 10  SER 10  10  ?   ?   ?   A . n 
A 1 11  LEU 11  11  ?   ?   ?   A . n 
A 1 12  PRO 12  12  ?   ?   ?   A . n 
A 1 13  ARG 13  13  ?   ?   ?   A . n 
A 1 14  GLY 14  14  ?   ?   ?   A . n 
A 1 15  ARG 15  15  ?   ?   ?   A . n 
A 1 16  ARG 16  16  ?   ?   ?   A . n 
A 1 17  THR 17  17  ?   ?   ?   A . n 
A 1 18  ALA 18  18  ?   ?   ?   A . n 
A 1 19  ARG 19  19  ?   ?   ?   A . n 
A 1 20  PRO 20  20  ?   ?   ?   A . n 
A 1 21  SER 21  21  ?   ?   ?   A . n 
A 1 22  GLY 22  22  ?   ?   ?   A . n 
A 1 23  ASP 23  23  ?   ?   ?   A . n 
A 1 24  ASP 24  24  24  ASP ASP A . n 
A 1 25  ARG 25  25  25  ARG ARG A . n 
A 1 26  GLU 26  26  26  GLU GLU A . n 
A 1 27  LEU 27  27  27  LEU LEU A . n 
A 1 28  ALA 28  28  28  ALA ALA A . n 
A 1 29  ILE 29  29  29  ILE ILE A . n 
A 1 30  LEU 30  30  30  LEU LEU A . n 
A 1 31  ALA 31  31  31  ALA ALA A . n 
A 1 32  THR 32  32  32  THR THR A . n 
A 1 33  ALA 33  33  33  ALA ALA A . n 
A 1 34  GLU 34  34  34  GLU GLU A . n 
A 1 35  ASN 35  35  35  ASN ASN A . n 
A 1 36  LEU 36  36  36  LEU LEU A . n 
A 1 37  LEU 37  37  37  LEU LEU A . n 
A 1 38  GLU 38  38  38  GLU GLU A . n 
A 1 39  ASP 39  39  39  ASP ASP A . n 
A 1 40  ARG 40  40  40  ARG ARG A . n 
A 1 41  PRO 41  41  41  PRO PRO A . n 
A 1 42  LEU 42  42  42  LEU LEU A . n 
A 1 43  ALA 43  43  43  ALA ALA A . n 
A 1 44  ASP 44  44  44  ASP ASP A . n 
A 1 45  ILE 45  45  45  ILE ILE A . n 
A 1 46  SER 46  46  46  SER SER A . n 
A 1 47  VAL 47  47  47  VAL VAL A . n 
A 1 48  ASP 48  48  48  ASP ASP A . n 
A 1 49  ASP 49  49  49  ASP ASP A . n 
A 1 50  LEU 50  50  50  LEU LEU A . n 
A 1 51  ALA 51  51  51  ALA ALA A . n 
A 1 52  LYS 52  52  52  LYS LYS A . n 
A 1 53  GLY 53  53  53  GLY GLY A . n 
A 1 54  ALA 54  54  54  ALA ALA A . n 
A 1 55  GLY 55  55  55  GLY GLY A . n 
A 1 56  ILE 56  56  56  ILE ILE A . n 
A 1 57  SER 57  57  57  SER SER A . n 
A 1 58  ARG 58  58  58  ARG ARG A . n 
A 1 59  PRO 59  59  59  PRO PRO A . n 
A 1 60  THR 60  60  60  THR THR A . n 
A 1 61  PHE 61  61  61  PHE PHE A . n 
A 1 62  TYR 62  62  62  TYR TYR A . n 
A 1 63  PHE 63  63  63  PHE PHE A . n 
A 1 64  TYR 64  64  64  TYR TYR A . n 
A 1 65  PHE 65  65  65  PHE PHE A . n 
A 1 66  PRO 66  66  66  PRO PRO A . n 
A 1 67  SER 67  67  67  SER SER A . n 
A 1 68  LYS 68  68  68  LYS LYS A . n 
A 1 69  GLU 69  69  69  GLU GLU A . n 
A 1 70  ALA 70  70  70  ALA ALA A . n 
A 1 71  VAL 71  71  71  VAL VAL A . n 
A 1 72  LEU 72  72  72  LEU LEU A . n 
A 1 73  LEU 73  73  73  LEU LEU A . n 
A 1 74  THR 74  74  74  THR THR A . n 
A 1 75  LEU 75  75  75  LEU LEU A . n 
A 1 76  LEU 76  76  76  LEU LEU A . n 
A 1 77  ASP 77  77  77  ASP ASP A . n 
A 1 78  ARG 78  78  78  ARG ARG A . n 
A 1 79  VAL 79  79  79  VAL VAL A . n 
A 1 80  VAL 80  80  80  VAL VAL A . n 
A 1 81  ASN 81  81  81  ASN ASN A . n 
A 1 82  GLN 82  82  82  GLN GLN A . n 
A 1 83  ALA 83  83  83  ALA ALA A . n 
A 1 84  ASP 84  84  84  ASP ASP A . n 
A 1 85  MET 85  85  85  MET MET A . n 
A 1 86  ALA 86  86  86  ALA ALA A . n 
A 1 87  LEU 87  87  87  LEU LEU A . n 
A 1 88  GLN 88  88  88  GLN GLN A . n 
A 1 89  THR 89  89  89  THR THR A . n 
A 1 90  LEU 90  90  90  LEU LEU A . n 
A 1 91  ALA 91  91  91  ALA ALA A . n 
A 1 92  GLU 92  92  92  GLU GLU A . n 
A 1 93  ASN 93  93  93  ASN ASN A . n 
A 1 94  PRO 94  94  94  PRO PRO A . n 
A 1 95  ALA 95  95  95  ALA ALA A . n 
A 1 96  ASP 96  96  96  ASP ASP A . n 
A 1 97  THR 97  97  97  THR THR A . n 
A 1 98  ASP 98  98  98  ASP ASP A . n 
A 1 99  ARG 99  99  99  ARG ARG A . n 
A 1 100 GLU 100 100 100 GLU GLU A . n 
A 1 101 ASN 101 101 101 ASN ASN A . n 
A 1 102 MET 102 102 102 MET MET A . n 
A 1 103 TRP 103 103 103 TRP TRP A . n 
A 1 104 ARG 104 104 104 ARG ARG A . n 
A 1 105 THR 105 105 105 THR THR A . n 
A 1 106 GLY 106 106 106 GLY GLY A . n 
A 1 107 ILE 107 107 107 ILE ILE A . n 
A 1 108 ASN 108 108 108 ASN ASN A . n 
A 1 109 VAL 109 109 109 VAL VAL A . n 
A 1 110 PHE 110 110 110 PHE PHE A . n 
A 1 111 PHE 111 111 111 PHE PHE A . n 
A 1 112 GLU 112 112 112 GLU GLU A . n 
A 1 113 THR 113 113 113 THR THR A . n 
A 1 114 PHE 114 114 114 PHE PHE A . n 
A 1 115 GLY 115 115 115 GLY GLY A . n 
A 1 116 SER 116 116 116 SER SER A . n 
A 1 117 HIS 117 117 117 HIS HIS A . n 
A 1 118 LYS 118 118 118 LYS LYS A . n 
A 1 119 ALA 119 119 119 ALA ALA A . n 
A 1 120 VAL 120 120 120 VAL VAL A . n 
A 1 121 THR 121 121 121 THR THR A . n 
A 1 122 ARG 122 122 122 ARG ARG A . n 
A 1 123 ALA 123 123 123 ALA ALA A . n 
A 1 124 GLY 124 124 124 GLY GLY A . n 
A 1 125 GLN 125 125 125 GLN GLN A . n 
A 1 126 ALA 126 126 126 ALA ALA A . n 
A 1 127 ALA 127 127 127 ALA ALA A . n 
A 1 128 ARG 128 128 128 ARG ARG A . n 
A 1 129 ALA 129 129 129 ALA ALA A . n 
A 1 130 THR 130 130 130 THR THR A . n 
A 1 131 SER 131 131 131 SER SER A . n 
A 1 132 VAL 132 132 132 VAL VAL A . n 
A 1 133 GLU 133 133 133 GLU GLU A . n 
A 1 134 VAL 134 134 134 VAL VAL A . n 
A 1 135 ALA 135 135 135 ALA ALA A . n 
A 1 136 GLU 136 136 136 GLU GLU A . n 
A 1 137 LEU 137 137 137 LEU LEU A . n 
A 1 138 TRP 138 138 138 TRP TRP A . n 
A 1 139 SER 139 139 139 SER SER A . n 
A 1 140 THR 140 140 140 THR THR A . n 
A 1 141 PHE 141 141 141 PHE PHE A . n 
A 1 142 MET 142 142 142 MET MET A . n 
A 1 143 GLN 143 143 143 GLN GLN A . n 
A 1 144 LYS 144 144 144 LYS LYS A . n 
A 1 145 TRP 145 145 145 TRP TRP A . n 
A 1 146 ILE 146 146 146 ILE ILE A . n 
A 1 147 ALA 147 147 147 ALA ALA A . n 
A 1 148 TYR 148 148 148 TYR TYR A . n 
A 1 149 THR 149 149 149 THR THR A . n 
A 1 150 ALA 150 150 150 ALA ALA A . n 
A 1 151 ALA 151 151 151 ALA ALA A . n 
A 1 152 VAL 152 152 152 VAL VAL A . n 
A 1 153 ILE 153 153 153 ILE ILE A . n 
A 1 154 ASP 154 154 154 ASP ASP A . n 
A 1 155 ALA 155 155 155 ALA ALA A . n 
A 1 156 GLU 156 156 156 GLU GLU A . n 
A 1 157 ARG 157 157 157 ARG ARG A . n 
A 1 158 ASP 158 158 158 ASP ASP A . n 
A 1 159 ARG 159 159 159 ARG ARG A . n 
A 1 160 GLY 160 160 160 GLY GLY A . n 
A 1 161 ALA 161 161 161 ALA ALA A . n 
A 1 162 ALA 162 162 162 ALA ALA A . n 
A 1 163 PRO 163 163 163 PRO PRO A . n 
A 1 164 ARG 164 164 164 ARG ARG A . n 
A 1 165 THR 165 165 165 THR THR A . n 
A 1 166 LEU 166 166 166 LEU LEU A . n 
A 1 167 PRO 167 167 167 PRO PRO A . n 
A 1 168 ALA 168 168 168 ALA ALA A . n 
A 1 169 HIS 169 169 169 HIS HIS A . n 
A 1 170 GLU 170 170 170 GLU GLU A . n 
A 1 171 LEU 171 171 171 LEU LEU A . n 
A 1 172 ALA 172 172 172 ALA ALA A . n 
A 1 173 THR 173 173 173 THR THR A . n 
A 1 174 ALA 174 174 174 ALA ALA A . n 
A 1 175 LEU 175 175 175 LEU LEU A . n 
A 1 176 ASN 176 176 176 ASN ASN A . n 
A 1 177 LEU 177 177 177 LEU LEU A . n 
A 1 178 MET 178 178 178 MET MET A . n 
A 1 179 ASN 179 179 179 ASN ASN A . n 
A 1 180 GLU 180 180 180 GLU GLU A . n 
A 1 181 ARG 181 181 181 ARG ARG A . n 
A 1 182 THR 182 182 182 THR THR A . n 
A 1 183 LEU 183 183 183 LEU LEU A . n 
A 1 184 PHE 184 184 184 PHE PHE A . n 
A 1 185 ALA 185 185 185 ALA ALA A . n 
A 1 186 SER 186 186 186 SER SER A . n 
A 1 187 PHE 187 187 187 PHE PHE A . n 
A 1 188 ALA 188 188 188 ALA ALA A . n 
A 1 189 GLY 189 189 189 GLY GLY A . n 
A 1 190 GLU 190 190 190 GLU GLU A . n 
A 1 191 GLN 191 191 191 GLN GLN A . n 
A 1 192 PRO 192 192 192 PRO PRO A . n 
A 1 193 SER 193 193 193 SER SER A . n 
A 1 194 VAL 194 194 194 VAL VAL A . n 
A 1 195 PRO 195 195 195 PRO PRO A . n 
A 1 196 GLU 196 196 196 GLU GLU A . n 
A 1 197 ALA 197 197 197 ALA ALA A . n 
A 1 198 ARG 198 198 198 ARG ARG A . n 
A 1 199 VAL 199 199 199 VAL VAL A . n 
A 1 200 LEU 200 200 200 LEU LEU A . n 
A 1 201 ASP 201 201 201 ASP ASP A . n 
A 1 202 THR 202 202 202 THR THR A . n 
A 1 203 LEU 203 203 203 LEU LEU A . n 
A 1 204 VAL 204 204 204 VAL VAL A . n 
A 1 205 HIS 205 205 205 HIS HIS A . n 
A 1 206 ILE 206 206 206 ILE ILE A . n 
A 1 207 TRP 207 207 207 TRP TRP A . n 
A 1 208 VAL 208 208 208 VAL VAL A . n 
A 1 209 THR 209 209 209 THR THR A . n 
A 1 210 SER 210 210 210 SER SER A . n 
A 1 211 ILE 211 211 211 ILE ILE A . n 
A 1 212 TYR 212 212 212 TYR TYR A . n 
A 1 213 GLY 213 213 213 GLY GLY A . n 
A 1 214 GLU 214 214 214 GLU GLU A . n 
A 1 215 ASN 215 215 ?   ?   ?   A . n 
A 1 216 ARG 216 216 ?   ?   ?   A . n 
# 
loop_
_pdbx_nonpoly_scheme.asym_id 
_pdbx_nonpoly_scheme.entity_id 
_pdbx_nonpoly_scheme.mon_id 
_pdbx_nonpoly_scheme.ndb_seq_num 
_pdbx_nonpoly_scheme.pdb_seq_num 
_pdbx_nonpoly_scheme.auth_seq_num 
_pdbx_nonpoly_scheme.pdb_mon_id 
_pdbx_nonpoly_scheme.auth_mon_id 
_pdbx_nonpoly_scheme.pdb_strand_id 
_pdbx_nonpoly_scheme.pdb_ins_code 
B 2 GFZ 1  301 1  GFZ DRG A . 
C 3 HOH 1  401 40 HOH HOH A . 
C 3 HOH 2  402 29 HOH HOH A . 
C 3 HOH 3  403 2  HOH HOH A . 
C 3 HOH 4  404 23 HOH HOH A . 
C 3 HOH 5  405 5  HOH HOH A . 
C 3 HOH 6  406 44 HOH HOH A . 
C 3 HOH 7  407 13 HOH HOH A . 
C 3 HOH 8  408 10 HOH HOH A . 
C 3 HOH 9  409 16 HOH HOH A . 
C 3 HOH 10 410 6  HOH HOH A . 
C 3 HOH 11 411 37 HOH HOH A . 
C 3 HOH 12 412 32 HOH HOH A . 
C 3 HOH 13 413 30 HOH HOH A . 
C 3 HOH 14 414 9  HOH HOH A . 
C 3 HOH 15 415 15 HOH HOH A . 
C 3 HOH 16 416 24 HOH HOH A . 
C 3 HOH 17 417 12 HOH HOH A . 
C 3 HOH 18 418 17 HOH HOH A . 
C 3 HOH 19 419 41 HOH HOH A . 
C 3 HOH 20 420 3  HOH HOH A . 
C 3 HOH 21 421 1  HOH HOH A . 
C 3 HOH 22 422 14 HOH HOH A . 
C 3 HOH 23 423 38 HOH HOH A . 
C 3 HOH 24 424 28 HOH HOH A . 
C 3 HOH 25 425 8  HOH HOH A . 
C 3 HOH 26 426 33 HOH HOH A . 
C 3 HOH 27 427 42 HOH HOH A . 
C 3 HOH 28 428 34 HOH HOH A . 
C 3 HOH 29 429 21 HOH HOH A . 
C 3 HOH 30 430 31 HOH HOH A . 
C 3 HOH 31 431 18 HOH HOH A . 
C 3 HOH 32 432 45 HOH HOH A . 
C 3 HOH 33 433 11 HOH HOH A . 
C 3 HOH 34 434 27 HOH HOH A . 
C 3 HOH 35 435 4  HOH HOH A . 
C 3 HOH 36 436 20 HOH HOH A . 
C 3 HOH 37 437 36 HOH HOH A . 
C 3 HOH 38 438 7  HOH HOH A . 
C 3 HOH 39 439 39 HOH HOH A . 
C 3 HOH 40 440 25 HOH HOH A . 
C 3 HOH 41 441 35 HOH HOH A . 
C 3 HOH 42 442 19 HOH HOH A . 
C 3 HOH 43 443 26 HOH HOH A . 
C 3 HOH 44 444 43 HOH HOH A . 
C 3 HOH 45 445 22 HOH HOH A . 
# 
loop_
_software.citation_id 
_software.classification 
_software.compiler_name 
_software.compiler_version 
_software.contact_author 
_software.contact_author_email 
_software.date 
_software.description 
_software.dependencies 
_software.hardware 
_software.language 
_software.location 
_software.mods 
_software.name 
_software.os 
_software.os_version 
_software.type 
_software.version 
_software.pdbx_ordinal 
? refinement       ? ? ? ? ? ? ? ? ? ? ? REFMAC  ? ? ? 5.8.0232 1 
? 'data reduction' ? ? ? ? ? ? ? ? ? ? ? iMOSFLM ? ? ? .        2 
? phasing          ? ? ? ? ? ? ? ? ? ? ? MOLREP  ? ? ? .        3 
# 
_cell.angle_alpha                  90.00 
_cell.angle_alpha_esd              ? 
_cell.angle_beta                   90.00 
_cell.angle_beta_esd               ? 
_cell.angle_gamma                  90.00 
_cell.angle_gamma_esd              ? 
_cell.entry_id                     6HNX 
_cell.details                      ? 
_cell.formula_units_Z              ? 
_cell.length_a                     121.511 
_cell.length_a_esd                 ? 
_cell.length_b                     121.511 
_cell.length_b_esd                 ? 
_cell.length_c                     33.854 
_cell.length_c_esd                 ? 
_cell.volume                       ? 
_cell.volume_esd                   ? 
_cell.Z_PDB                        8 
_cell.reciprocal_angle_alpha       ? 
_cell.reciprocal_angle_beta        ? 
_cell.reciprocal_angle_gamma       ? 
_cell.reciprocal_angle_alpha_esd   ? 
_cell.reciprocal_angle_beta_esd    ? 
_cell.reciprocal_angle_gamma_esd   ? 
_cell.reciprocal_length_a          ? 
_cell.reciprocal_length_b          ? 
_cell.reciprocal_length_c          ? 
_cell.reciprocal_length_a_esd      ? 
_cell.reciprocal_length_b_esd      ? 
_cell.reciprocal_length_c_esd      ? 
_cell.pdbx_unique_axis             ? 
# 
_symmetry.entry_id                         6HNX 
_symmetry.cell_setting                     ? 
_symmetry.Int_Tables_number                92 
_symmetry.space_group_name_Hall            ? 
_symmetry.space_group_name_H-M             'P 41 21 2' 
_symmetry.pdbx_full_space_group_name_H-M   ? 
# 
_exptl.absorpt_coefficient_mu     ? 
_exptl.absorpt_correction_T_max   ? 
_exptl.absorpt_correction_T_min   ? 
_exptl.absorpt_correction_type    ? 
_exptl.absorpt_process_details    ? 
_exptl.entry_id                   6HNX 
_exptl.crystals_number            1 
_exptl.details                    ? 
_exptl.method                     'X-RAY DIFFRACTION' 
_exptl.method_details             ? 
# 
_exptl_crystal.colour                      ? 
_exptl_crystal.density_diffrn              ? 
_exptl_crystal.density_Matthews            2.41 
_exptl_crystal.density_method              ? 
_exptl_crystal.density_percent_sol         53.18 
_exptl_crystal.description                 ? 
_exptl_crystal.F_000                       ? 
_exptl_crystal.id                          1 
_exptl_crystal.preparation                 ? 
_exptl_crystal.size_max                    ? 
_exptl_crystal.size_mid                    ? 
_exptl_crystal.size_min                    ? 
_exptl_crystal.size_rad                    ? 
_exptl_crystal.colour_lustre               ? 
_exptl_crystal.colour_modifier             ? 
_exptl_crystal.colour_primary              ? 
_exptl_crystal.density_meas                ? 
_exptl_crystal.density_meas_esd            ? 
_exptl_crystal.density_meas_gt             ? 
_exptl_crystal.density_meas_lt             ? 
_exptl_crystal.density_meas_temp           ? 
_exptl_crystal.density_meas_temp_esd       ? 
_exptl_crystal.density_meas_temp_gt        ? 
_exptl_crystal.density_meas_temp_lt        ? 
_exptl_crystal.pdbx_crystal_image_url      ? 
_exptl_crystal.pdbx_crystal_image_format   ? 
_exptl_crystal.pdbx_mosaicity              ? 
_exptl_crystal.pdbx_mosaicity_esd          ? 
# 
_exptl_crystal_grow.apparatus       ? 
_exptl_crystal_grow.atmosphere      ? 
_exptl_crystal_grow.crystal_id      1 
_exptl_crystal_grow.details         ? 
_exptl_crystal_grow.method          'VAPOR DIFFUSION' 
_exptl_crystal_grow.method_ref      ? 
_exptl_crystal_grow.pH              6.7 
_exptl_crystal_grow.pressure        ? 
_exptl_crystal_grow.pressure_esd    ? 
_exptl_crystal_grow.seeding         ? 
_exptl_crystal_grow.seeding_ref     ? 
_exptl_crystal_grow.temp            293 
_exptl_crystal_grow.temp_details    ? 
_exptl_crystal_grow.temp_esd        ? 
_exptl_crystal_grow.time            ? 
_exptl_crystal_grow.pdbx_details    '1.4-1.6 ammonium sulfate, 15% glycerol, 100 mM MES' 
_exptl_crystal_grow.pdbx_pH_range   ? 
# 
_diffrn.ambient_environment              ? 
_diffrn.ambient_temp                     100 
_diffrn.ambient_temp_details             ? 
_diffrn.ambient_temp_esd                 ? 
_diffrn.crystal_id                       1 
_diffrn.crystal_support                  ? 
_diffrn.crystal_treatment                ? 
_diffrn.details                          ? 
_diffrn.id                               1 
_diffrn.ambient_pressure                 ? 
_diffrn.ambient_pressure_esd             ? 
_diffrn.ambient_pressure_gt              ? 
_diffrn.ambient_pressure_lt              ? 
_diffrn.ambient_temp_gt                  ? 
_diffrn.ambient_temp_lt                  ? 
_diffrn.pdbx_serial_crystal_experiment   ? 
# 
_diffrn_detector.details                      ? 
_diffrn_detector.detector                     PIXEL 
_diffrn_detector.diffrn_id                    1 
_diffrn_detector.type                         'DECTRIS PILATUS 6M' 
_diffrn_detector.area_resol_mean              ? 
_diffrn_detector.dtime                        ? 
_diffrn_detector.pdbx_frames_total            ? 
_diffrn_detector.pdbx_collection_time_total   ? 
_diffrn_detector.pdbx_collection_date         2010-12-06 
_diffrn_detector.pdbx_frequency               ? 
# 
_diffrn_radiation.collimation                      ? 
_diffrn_radiation.diffrn_id                        1 
_diffrn_radiation.filter_edge                      ? 
_diffrn_radiation.inhomogeneity                    ? 
_diffrn_radiation.monochromator                    ? 
_diffrn_radiation.polarisn_norm                    ? 
_diffrn_radiation.polarisn_ratio                   ? 
_diffrn_radiation.probe                            ? 
_diffrn_radiation.type                             ? 
_diffrn_radiation.xray_symbol                      ? 
_diffrn_radiation.wavelength_id                    1 
_diffrn_radiation.pdbx_monochromatic_or_laue_m_l   M 
_diffrn_radiation.pdbx_wavelength_list             ? 
_diffrn_radiation.pdbx_wavelength                  ? 
_diffrn_radiation.pdbx_diffrn_protocol             'SINGLE WAVELENGTH' 
_diffrn_radiation.pdbx_analyzer                    ? 
_diffrn_radiation.pdbx_scattering_type             x-ray 
# 
_diffrn_radiation_wavelength.id           1 
_diffrn_radiation_wavelength.wavelength   1.00 
_diffrn_radiation_wavelength.wt           1.0 
# 
_diffrn_source.current                     ? 
_diffrn_source.details                     ? 
_diffrn_source.diffrn_id                   1 
_diffrn_source.power                       ? 
_diffrn_source.size                        ? 
_diffrn_source.source                      SYNCHROTRON 
_diffrn_source.target                      ? 
_diffrn_source.type                        'SLS BEAMLINE X06SA' 
_diffrn_source.voltage                     ? 
_diffrn_source.take-off_angle              ? 
_diffrn_source.pdbx_wavelength_list        1.00 
_diffrn_source.pdbx_wavelength             ? 
_diffrn_source.pdbx_synchrotron_beamline   X06SA 
_diffrn_source.pdbx_synchrotron_site       SLS 
# 
_reflns.B_iso_Wilson_estimate            ? 
_reflns.entry_id                         6HNX 
_reflns.data_reduction_details           ? 
_reflns.data_reduction_method            ? 
_reflns.d_resolution_high                1.70 
_reflns.d_resolution_low                 85.92 
_reflns.details                          ? 
_reflns.limit_h_max                      ? 
_reflns.limit_h_min                      ? 
_reflns.limit_k_max                      ? 
_reflns.limit_k_min                      ? 
_reflns.limit_l_max                      ? 
_reflns.limit_l_min                      ? 
_reflns.number_all                       ? 
_reflns.number_obs                       28588 
_reflns.observed_criterion               ? 
_reflns.observed_criterion_F_max         ? 
_reflns.observed_criterion_F_min         ? 
_reflns.observed_criterion_I_max         ? 
_reflns.observed_criterion_I_min         ? 
_reflns.observed_criterion_sigma_F       ? 
_reflns.observed_criterion_sigma_I       ? 
_reflns.percent_possible_obs             99.7 
_reflns.R_free_details                   ? 
_reflns.Rmerge_F_all                     ? 
_reflns.Rmerge_F_obs                     ? 
_reflns.Friedel_coverage                 ? 
_reflns.number_gt                        ? 
_reflns.threshold_expression             ? 
_reflns.pdbx_redundancy                  12.9 
_reflns.pdbx_Rmerge_I_obs                0.108 
_reflns.pdbx_Rmerge_I_all                ? 
_reflns.pdbx_Rsym_value                  ? 
_reflns.pdbx_netI_over_av_sigmaI         ? 
_reflns.pdbx_netI_over_sigmaI            17.4 
_reflns.pdbx_res_netI_over_av_sigmaI_2   ? 
_reflns.pdbx_res_netI_over_sigmaI_2      ? 
_reflns.pdbx_chi_squared                 ? 
_reflns.pdbx_scaling_rejects             ? 
_reflns.pdbx_d_res_high_opt              ? 
_reflns.pdbx_d_res_low_opt               ? 
_reflns.pdbx_d_res_opt_method            ? 
_reflns.phase_calculation_details        ? 
_reflns.pdbx_Rrim_I_all                  ? 
_reflns.pdbx_Rpim_I_all                  ? 
_reflns.pdbx_d_opt                       ? 
_reflns.pdbx_number_measured_all         ? 
_reflns.pdbx_diffrn_id                   1 
_reflns.pdbx_ordinal                     1 
_reflns.pdbx_CC_half                     ? 
_reflns.pdbx_R_split                     ? 
# 
_reflns_shell.d_res_high                  1.7 
_reflns_shell.d_res_low                   1.79 
_reflns_shell.meanI_over_sigI_all         ? 
_reflns_shell.meanI_over_sigI_obs         1.9 
_reflns_shell.number_measured_all         ? 
_reflns_shell.number_measured_obs         ? 
_reflns_shell.number_possible             ? 
_reflns_shell.number_unique_all           ? 
_reflns_shell.number_unique_obs           4009 
_reflns_shell.percent_possible_all        98.1 
_reflns_shell.percent_possible_obs        ? 
_reflns_shell.Rmerge_F_all                ? 
_reflns_shell.Rmerge_F_obs                ? 
_reflns_shell.Rmerge_I_all                ? 
_reflns_shell.Rmerge_I_obs                ? 
_reflns_shell.meanI_over_sigI_gt          ? 
_reflns_shell.meanI_over_uI_all           ? 
_reflns_shell.meanI_over_uI_gt            ? 
_reflns_shell.number_measured_gt          ? 
_reflns_shell.number_unique_gt            ? 
_reflns_shell.percent_possible_gt         ? 
_reflns_shell.Rmerge_F_gt                 ? 
_reflns_shell.Rmerge_I_gt                 ? 
_reflns_shell.pdbx_redundancy             13.1 
_reflns_shell.pdbx_Rsym_value             ? 
_reflns_shell.pdbx_chi_squared            ? 
_reflns_shell.pdbx_netI_over_sigmaI_all   ? 
_reflns_shell.pdbx_netI_over_sigmaI_obs   ? 
_reflns_shell.pdbx_Rrim_I_all             ? 
_reflns_shell.pdbx_Rpim_I_all             ? 
_reflns_shell.pdbx_rejects                ? 
_reflns_shell.pdbx_ordinal                1 
_reflns_shell.pdbx_diffrn_id              1 
_reflns_shell.pdbx_CC_half                ? 
_reflns_shell.pdbx_R_split                ? 
# 
_refine.aniso_B[1][1]                            -0.00 
_refine.aniso_B[1][2]                            0.00 
_refine.aniso_B[1][3]                            0.00 
_refine.aniso_B[2][2]                            -0.00 
_refine.aniso_B[2][3]                            0.00 
_refine.aniso_B[3][3]                            0.00 
_refine.B_iso_max                                ? 
_refine.B_iso_mean                               24.596 
_refine.B_iso_min                                ? 
_refine.correlation_coeff_Fo_to_Fc               0.959 
_refine.correlation_coeff_Fo_to_Fc_free          0.950 
_refine.details                                  'HYDROGENS HAVE BEEN ADDED IN THE RIDING POSITIONS' 
_refine.diff_density_max                         ? 
_refine.diff_density_max_esd                     ? 
_refine.diff_density_min                         ? 
_refine.diff_density_min_esd                     ? 
_refine.diff_density_rms                         ? 
_refine.diff_density_rms_esd                     ? 
_refine.entry_id                                 6HNX 
_refine.pdbx_refine_id                           'X-RAY DIFFRACTION' 
_refine.ls_abs_structure_details                 ? 
_refine.ls_abs_structure_Flack                   ? 
_refine.ls_abs_structure_Flack_esd               ? 
_refine.ls_abs_structure_Rogers                  ? 
_refine.ls_abs_structure_Rogers_esd              ? 
_refine.ls_d_res_high                            1.70 
_refine.ls_d_res_low                             85.92 
_refine.ls_extinction_coef                       ? 
_refine.ls_extinction_coef_esd                   ? 
_refine.ls_extinction_expression                 ? 
_refine.ls_extinction_method                     ? 
_refine.ls_goodness_of_fit_all                   ? 
_refine.ls_goodness_of_fit_all_esd               ? 
_refine.ls_goodness_of_fit_obs                   ? 
_refine.ls_goodness_of_fit_obs_esd               ? 
_refine.ls_hydrogen_treatment                    ? 
_refine.ls_matrix_type                           ? 
_refine.ls_number_constraints                    ? 
_refine.ls_number_parameters                     ? 
_refine.ls_number_reflns_all                     ? 
_refine.ls_number_reflns_obs                     27114 
_refine.ls_number_reflns_R_free                  1426 
_refine.ls_number_reflns_R_work                  ? 
_refine.ls_number_restraints                     ? 
_refine.ls_percent_reflns_obs                    99.72 
_refine.ls_percent_reflns_R_free                 5.0 
_refine.ls_R_factor_all                          ? 
_refine.ls_R_factor_obs                          0.19163 
_refine.ls_R_factor_R_free                       0.21869 
_refine.ls_R_factor_R_free_error                 ? 
_refine.ls_R_factor_R_free_error_details         ? 
_refine.ls_R_factor_R_work                       0.19020 
_refine.ls_R_Fsqd_factor_obs                     ? 
_refine.ls_R_I_factor_obs                        ? 
_refine.ls_redundancy_reflns_all                 ? 
_refine.ls_redundancy_reflns_obs                 ? 
_refine.ls_restrained_S_all                      ? 
_refine.ls_restrained_S_obs                      ? 
_refine.ls_shift_over_esd_max                    ? 
_refine.ls_shift_over_esd_mean                   ? 
_refine.ls_structure_factor_coef                 ? 
_refine.ls_weighting_details                     ? 
_refine.ls_weighting_scheme                      ? 
_refine.ls_wR_factor_all                         ? 
_refine.ls_wR_factor_obs                         ? 
_refine.ls_wR_factor_R_free                      ? 
_refine.ls_wR_factor_R_work                      ? 
_refine.occupancy_max                            ? 
_refine.occupancy_min                            ? 
_refine.solvent_model_details                    ? 
_refine.solvent_model_param_bsol                 ? 
_refine.solvent_model_param_ksol                 ? 
_refine.ls_R_factor_gt                           ? 
_refine.ls_goodness_of_fit_gt                    ? 
_refine.ls_goodness_of_fit_ref                   ? 
_refine.ls_shift_over_su_max                     ? 
_refine.ls_shift_over_su_max_lt                  ? 
_refine.ls_shift_over_su_mean                    ? 
_refine.ls_shift_over_su_mean_lt                 ? 
_refine.pdbx_ls_sigma_I                          ? 
_refine.pdbx_ls_sigma_F                          ? 
_refine.pdbx_ls_sigma_Fsqd                       ? 
_refine.pdbx_data_cutoff_high_absF               ? 
_refine.pdbx_data_cutoff_high_rms_absF           ? 
_refine.pdbx_data_cutoff_low_absF                ? 
_refine.pdbx_isotropic_thermal_model             ? 
_refine.pdbx_ls_cross_valid_method               THROUGHOUT 
_refine.pdbx_method_to_determine_struct          'MOLECULAR REPLACEMENT' 
_refine.pdbx_starting_model                      1U9N 
_refine.pdbx_stereochemistry_target_values       ? 
_refine.pdbx_R_Free_selection_details            RANDOM 
_refine.pdbx_stereochem_target_val_spec_case     ? 
_refine.pdbx_overall_ESU_R                       0.090 
_refine.pdbx_overall_ESU_R_Free                  0.091 
_refine.pdbx_solvent_vdw_probe_radii             1.20 
_refine.pdbx_solvent_ion_probe_radii             0.80 
_refine.pdbx_solvent_shrinkage_radii             0.80 
_refine.pdbx_real_space_R                        ? 
_refine.pdbx_density_correlation                 ? 
_refine.pdbx_pd_number_of_powder_patterns        ? 
_refine.pdbx_pd_number_of_points                 ? 
_refine.pdbx_pd_meas_number_of_points            ? 
_refine.pdbx_pd_proc_ls_prof_R_factor            ? 
_refine.pdbx_pd_proc_ls_prof_wR_factor           ? 
_refine.pdbx_pd_Marquardt_correlation_coeff      ? 
_refine.pdbx_pd_Fsqrd_R_factor                   ? 
_refine.pdbx_pd_ls_matrix_band_width             ? 
_refine.pdbx_overall_phase_error                 ? 
_refine.pdbx_overall_SU_R_free_Cruickshank_DPI   ? 
_refine.pdbx_overall_SU_R_free_Blow_DPI          ? 
_refine.pdbx_overall_SU_R_Blow_DPI               ? 
_refine.pdbx_TLS_residual_ADP_flag               ? 
_refine.pdbx_diffrn_id                           1 
_refine.overall_SU_B                             2.105 
_refine.overall_SU_ML                            0.067 
_refine.overall_SU_R_Cruickshank_DPI             ? 
_refine.overall_SU_R_free                        ? 
_refine.overall_FOM_free_R_set                   ? 
_refine.overall_FOM_work_R_set                   ? 
_refine.pdbx_average_fsc_overall                 ? 
_refine.pdbx_average_fsc_work                    ? 
_refine.pdbx_average_fsc_free                    ? 
# 
_refine_hist.pdbx_refine_id                   'X-RAY DIFFRACTION' 
_refine_hist.cycle_id                         1 
_refine_hist.pdbx_number_atoms_protein        1490 
_refine_hist.pdbx_number_atoms_nucleic_acid   0 
_refine_hist.pdbx_number_atoms_ligand         34 
_refine_hist.number_atoms_solvent             45 
_refine_hist.number_atoms_total               1569 
_refine_hist.d_res_high                       1.70 
_refine_hist.d_res_low                        85.92 
# 
loop_
_refine_ls_restr.pdbx_refine_id 
_refine_ls_restr.criterion 
_refine_ls_restr.dev_ideal 
_refine_ls_restr.dev_ideal_target 
_refine_ls_restr.number 
_refine_ls_restr.rejects 
_refine_ls_restr.type 
_refine_ls_restr.weight 
_refine_ls_restr.pdbx_restraint_function 
'X-RAY DIFFRACTION' ? 0.012  0.013  1559 ? r_bond_refined_d             ? ? 
'X-RAY DIFFRACTION' ? 0.001  0.017  1438 ? r_bond_other_d               ? ? 
'X-RAY DIFFRACTION' ? 1.749  1.677  2129 ? r_angle_refined_deg          ? ? 
'X-RAY DIFFRACTION' ? 1.566  1.597  3307 ? r_angle_other_deg            ? ? 
'X-RAY DIFFRACTION' ? 4.901  5.000  190  ? r_dihedral_angle_1_deg       ? ? 
'X-RAY DIFFRACTION' ? 35.318 21.529 85   ? r_dihedral_angle_2_deg       ? ? 
'X-RAY DIFFRACTION' ? 12.819 15.000 240  ? r_dihedral_angle_3_deg       ? ? 
'X-RAY DIFFRACTION' ? 17.961 15.000 13   ? r_dihedral_angle_4_deg       ? ? 
'X-RAY DIFFRACTION' ? 0.088  0.200  208  ? r_chiral_restr               ? ? 
'X-RAY DIFFRACTION' ? 0.010  0.020  1760 ? r_gen_planes_refined         ? ? 
'X-RAY DIFFRACTION' ? 0.001  0.020  351  ? r_gen_planes_other           ? ? 
'X-RAY DIFFRACTION' ? ?      ?      ?    ? r_nbd_refined                ? ? 
'X-RAY DIFFRACTION' ? ?      ?      ?    ? r_nbd_other                  ? ? 
'X-RAY DIFFRACTION' ? ?      ?      ?    ? r_nbtor_refined              ? ? 
'X-RAY DIFFRACTION' ? ?      ?      ?    ? r_nbtor_other                ? ? 
'X-RAY DIFFRACTION' ? ?      ?      ?    ? r_xyhbond_nbd_refined        ? ? 
'X-RAY DIFFRACTION' ? ?      ?      ?    ? r_xyhbond_nbd_other          ? ? 
'X-RAY DIFFRACTION' ? ?      ?      ?    ? r_metal_ion_refined          ? ? 
'X-RAY DIFFRACTION' ? ?      ?      ?    ? r_metal_ion_other            ? ? 
'X-RAY DIFFRACTION' ? ?      ?      ?    ? r_symmetry_vdw_refined       ? ? 
'X-RAY DIFFRACTION' ? ?      ?      ?    ? r_symmetry_vdw_other         ? ? 
'X-RAY DIFFRACTION' ? ?      ?      ?    ? r_symmetry_hbond_refined     ? ? 
'X-RAY DIFFRACTION' ? ?      ?      ?    ? r_symmetry_hbond_other       ? ? 
'X-RAY DIFFRACTION' ? ?      ?      ?    ? r_symmetry_metal_ion_refined ? ? 
'X-RAY DIFFRACTION' ? ?      ?      ?    ? r_symmetry_metal_ion_other   ? ? 
'X-RAY DIFFRACTION' ? 2.218  2.367  763  ? r_mcbond_it                  ? ? 
'X-RAY DIFFRACTION' ? 2.218  2.364  762  ? r_mcbond_other               ? ? 
'X-RAY DIFFRACTION' ? 3.068  3.540  952  ? r_mcangle_it                 ? ? 
'X-RAY DIFFRACTION' ? 3.066  3.542  953  ? r_mcangle_other              ? ? 
'X-RAY DIFFRACTION' ? 3.599  2.813  796  ? r_scbond_it                  ? ? 
'X-RAY DIFFRACTION' ? 3.597  2.811  797  ? r_scbond_other               ? ? 
'X-RAY DIFFRACTION' ? ?      ?      ?    ? r_scangle_it                 ? ? 
'X-RAY DIFFRACTION' ? 5.580  4.036  1178 ? r_scangle_other              ? ? 
'X-RAY DIFFRACTION' ? 6.347  27.807 1788 ? r_long_range_B_refined       ? ? 
'X-RAY DIFFRACTION' ? 6.342  27.762 1784 ? r_long_range_B_other         ? ? 
'X-RAY DIFFRACTION' ? ?      ?      ?    ? r_rigid_bond_restr           ? ? 
'X-RAY DIFFRACTION' ? ?      ?      ?    ? r_sphericity_free            ? ? 
'X-RAY DIFFRACTION' ? ?      ?      ?    ? r_sphericity_bonded          ? ? 
# 
_refine_ls_shell.pdbx_refine_id                   'X-RAY DIFFRACTION' 
_refine_ls_shell.d_res_high                       1.699 
_refine_ls_shell.d_res_low                        1.743 
_refine_ls_shell.number_reflns_all                ? 
_refine_ls_shell.number_reflns_obs                ? 
_refine_ls_shell.number_reflns_R_free             99 
_refine_ls_shell.number_reflns_R_work             1873 
_refine_ls_shell.percent_reflns_obs               96.34 
_refine_ls_shell.percent_reflns_R_free            ? 
_refine_ls_shell.R_factor_all                     ? 
_refine_ls_shell.R_factor_obs                     ? 
_refine_ls_shell.R_factor_R_free                  0.324 
_refine_ls_shell.R_factor_R_free_error            ? 
_refine_ls_shell.R_factor_R_work                  0.288 
_refine_ls_shell.redundancy_reflns_all            ? 
_refine_ls_shell.redundancy_reflns_obs            ? 
_refine_ls_shell.wR_factor_all                    ? 
_refine_ls_shell.wR_factor_obs                    ? 
_refine_ls_shell.wR_factor_R_free                 ? 
_refine_ls_shell.wR_factor_R_work                 ? 
_refine_ls_shell.pdbx_total_number_of_bins_used   20 
_refine_ls_shell.pdbx_phase_error                 ? 
_refine_ls_shell.pdbx_fsc_work                    ? 
_refine_ls_shell.pdbx_fsc_free                    ? 
# 
_struct.entry_id                     6HNX 
_struct.title                        'TRANSCRIPTIONAL REPRESSOR ETHR FROM MYCOBACTERIUM TUBERCULOSIS IN COMPLEX WITH BDM35133' 
_struct.pdbx_model_details           ? 
_struct.pdbx_formula_weight          ? 
_struct.pdbx_formula_weight_method   ? 
_struct.pdbx_model_type_details      ? 
_struct.pdbx_CASP_flag               N 
# 
_struct_keywords.entry_id        6HNX 
_struct_keywords.text            
'HELIX-TURN-HELIX, DNA BINDING PROTEIN, TETR-FAMILY, COMPLEX, INHIBITOR, DRUG DESIGN, TUBERCULOSIS, ETHIONAMIDE' 
_struct_keywords.pdbx_keywords   'DNA BINDING PROTEIN' 
# 
loop_
_struct_asym.id 
_struct_asym.pdbx_blank_PDB_chainid_flag 
_struct_asym.pdbx_modified 
_struct_asym.entity_id 
_struct_asym.details 
A N N 1 ? 
B N N 2 ? 
C N N 3 ? 
# 
_struct_ref.id                         1 
_struct_ref.db_name                    UNP 
_struct_ref.db_code                    ETHR_MYCTO 
_struct_ref.pdbx_db_accession          P9WMC0 
_struct_ref.pdbx_db_isoform            ? 
_struct_ref.entity_id                  1 
_struct_ref.pdbx_seq_one_letter_code   
;MTTSAASQASLPRGRRTARPSGDDRELAILATAENLLEDRPLADISVDDLAKGAGISRPTFYFYFPSKEAVLLTLLDRVV
NQADMALQTLAENPADTDRENMWRTGINVFFETFGSHKAVTRAGQAARATSVEVAELWSTFMQKWIAYTAAVIDAERDRG
AAPRTLPAHELATALNLMNERTLFASFAGEQPSVPEARVLDTLVHIWVTSIYGENR
;
_struct_ref.pdbx_align_begin           1 
# 
_struct_ref_seq.align_id                      1 
_struct_ref_seq.ref_id                        1 
_struct_ref_seq.pdbx_PDB_id_code              6HNX 
_struct_ref_seq.pdbx_strand_id                A 
_struct_ref_seq.seq_align_beg                 1 
_struct_ref_seq.pdbx_seq_align_beg_ins_code   ? 
_struct_ref_seq.seq_align_end                 216 
_struct_ref_seq.pdbx_seq_align_end_ins_code   ? 
_struct_ref_seq.pdbx_db_accession             P9WMC0 
_struct_ref_seq.db_align_beg                  1 
_struct_ref_seq.pdbx_db_align_beg_ins_code    ? 
_struct_ref_seq.db_align_end                  216 
_struct_ref_seq.pdbx_db_align_end_ins_code    ? 
_struct_ref_seq.pdbx_auth_seq_align_beg       1 
_struct_ref_seq.pdbx_auth_seq_align_end       216 
# 
_pdbx_struct_assembly.id                   1 
_pdbx_struct_assembly.details              author_and_software_defined_assembly 
_pdbx_struct_assembly.method_details       PISA 
_pdbx_struct_assembly.oligomeric_details   dimeric 
_pdbx_struct_assembly.oligomeric_count     2 
# 
loop_
_pdbx_struct_assembly_prop.biol_id 
_pdbx_struct_assembly_prop.type 
_pdbx_struct_assembly_prop.value 
_pdbx_struct_assembly_prop.details 
1 'ABSA (A^2)' 2740  ? 
1 MORE         -21   ? 
1 'SSA (A^2)'  16910 ? 
# 
_pdbx_struct_assembly_gen.assembly_id       1 
_pdbx_struct_assembly_gen.oper_expression   1,2 
_pdbx_struct_assembly_gen.asym_id_list      A,B,C 
# 
_pdbx_struct_assembly_auth_evidence.id                     1 
_pdbx_struct_assembly_auth_evidence.assembly_id            1 
_pdbx_struct_assembly_auth_evidence.experimental_support   none 
_pdbx_struct_assembly_auth_evidence.details                ? 
# 
loop_
_pdbx_struct_oper_list.id 
_pdbx_struct_oper_list.type 
_pdbx_struct_oper_list.name 
_pdbx_struct_oper_list.symmetry_operation 
_pdbx_struct_oper_list.matrix[1][1] 
_pdbx_struct_oper_list.matrix[1][2] 
_pdbx_struct_oper_list.matrix[1][3] 
_pdbx_struct_oper_list.vector[1] 
_pdbx_struct_oper_list.matrix[2][1] 
_pdbx_struct_oper_list.matrix[2][2] 
_pdbx_struct_oper_list.matrix[2][3] 
_pdbx_struct_oper_list.vector[2] 
_pdbx_struct_oper_list.matrix[3][1] 
_pdbx_struct_oper_list.matrix[3][2] 
_pdbx_struct_oper_list.matrix[3][3] 
_pdbx_struct_oper_list.vector[3] 
1 'identity operation'         1_555 x,y,z  1.0000000000  0.0000000000  0.0000000000 0.0000000000   0.0000000000  1.0000000000 0.0000000000  0.0000000000 0.0000000000 0.0000000000  1.0000000000  0.0000000000  
2 'crystal symmetry operation' 7_555 y,x,-z -0.8779678368 -0.4397824922 0.1891132918 -11.9126125077 -0.4397824922 0.5848988933 -0.6815311028 5.7708261491 0.1891132918 -0.6815311028 -0.7069310566 21.1070842341 
# 
loop_
_struct_conf.conf_type_id 
_struct_conf.id 
_struct_conf.pdbx_PDB_helix_id 
_struct_conf.beg_label_comp_id 
_struct_conf.beg_label_asym_id 
_struct_conf.beg_label_seq_id 
_struct_conf.pdbx_beg_PDB_ins_code 
_struct_conf.end_label_comp_id 
_struct_conf.end_label_asym_id 
_struct_conf.end_label_seq_id 
_struct_conf.pdbx_end_PDB_ins_code 
_struct_conf.beg_auth_comp_id 
_struct_conf.beg_auth_asym_id 
_struct_conf.beg_auth_seq_id 
_struct_conf.end_auth_comp_id 
_struct_conf.end_auth_asym_id 
_struct_conf.end_auth_seq_id 
_struct_conf.pdbx_PDB_helix_class 
_struct_conf.details 
_struct_conf.pdbx_PDB_helix_length 
HELX_P HELX_P1  AA1 ASP A 24  ? ARG A 40  ? ASP A 24  ARG A 40  1 ? 17 
HELX_P HELX_P2  AA2 PRO A 41  ? ILE A 45  ? PRO A 41  ILE A 45  5 ? 5  
HELX_P HELX_P3  AA3 SER A 46  ? GLY A 55  ? SER A 46  GLY A 55  1 ? 10 
HELX_P HELX_P4  AA4 SER A 57  ? PHE A 65  ? SER A 57  PHE A 65  1 ? 9  
HELX_P HELX_P5  AA5 SER A 67  ? GLU A 92  ? SER A 67  GLU A 92  1 ? 26 
HELX_P HELX_P6  AA6 ASP A 98  ? SER A 116 ? ASP A 98  SER A 116 1 ? 19 
HELX_P HELX_P7  AA7 HIS A 117 ? ARG A 128 ? HIS A 117 ARG A 128 1 ? 12 
HELX_P HELX_P8  AA8 SER A 131 ? ARG A 159 ? SER A 131 ARG A 159 1 ? 29 
HELX_P HELX_P9  AA9 PRO A 167 ? ALA A 188 ? PRO A 167 ALA A 188 1 ? 22 
HELX_P HELX_P10 AB1 PRO A 195 ? GLY A 213 ? PRO A 195 GLY A 213 1 ? 19 
# 
_struct_conf_type.id          HELX_P 
_struct_conf_type.criteria    ? 
_struct_conf_type.reference   ? 
# 
_struct_mon_prot_cis.pdbx_id                1 
_struct_mon_prot_cis.label_comp_id          GLN 
_struct_mon_prot_cis.label_seq_id           191 
_struct_mon_prot_cis.label_asym_id          A 
_struct_mon_prot_cis.label_alt_id           . 
_struct_mon_prot_cis.pdbx_PDB_ins_code      ? 
_struct_mon_prot_cis.auth_comp_id           GLN 
_struct_mon_prot_cis.auth_seq_id            191 
_struct_mon_prot_cis.auth_asym_id           A 
_struct_mon_prot_cis.pdbx_label_comp_id_2   PRO 
_struct_mon_prot_cis.pdbx_label_seq_id_2    192 
_struct_mon_prot_cis.pdbx_label_asym_id_2   A 
_struct_mon_prot_cis.pdbx_PDB_ins_code_2    ? 
_struct_mon_prot_cis.pdbx_auth_comp_id_2    PRO 
_struct_mon_prot_cis.pdbx_auth_seq_id_2     192 
_struct_mon_prot_cis.pdbx_auth_asym_id_2    A 
_struct_mon_prot_cis.pdbx_PDB_model_num     1 
_struct_mon_prot_cis.pdbx_omega_angle       3.50 
# 
_struct_site.id                   AC1 
_struct_site.pdbx_evidence_code   Software 
_struct_site.pdbx_auth_asym_id    A 
_struct_site.pdbx_auth_comp_id    GFZ 
_struct_site.pdbx_auth_seq_id     301 
_struct_site.pdbx_auth_ins_code   ? 
_struct_site.pdbx_num_residues    18 
_struct_site.details              'binding site for residue GFZ A 301' 
# 
loop_
_struct_site_gen.id 
_struct_site_gen.site_id 
_struct_site_gen.pdbx_num_res 
_struct_site_gen.label_comp_id 
_struct_site_gen.label_asym_id 
_struct_site_gen.label_seq_id 
_struct_site_gen.pdbx_auth_ins_code 
_struct_site_gen.auth_comp_id 
_struct_site_gen.auth_asym_id 
_struct_site_gen.auth_seq_id 
_struct_site_gen.label_atom_id 
_struct_site_gen.label_alt_id 
_struct_site_gen.symmetry 
_struct_site_gen.details 
1  AC1 18 LEU A 87  ? LEU A 87  . ? 1_555 ? 
2  AC1 18 LEU A 90  ? LEU A 90  . ? 1_555 ? 
3  AC1 18 MET A 102 ? MET A 102 . ? 1_555 ? 
4  AC1 18 TRP A 103 ? TRP A 103 . ? 1_555 ? 
5  AC1 18 GLY A 106 ? GLY A 106 . ? 1_555 ? 
6  AC1 18 PHE A 110 ? PHE A 110 . ? 1_555 ? 
7  AC1 18 TRP A 138 ? TRP A 138 . ? 1_555 ? 
8  AC1 18 MET A 142 ? MET A 142 . ? 1_555 ? 
9  AC1 18 TYR A 148 ? TYR A 148 . ? 1_555 ? 
10 AC1 18 THR A 149 ? THR A 149 . ? 1_555 ? 
11 AC1 18 VAL A 152 ? VAL A 152 . ? 1_555 ? 
12 AC1 18 GLU A 156 ? GLU A 156 . ? 1_555 ? 
13 AC1 18 ASN A 176 ? ASN A 176 . ? 1_555 ? 
14 AC1 18 ASN A 179 ? ASN A 179 . ? 1_555 ? 
15 AC1 18 GLU A 180 ? GLU A 180 . ? 1_555 ? 
16 AC1 18 TRP A 207 ? TRP A 207 . ? 1_555 ? 
17 AC1 18 TYR A 212 ? TYR A 212 . ? 1_555 ? 
18 AC1 18 HOH C .   ? HOH A 423 . ? 1_555 ? 
# 
_pdbx_validate_rmsd_bond.id                        1 
_pdbx_validate_rmsd_bond.PDB_model_num             1 
_pdbx_validate_rmsd_bond.auth_atom_id_1            CD 
_pdbx_validate_rmsd_bond.auth_asym_id_1            A 
_pdbx_validate_rmsd_bond.auth_comp_id_1            GLU 
_pdbx_validate_rmsd_bond.auth_seq_id_1             180 
_pdbx_validate_rmsd_bond.PDB_ins_code_1            ? 
_pdbx_validate_rmsd_bond.label_alt_id_1            ? 
_pdbx_validate_rmsd_bond.auth_atom_id_2            OE1 
_pdbx_validate_rmsd_bond.auth_asym_id_2            A 
_pdbx_validate_rmsd_bond.auth_comp_id_2            GLU 
_pdbx_validate_rmsd_bond.auth_seq_id_2             180 
_pdbx_validate_rmsd_bond.PDB_ins_code_2            ? 
_pdbx_validate_rmsd_bond.label_alt_id_2            ? 
_pdbx_validate_rmsd_bond.bond_value                1.184 
_pdbx_validate_rmsd_bond.bond_target_value         1.252 
_pdbx_validate_rmsd_bond.bond_deviation            -0.068 
_pdbx_validate_rmsd_bond.bond_standard_deviation   0.011 
_pdbx_validate_rmsd_bond.linker_flag               N 
# 
_pdbx_validate_rmsd_angle.id                         1 
_pdbx_validate_rmsd_angle.PDB_model_num              1 
_pdbx_validate_rmsd_angle.auth_atom_id_1             CA 
_pdbx_validate_rmsd_angle.auth_asym_id_1             A 
_pdbx_validate_rmsd_angle.auth_comp_id_1             GLU 
_pdbx_validate_rmsd_angle.auth_seq_id_1              214 
_pdbx_validate_rmsd_angle.PDB_ins_code_1             ? 
_pdbx_validate_rmsd_angle.label_alt_id_1             ? 
_pdbx_validate_rmsd_angle.auth_atom_id_2             C 
_pdbx_validate_rmsd_angle.auth_asym_id_2             A 
_pdbx_validate_rmsd_angle.auth_comp_id_2             GLU 
_pdbx_validate_rmsd_angle.auth_seq_id_2              214 
_pdbx_validate_rmsd_angle.PDB_ins_code_2             ? 
_pdbx_validate_rmsd_angle.label_alt_id_2             ? 
_pdbx_validate_rmsd_angle.auth_atom_id_3             O 
_pdbx_validate_rmsd_angle.auth_asym_id_3             A 
_pdbx_validate_rmsd_angle.auth_comp_id_3             GLU 
_pdbx_validate_rmsd_angle.auth_seq_id_3              214 
_pdbx_validate_rmsd_angle.PDB_ins_code_3             ? 
_pdbx_validate_rmsd_angle.label_alt_id_3             ? 
_pdbx_validate_rmsd_angle.angle_value                107.44 
_pdbx_validate_rmsd_angle.angle_target_value         120.10 
_pdbx_validate_rmsd_angle.angle_deviation            -12.66 
_pdbx_validate_rmsd_angle.angle_standard_deviation   2.10 
_pdbx_validate_rmsd_angle.linker_flag                N 
# 
_pdbx_validate_torsion.id              1 
_pdbx_validate_torsion.PDB_model_num   1 
_pdbx_validate_torsion.auth_comp_id    THR 
_pdbx_validate_torsion.auth_asym_id    A 
_pdbx_validate_torsion.auth_seq_id     165 
_pdbx_validate_torsion.PDB_ins_code    ? 
_pdbx_validate_torsion.label_alt_id    ? 
_pdbx_validate_torsion.phi             -112.98 
_pdbx_validate_torsion.psi             -108.86 
# 
loop_
_pdbx_unobs_or_zero_occ_residues.id 
_pdbx_unobs_or_zero_occ_residues.PDB_model_num 
_pdbx_unobs_or_zero_occ_residues.polymer_flag 
_pdbx_unobs_or_zero_occ_residues.occupancy_flag 
_pdbx_unobs_or_zero_occ_residues.auth_asym_id 
_pdbx_unobs_or_zero_occ_residues.auth_comp_id 
_pdbx_unobs_or_zero_occ_residues.auth_seq_id 
_pdbx_unobs_or_zero_occ_residues.PDB_ins_code 
_pdbx_unobs_or_zero_occ_residues.label_asym_id 
_pdbx_unobs_or_zero_occ_residues.label_comp_id 
_pdbx_unobs_or_zero_occ_residues.label_seq_id 
1  1 Y 1 A MET 1   ? A MET 1   
2  1 Y 1 A THR 2   ? A THR 2   
3  1 Y 1 A THR 3   ? A THR 3   
4  1 Y 1 A SER 4   ? A SER 4   
5  1 Y 1 A ALA 5   ? A ALA 5   
6  1 Y 1 A ALA 6   ? A ALA 6   
7  1 Y 1 A SER 7   ? A SER 7   
8  1 Y 1 A GLN 8   ? A GLN 8   
9  1 Y 1 A ALA 9   ? A ALA 9   
10 1 Y 1 A SER 10  ? A SER 10  
11 1 Y 1 A LEU 11  ? A LEU 11  
12 1 Y 1 A PRO 12  ? A PRO 12  
13 1 Y 1 A ARG 13  ? A ARG 13  
14 1 Y 1 A GLY 14  ? A GLY 14  
15 1 Y 1 A ARG 15  ? A ARG 15  
16 1 Y 1 A ARG 16  ? A ARG 16  
17 1 Y 1 A THR 17  ? A THR 17  
18 1 Y 1 A ALA 18  ? A ALA 18  
19 1 Y 1 A ARG 19  ? A ARG 19  
20 1 Y 1 A PRO 20  ? A PRO 20  
21 1 Y 1 A SER 21  ? A SER 21  
22 1 Y 1 A GLY 22  ? A GLY 22  
23 1 Y 1 A ASP 23  ? A ASP 23  
24 1 Y 1 A ASN 215 ? A ASN 215 
25 1 Y 1 A ARG 216 ? A ARG 216 
# 
loop_
_chem_comp_atom.comp_id 
_chem_comp_atom.atom_id 
_chem_comp_atom.type_symbol 
_chem_comp_atom.pdbx_aromatic_flag 
_chem_comp_atom.pdbx_stereo_config 
_chem_comp_atom.pdbx_ordinal 
ALA N    N N N 1   
ALA CA   C N S 2   
ALA C    C N N 3   
ALA O    O N N 4   
ALA CB   C N N 5   
ALA OXT  O N N 6   
ALA H    H N N 7   
ALA H2   H N N 8   
ALA HA   H N N 9   
ALA HB1  H N N 10  
ALA HB2  H N N 11  
ALA HB3  H N N 12  
ALA HXT  H N N 13  
ARG N    N N N 14  
ARG CA   C N S 15  
ARG C    C N N 16  
ARG O    O N N 17  
ARG CB   C N N 18  
ARG CG   C N N 19  
ARG CD   C N N 20  
ARG NE   N N N 21  
ARG CZ   C N N 22  
ARG NH1  N N N 23  
ARG NH2  N N N 24  
ARG OXT  O N N 25  
ARG H    H N N 26  
ARG H2   H N N 27  
ARG HA   H N N 28  
ARG HB2  H N N 29  
ARG HB3  H N N 30  
ARG HG2  H N N 31  
ARG HG3  H N N 32  
ARG HD2  H N N 33  
ARG HD3  H N N 34  
ARG HE   H N N 35  
ARG HH11 H N N 36  
ARG HH12 H N N 37  
ARG HH21 H N N 38  
ARG HH22 H N N 39  
ARG HXT  H N N 40  
ASN N    N N N 41  
ASN CA   C N S 42  
ASN C    C N N 43  
ASN O    O N N 44  
ASN CB   C N N 45  
ASN CG   C N N 46  
ASN OD1  O N N 47  
ASN ND2  N N N 48  
ASN OXT  O N N 49  
ASN H    H N N 50  
ASN H2   H N N 51  
ASN HA   H N N 52  
ASN HB2  H N N 53  
ASN HB3  H N N 54  
ASN HD21 H N N 55  
ASN HD22 H N N 56  
ASN HXT  H N N 57  
ASP N    N N N 58  
ASP CA   C N S 59  
ASP C    C N N 60  
ASP O    O N N 61  
ASP CB   C N N 62  
ASP CG   C N N 63  
ASP OD1  O N N 64  
ASP OD2  O N N 65  
ASP OXT  O N N 66  
ASP H    H N N 67  
ASP H2   H N N 68  
ASP HA   H N N 69  
ASP HB2  H N N 70  
ASP HB3  H N N 71  
ASP HD2  H N N 72  
ASP HXT  H N N 73  
GFZ C4   C N N 74  
GFZ C14  C Y N 75  
GFZ C5   C N N 76  
GFZ C6   C N N 77  
GFZ C11  C Y N 78  
GFZ C7   C N N 79  
GFZ C8   C N N 80  
GFZ C9   C N N 81  
GFZ C10  C N N 82  
GFZ C12  C Y N 83  
GFZ C13  C Y N 84  
GFZ N1   N N N 85  
GFZ N2   N N N 86  
GFZ C3   C N N 87  
GFZ C1   C N N 88  
GFZ C2   C N N 89  
GFZ O1   O N N 90  
GFZ C15  C Y N 91  
GFZ C16  C Y N 92  
GFZ O2   O N N 93  
GFZ C17  C Y N 94  
GFZ C18  C Y N 95  
GFZ C19  C Y N 96  
GFZ C20  C Y N 97  
GFZ C21  C Y N 98  
GFZ C22  C Y N 99  
GFZ C23  C N N 100 
GFZ O3   O N N 101 
GFZ C24  C Y N 102 
GFZ C25  C Y N 103 
GFZ C26  C Y N 104 
GFZ C27  C Y N 105 
GFZ C28  C Y N 106 
GFZ C29  C Y N 107 
GFZ H1   H N N 108 
GFZ H2   H N N 109 
GFZ H3   H N N 110 
GFZ H4   H N N 111 
GFZ H5   H N N 112 
GFZ H6   H N N 113 
GFZ H7   H N N 114 
GFZ H8   H N N 115 
GFZ H9   H N N 116 
GFZ H10  H N N 117 
GFZ H11  H N N 118 
GFZ H12  H N N 119 
GFZ H14  H N N 120 
GFZ H15  H N N 121 
GFZ H16  H N N 122 
GFZ H17  H N N 123 
GFZ H18  H N N 124 
GFZ H19  H N N 125 
GFZ H20  H N N 126 
GFZ H21  H N N 127 
GFZ H22  H N N 128 
GFZ H23  H N N 129 
GFZ H24  H N N 130 
GFZ H25  H N N 131 
GFZ H26  H N N 132 
GFZ H27  H N N 133 
GFZ H28  H N N 134 
GFZ H29  H N N 135 
GFZ H30  H N N 136 
GFZ H31  H N N 137 
GLN N    N N N 138 
GLN CA   C N S 139 
GLN C    C N N 140 
GLN O    O N N 141 
GLN CB   C N N 142 
GLN CG   C N N 143 
GLN CD   C N N 144 
GLN OE1  O N N 145 
GLN NE2  N N N 146 
GLN OXT  O N N 147 
GLN H    H N N 148 
GLN H2   H N N 149 
GLN HA   H N N 150 
GLN HB2  H N N 151 
GLN HB3  H N N 152 
GLN HG2  H N N 153 
GLN HG3  H N N 154 
GLN HE21 H N N 155 
GLN HE22 H N N 156 
GLN HXT  H N N 157 
GLU N    N N N 158 
GLU CA   C N S 159 
GLU C    C N N 160 
GLU O    O N N 161 
GLU CB   C N N 162 
GLU CG   C N N 163 
GLU CD   C N N 164 
GLU OE1  O N N 165 
GLU OE2  O N N 166 
GLU OXT  O N N 167 
GLU H    H N N 168 
GLU H2   H N N 169 
GLU HA   H N N 170 
GLU HB2  H N N 171 
GLU HB3  H N N 172 
GLU HG2  H N N 173 
GLU HG3  H N N 174 
GLU HE2  H N N 175 
GLU HXT  H N N 176 
GLY N    N N N 177 
GLY CA   C N N 178 
GLY C    C N N 179 
GLY O    O N N 180 
GLY OXT  O N N 181 
GLY H    H N N 182 
GLY H2   H N N 183 
GLY HA2  H N N 184 
GLY HA3  H N N 185 
GLY HXT  H N N 186 
HIS N    N N N 187 
HIS CA   C N S 188 
HIS C    C N N 189 
HIS O    O N N 190 
HIS CB   C N N 191 
HIS CG   C Y N 192 
HIS ND1  N Y N 193 
HIS CD2  C Y N 194 
HIS CE1  C Y N 195 
HIS NE2  N Y N 196 
HIS OXT  O N N 197 
HIS H    H N N 198 
HIS H2   H N N 199 
HIS HA   H N N 200 
HIS HB2  H N N 201 
HIS HB3  H N N 202 
HIS HD1  H N N 203 
HIS HD2  H N N 204 
HIS HE1  H N N 205 
HIS HE2  H N N 206 
HIS HXT  H N N 207 
HOH O    O N N 208 
HOH H1   H N N 209 
HOH H2   H N N 210 
ILE N    N N N 211 
ILE CA   C N S 212 
ILE C    C N N 213 
ILE O    O N N 214 
ILE CB   C N S 215 
ILE CG1  C N N 216 
ILE CG2  C N N 217 
ILE CD1  C N N 218 
ILE OXT  O N N 219 
ILE H    H N N 220 
ILE H2   H N N 221 
ILE HA   H N N 222 
ILE HB   H N N 223 
ILE HG12 H N N 224 
ILE HG13 H N N 225 
ILE HG21 H N N 226 
ILE HG22 H N N 227 
ILE HG23 H N N 228 
ILE HD11 H N N 229 
ILE HD12 H N N 230 
ILE HD13 H N N 231 
ILE HXT  H N N 232 
LEU N    N N N 233 
LEU CA   C N S 234 
LEU C    C N N 235 
LEU O    O N N 236 
LEU CB   C N N 237 
LEU CG   C N N 238 
LEU CD1  C N N 239 
LEU CD2  C N N 240 
LEU OXT  O N N 241 
LEU H    H N N 242 
LEU H2   H N N 243 
LEU HA   H N N 244 
LEU HB2  H N N 245 
LEU HB3  H N N 246 
LEU HG   H N N 247 
LEU HD11 H N N 248 
LEU HD12 H N N 249 
LEU HD13 H N N 250 
LEU HD21 H N N 251 
LEU HD22 H N N 252 
LEU HD23 H N N 253 
LEU HXT  H N N 254 
LYS N    N N N 255 
LYS CA   C N S 256 
LYS C    C N N 257 
LYS O    O N N 258 
LYS CB   C N N 259 
LYS CG   C N N 260 
LYS CD   C N N 261 
LYS CE   C N N 262 
LYS NZ   N N N 263 
LYS OXT  O N N 264 
LYS H    H N N 265 
LYS H2   H N N 266 
LYS HA   H N N 267 
LYS HB2  H N N 268 
LYS HB3  H N N 269 
LYS HG2  H N N 270 
LYS HG3  H N N 271 
LYS HD2  H N N 272 
LYS HD3  H N N 273 
LYS HE2  H N N 274 
LYS HE3  H N N 275 
LYS HZ1  H N N 276 
LYS HZ2  H N N 277 
LYS HZ3  H N N 278 
LYS HXT  H N N 279 
MET N    N N N 280 
MET CA   C N S 281 
MET C    C N N 282 
MET O    O N N 283 
MET CB   C N N 284 
MET CG   C N N 285 
MET SD   S N N 286 
MET CE   C N N 287 
MET OXT  O N N 288 
MET H    H N N 289 
MET H2   H N N 290 
MET HA   H N N 291 
MET HB2  H N N 292 
MET HB3  H N N 293 
MET HG2  H N N 294 
MET HG3  H N N 295 
MET HE1  H N N 296 
MET HE2  H N N 297 
MET HE3  H N N 298 
MET HXT  H N N 299 
PHE N    N N N 300 
PHE CA   C N S 301 
PHE C    C N N 302 
PHE O    O N N 303 
PHE CB   C N N 304 
PHE CG   C Y N 305 
PHE CD1  C Y N 306 
PHE CD2  C Y N 307 
PHE CE1  C Y N 308 
PHE CE2  C Y N 309 
PHE CZ   C Y N 310 
PHE OXT  O N N 311 
PHE H    H N N 312 
PHE H2   H N N 313 
PHE HA   H N N 314 
PHE HB2  H N N 315 
PHE HB3  H N N 316 
PHE HD1  H N N 317 
PHE HD2  H N N 318 
PHE HE1  H N N 319 
PHE HE2  H N N 320 
PHE HZ   H N N 321 
PHE HXT  H N N 322 
PRO N    N N N 323 
PRO CA   C N S 324 
PRO C    C N N 325 
PRO O    O N N 326 
PRO CB   C N N 327 
PRO CG   C N N 328 
PRO CD   C N N 329 
PRO OXT  O N N 330 
PRO H    H N N 331 
PRO HA   H N N 332 
PRO HB2  H N N 333 
PRO HB3  H N N 334 
PRO HG2  H N N 335 
PRO HG3  H N N 336 
PRO HD2  H N N 337 
PRO HD3  H N N 338 
PRO HXT  H N N 339 
SER N    N N N 340 
SER CA   C N S 341 
SER C    C N N 342 
SER O    O N N 343 
SER CB   C N N 344 
SER OG   O N N 345 
SER OXT  O N N 346 
SER H    H N N 347 
SER H2   H N N 348 
SER HA   H N N 349 
SER HB2  H N N 350 
SER HB3  H N N 351 
SER HG   H N N 352 
SER HXT  H N N 353 
THR N    N N N 354 
THR CA   C N S 355 
THR C    C N N 356 
THR O    O N N 357 
THR CB   C N R 358 
THR OG1  O N N 359 
THR CG2  C N N 360 
THR OXT  O N N 361 
THR H    H N N 362 
THR H2   H N N 363 
THR HA   H N N 364 
THR HB   H N N 365 
THR HG1  H N N 366 
THR HG21 H N N 367 
THR HG22 H N N 368 
THR HG23 H N N 369 
THR HXT  H N N 370 
TRP N    N N N 371 
TRP CA   C N S 372 
TRP C    C N N 373 
TRP O    O N N 374 
TRP CB   C N N 375 
TRP CG   C Y N 376 
TRP CD1  C Y N 377 
TRP CD2  C Y N 378 
TRP NE1  N Y N 379 
TRP CE2  C Y N 380 
TRP CE3  C Y N 381 
TRP CZ2  C Y N 382 
TRP CZ3  C Y N 383 
TRP CH2  C Y N 384 
TRP OXT  O N N 385 
TRP H    H N N 386 
TRP H2   H N N 387 
TRP HA   H N N 388 
TRP HB2  H N N 389 
TRP HB3  H N N 390 
TRP HD1  H N N 391 
TRP HE1  H N N 392 
TRP HE3  H N N 393 
TRP HZ2  H N N 394 
TRP HZ3  H N N 395 
TRP HH2  H N N 396 
TRP HXT  H N N 397 
TYR N    N N N 398 
TYR CA   C N S 399 
TYR C    C N N 400 
TYR O    O N N 401 
TYR CB   C N N 402 
TYR CG   C Y N 403 
TYR CD1  C Y N 404 
TYR CD2  C Y N 405 
TYR CE1  C Y N 406 
TYR CE2  C Y N 407 
TYR CZ   C Y N 408 
TYR OH   O N N 409 
TYR OXT  O N N 410 
TYR H    H N N 411 
TYR H2   H N N 412 
TYR HA   H N N 413 
TYR HB2  H N N 414 
TYR HB3  H N N 415 
TYR HD1  H N N 416 
TYR HD2  H N N 417 
TYR HE1  H N N 418 
TYR HE2  H N N 419 
TYR HH   H N N 420 
TYR HXT  H N N 421 
VAL N    N N N 422 
VAL CA   C N S 423 
VAL C    C N N 424 
VAL O    O N N 425 
VAL CB   C N N 426 
VAL CG1  C N N 427 
VAL CG2  C N N 428 
VAL OXT  O N N 429 
VAL H    H N N 430 
VAL H2   H N N 431 
VAL HA   H N N 432 
VAL HB   H N N 433 
VAL HG11 H N N 434 
VAL HG12 H N N 435 
VAL HG13 H N N 436 
VAL HG21 H N N 437 
VAL HG22 H N N 438 
VAL HG23 H N N 439 
VAL HXT  H N N 440 
# 
loop_
_chem_comp_bond.comp_id 
_chem_comp_bond.atom_id_1 
_chem_comp_bond.atom_id_2 
_chem_comp_bond.value_order 
_chem_comp_bond.pdbx_aromatic_flag 
_chem_comp_bond.pdbx_stereo_config 
_chem_comp_bond.pdbx_ordinal 
ALA N   CA   sing N N 1   
ALA N   H    sing N N 2   
ALA N   H2   sing N N 3   
ALA CA  C    sing N N 4   
ALA CA  CB   sing N N 5   
ALA CA  HA   sing N N 6   
ALA C   O    doub N N 7   
ALA C   OXT  sing N N 8   
ALA CB  HB1  sing N N 9   
ALA CB  HB2  sing N N 10  
ALA CB  HB3  sing N N 11  
ALA OXT HXT  sing N N 12  
ARG N   CA   sing N N 13  
ARG N   H    sing N N 14  
ARG N   H2   sing N N 15  
ARG CA  C    sing N N 16  
ARG CA  CB   sing N N 17  
ARG CA  HA   sing N N 18  
ARG C   O    doub N N 19  
ARG C   OXT  sing N N 20  
ARG CB  CG   sing N N 21  
ARG CB  HB2  sing N N 22  
ARG CB  HB3  sing N N 23  
ARG CG  CD   sing N N 24  
ARG CG  HG2  sing N N 25  
ARG CG  HG3  sing N N 26  
ARG CD  NE   sing N N 27  
ARG CD  HD2  sing N N 28  
ARG CD  HD3  sing N N 29  
ARG NE  CZ   sing N N 30  
ARG NE  HE   sing N N 31  
ARG CZ  NH1  sing N N 32  
ARG CZ  NH2  doub N N 33  
ARG NH1 HH11 sing N N 34  
ARG NH1 HH12 sing N N 35  
ARG NH2 HH21 sing N N 36  
ARG NH2 HH22 sing N N 37  
ARG OXT HXT  sing N N 38  
ASN N   CA   sing N N 39  
ASN N   H    sing N N 40  
ASN N   H2   sing N N 41  
ASN CA  C    sing N N 42  
ASN CA  CB   sing N N 43  
ASN CA  HA   sing N N 44  
ASN C   O    doub N N 45  
ASN C   OXT  sing N N 46  
ASN CB  CG   sing N N 47  
ASN CB  HB2  sing N N 48  
ASN CB  HB3  sing N N 49  
ASN CG  OD1  doub N N 50  
ASN CG  ND2  sing N N 51  
ASN ND2 HD21 sing N N 52  
ASN ND2 HD22 sing N N 53  
ASN OXT HXT  sing N N 54  
ASP N   CA   sing N N 55  
ASP N   H    sing N N 56  
ASP N   H2   sing N N 57  
ASP CA  C    sing N N 58  
ASP CA  CB   sing N N 59  
ASP CA  HA   sing N N 60  
ASP C   O    doub N N 61  
ASP C   OXT  sing N N 62  
ASP CB  CG   sing N N 63  
ASP CB  HB2  sing N N 64  
ASP CB  HB3  sing N N 65  
ASP CG  OD1  doub N N 66  
ASP CG  OD2  sing N N 67  
ASP OD2 HD2  sing N N 68  
ASP OXT HXT  sing N N 69  
GFZ C28 C29  doub Y N 70  
GFZ C28 C27  sing Y N 71  
GFZ O3  C23  doub N N 72  
GFZ C29 C24  sing Y N 73  
GFZ C27 C26  doub Y N 74  
GFZ C21 C22  doub Y N 75  
GFZ C21 C20  sing Y N 76  
GFZ C23 N2   sing N N 77  
GFZ C23 C20  sing N N 78  
GFZ C24 N2   sing N N 79  
GFZ C24 C25  doub Y N 80  
GFZ C22 C17  sing Y N 81  
GFZ C20 C19  doub Y N 82  
GFZ C26 C25  sing Y N 83  
GFZ O1  C10  doub N N 84  
GFZ C10 C11  sing N N 85  
GFZ C10 C9   sing N N 86  
GFZ C5  C4   sing N N 87  
GFZ C5  C6   sing N N 88  
GFZ C12 C11  doub Y N 89  
GFZ C12 C13  sing Y N 90  
GFZ C17 C13  sing N N 91  
GFZ C17 C18  doub Y N 92  
GFZ C19 C18  sing Y N 93  
GFZ C4  N1   sing N N 94  
GFZ C11 C16  sing Y N 95  
GFZ C13 C14  doub Y N 96  
GFZ C9  C6   sing N N 97  
GFZ N1  C2   sing N N 98  
GFZ N1  C8   sing N N 99  
GFZ C6  O2   sing N N 100 
GFZ C6  C7   sing N N 101 
GFZ C2  C3   sing N N 102 
GFZ C2  C1   sing N N 103 
GFZ C16 O2   sing N N 104 
GFZ C16 C15  doub Y N 105 
GFZ C14 C15  sing Y N 106 
GFZ C7  C8   sing N N 107 
GFZ C4  H1   sing N N 108 
GFZ C4  H2   sing N N 109 
GFZ C14 H3   sing N N 110 
GFZ C5  H4   sing N N 111 
GFZ C5  H5   sing N N 112 
GFZ C7  H6   sing N N 113 
GFZ C7  H7   sing N N 114 
GFZ C8  H8   sing N N 115 
GFZ C8  H9   sing N N 116 
GFZ C9  H10  sing N N 117 
GFZ C9  H11  sing N N 118 
GFZ C12 H12  sing N N 119 
GFZ N2  H14  sing N N 120 
GFZ C3  H15  sing N N 121 
GFZ C3  H16  sing N N 122 
GFZ C3  H17  sing N N 123 
GFZ C1  H18  sing N N 124 
GFZ C1  H19  sing N N 125 
GFZ C1  H20  sing N N 126 
GFZ C2  H21  sing N N 127 
GFZ C15 H22  sing N N 128 
GFZ C18 H23  sing N N 129 
GFZ C19 H24  sing N N 130 
GFZ C21 H25  sing N N 131 
GFZ C22 H26  sing N N 132 
GFZ C25 H27  sing N N 133 
GFZ C26 H28  sing N N 134 
GFZ C27 H29  sing N N 135 
GFZ C28 H30  sing N N 136 
GFZ C29 H31  sing N N 137 
GLN N   CA   sing N N 138 
GLN N   H    sing N N 139 
GLN N   H2   sing N N 140 
GLN CA  C    sing N N 141 
GLN CA  CB   sing N N 142 
GLN CA  HA   sing N N 143 
GLN C   O    doub N N 144 
GLN C   OXT  sing N N 145 
GLN CB  CG   sing N N 146 
GLN CB  HB2  sing N N 147 
GLN CB  HB3  sing N N 148 
GLN CG  CD   sing N N 149 
GLN CG  HG2  sing N N 150 
GLN CG  HG3  sing N N 151 
GLN CD  OE1  doub N N 152 
GLN CD  NE2  sing N N 153 
GLN NE2 HE21 sing N N 154 
GLN NE2 HE22 sing N N 155 
GLN OXT HXT  sing N N 156 
GLU N   CA   sing N N 157 
GLU N   H    sing N N 158 
GLU N   H2   sing N N 159 
GLU CA  C    sing N N 160 
GLU CA  CB   sing N N 161 
GLU CA  HA   sing N N 162 
GLU C   O    doub N N 163 
GLU C   OXT  sing N N 164 
GLU CB  CG   sing N N 165 
GLU CB  HB2  sing N N 166 
GLU CB  HB3  sing N N 167 
GLU CG  CD   sing N N 168 
GLU CG  HG2  sing N N 169 
GLU CG  HG3  sing N N 170 
GLU CD  OE1  doub N N 171 
GLU CD  OE2  sing N N 172 
GLU OE2 HE2  sing N N 173 
GLU OXT HXT  sing N N 174 
GLY N   CA   sing N N 175 
GLY N   H    sing N N 176 
GLY N   H2   sing N N 177 
GLY CA  C    sing N N 178 
GLY CA  HA2  sing N N 179 
GLY CA  HA3  sing N N 180 
GLY C   O    doub N N 181 
GLY C   OXT  sing N N 182 
GLY OXT HXT  sing N N 183 
HIS N   CA   sing N N 184 
HIS N   H    sing N N 185 
HIS N   H2   sing N N 186 
HIS CA  C    sing N N 187 
HIS CA  CB   sing N N 188 
HIS CA  HA   sing N N 189 
HIS C   O    doub N N 190 
HIS C   OXT  sing N N 191 
HIS CB  CG   sing N N 192 
HIS CB  HB2  sing N N 193 
HIS CB  HB3  sing N N 194 
HIS CG  ND1  sing Y N 195 
HIS CG  CD2  doub Y N 196 
HIS ND1 CE1  doub Y N 197 
HIS ND1 HD1  sing N N 198 
HIS CD2 NE2  sing Y N 199 
HIS CD2 HD2  sing N N 200 
HIS CE1 NE2  sing Y N 201 
HIS CE1 HE1  sing N N 202 
HIS NE2 HE2  sing N N 203 
HIS OXT HXT  sing N N 204 
HOH O   H1   sing N N 205 
HOH O   H2   sing N N 206 
ILE N   CA   sing N N 207 
ILE N   H    sing N N 208 
ILE N   H2   sing N N 209 
ILE CA  C    sing N N 210 
ILE CA  CB   sing N N 211 
ILE CA  HA   sing N N 212 
ILE C   O    doub N N 213 
ILE C   OXT  sing N N 214 
ILE CB  CG1  sing N N 215 
ILE CB  CG2  sing N N 216 
ILE CB  HB   sing N N 217 
ILE CG1 CD1  sing N N 218 
ILE CG1 HG12 sing N N 219 
ILE CG1 HG13 sing N N 220 
ILE CG2 HG21 sing N N 221 
ILE CG2 HG22 sing N N 222 
ILE CG2 HG23 sing N N 223 
ILE CD1 HD11 sing N N 224 
ILE CD1 HD12 sing N N 225 
ILE CD1 HD13 sing N N 226 
ILE OXT HXT  sing N N 227 
LEU N   CA   sing N N 228 
LEU N   H    sing N N 229 
LEU N   H2   sing N N 230 
LEU CA  C    sing N N 231 
LEU CA  CB   sing N N 232 
LEU CA  HA   sing N N 233 
LEU C   O    doub N N 234 
LEU C   OXT  sing N N 235 
LEU CB  CG   sing N N 236 
LEU CB  HB2  sing N N 237 
LEU CB  HB3  sing N N 238 
LEU CG  CD1  sing N N 239 
LEU CG  CD2  sing N N 240 
LEU CG  HG   sing N N 241 
LEU CD1 HD11 sing N N 242 
LEU CD1 HD12 sing N N 243 
LEU CD1 HD13 sing N N 244 
LEU CD2 HD21 sing N N 245 
LEU CD2 HD22 sing N N 246 
LEU CD2 HD23 sing N N 247 
LEU OXT HXT  sing N N 248 
LYS N   CA   sing N N 249 
LYS N   H    sing N N 250 
LYS N   H2   sing N N 251 
LYS CA  C    sing N N 252 
LYS CA  CB   sing N N 253 
LYS CA  HA   sing N N 254 
LYS C   O    doub N N 255 
LYS C   OXT  sing N N 256 
LYS CB  CG   sing N N 257 
LYS CB  HB2  sing N N 258 
LYS CB  HB3  sing N N 259 
LYS CG  CD   sing N N 260 
LYS CG  HG2  sing N N 261 
LYS CG  HG3  sing N N 262 
LYS CD  CE   sing N N 263 
LYS CD  HD2  sing N N 264 
LYS CD  HD3  sing N N 265 
LYS CE  NZ   sing N N 266 
LYS CE  HE2  sing N N 267 
LYS CE  HE3  sing N N 268 
LYS NZ  HZ1  sing N N 269 
LYS NZ  HZ2  sing N N 270 
LYS NZ  HZ3  sing N N 271 
LYS OXT HXT  sing N N 272 
MET N   CA   sing N N 273 
MET N   H    sing N N 274 
MET N   H2   sing N N 275 
MET CA  C    sing N N 276 
MET CA  CB   sing N N 277 
MET CA  HA   sing N N 278 
MET C   O    doub N N 279 
MET C   OXT  sing N N 280 
MET CB  CG   sing N N 281 
MET CB  HB2  sing N N 282 
MET CB  HB3  sing N N 283 
MET CG  SD   sing N N 284 
MET CG  HG2  sing N N 285 
MET CG  HG3  sing N N 286 
MET SD  CE   sing N N 287 
MET CE  HE1  sing N N 288 
MET CE  HE2  sing N N 289 
MET CE  HE3  sing N N 290 
MET OXT HXT  sing N N 291 
PHE N   CA   sing N N 292 
PHE N   H    sing N N 293 
PHE N   H2   sing N N 294 
PHE CA  C    sing N N 295 
PHE CA  CB   sing N N 296 
PHE CA  HA   sing N N 297 
PHE C   O    doub N N 298 
PHE C   OXT  sing N N 299 
PHE CB  CG   sing N N 300 
PHE CB  HB2  sing N N 301 
PHE CB  HB3  sing N N 302 
PHE CG  CD1  doub Y N 303 
PHE CG  CD2  sing Y N 304 
PHE CD1 CE1  sing Y N 305 
PHE CD1 HD1  sing N N 306 
PHE CD2 CE2  doub Y N 307 
PHE CD2 HD2  sing N N 308 
PHE CE1 CZ   doub Y N 309 
PHE CE1 HE1  sing N N 310 
PHE CE2 CZ   sing Y N 311 
PHE CE2 HE2  sing N N 312 
PHE CZ  HZ   sing N N 313 
PHE OXT HXT  sing N N 314 
PRO N   CA   sing N N 315 
PRO N   CD   sing N N 316 
PRO N   H    sing N N 317 
PRO CA  C    sing N N 318 
PRO CA  CB   sing N N 319 
PRO CA  HA   sing N N 320 
PRO C   O    doub N N 321 
PRO C   OXT  sing N N 322 
PRO CB  CG   sing N N 323 
PRO CB  HB2  sing N N 324 
PRO CB  HB3  sing N N 325 
PRO CG  CD   sing N N 326 
PRO CG  HG2  sing N N 327 
PRO CG  HG3  sing N N 328 
PRO CD  HD2  sing N N 329 
PRO CD  HD3  sing N N 330 
PRO OXT HXT  sing N N 331 
SER N   CA   sing N N 332 
SER N   H    sing N N 333 
SER N   H2   sing N N 334 
SER CA  C    sing N N 335 
SER CA  CB   sing N N 336 
SER CA  HA   sing N N 337 
SER C   O    doub N N 338 
SER C   OXT  sing N N 339 
SER CB  OG   sing N N 340 
SER CB  HB2  sing N N 341 
SER CB  HB3  sing N N 342 
SER OG  HG   sing N N 343 
SER OXT HXT  sing N N 344 
THR N   CA   sing N N 345 
THR N   H    sing N N 346 
THR N   H2   sing N N 347 
THR CA  C    sing N N 348 
THR CA  CB   sing N N 349 
THR CA  HA   sing N N 350 
THR C   O    doub N N 351 
THR C   OXT  sing N N 352 
THR CB  OG1  sing N N 353 
THR CB  CG2  sing N N 354 
THR CB  HB   sing N N 355 
THR OG1 HG1  sing N N 356 
THR CG2 HG21 sing N N 357 
THR CG2 HG22 sing N N 358 
THR CG2 HG23 sing N N 359 
THR OXT HXT  sing N N 360 
TRP N   CA   sing N N 361 
TRP N   H    sing N N 362 
TRP N   H2   sing N N 363 
TRP CA  C    sing N N 364 
TRP CA  CB   sing N N 365 
TRP CA  HA   sing N N 366 
TRP C   O    doub N N 367 
TRP C   OXT  sing N N 368 
TRP CB  CG   sing N N 369 
TRP CB  HB2  sing N N 370 
TRP CB  HB3  sing N N 371 
TRP CG  CD1  doub Y N 372 
TRP CG  CD2  sing Y N 373 
TRP CD1 NE1  sing Y N 374 
TRP CD1 HD1  sing N N 375 
TRP CD2 CE2  doub Y N 376 
TRP CD2 CE3  sing Y N 377 
TRP NE1 CE2  sing Y N 378 
TRP NE1 HE1  sing N N 379 
TRP CE2 CZ2  sing Y N 380 
TRP CE3 CZ3  doub Y N 381 
TRP CE3 HE3  sing N N 382 
TRP CZ2 CH2  doub Y N 383 
TRP CZ2 HZ2  sing N N 384 
TRP CZ3 CH2  sing Y N 385 
TRP CZ3 HZ3  sing N N 386 
TRP CH2 HH2  sing N N 387 
TRP OXT HXT  sing N N 388 
TYR N   CA   sing N N 389 
TYR N   H    sing N N 390 
TYR N   H2   sing N N 391 
TYR CA  C    sing N N 392 
TYR CA  CB   sing N N 393 
TYR CA  HA   sing N N 394 
TYR C   O    doub N N 395 
TYR C   OXT  sing N N 396 
TYR CB  CG   sing N N 397 
TYR CB  HB2  sing N N 398 
TYR CB  HB3  sing N N 399 
TYR CG  CD1  doub Y N 400 
TYR CG  CD2  sing Y N 401 
TYR CD1 CE1  sing Y N 402 
TYR CD1 HD1  sing N N 403 
TYR CD2 CE2  doub Y N 404 
TYR CD2 HD2  sing N N 405 
TYR CE1 CZ   doub Y N 406 
TYR CE1 HE1  sing N N 407 
TYR CE2 CZ   sing Y N 408 
TYR CE2 HE2  sing N N 409 
TYR CZ  OH   sing N N 410 
TYR OH  HH   sing N N 411 
TYR OXT HXT  sing N N 412 
VAL N   CA   sing N N 413 
VAL N   H    sing N N 414 
VAL N   H2   sing N N 415 
VAL CA  C    sing N N 416 
VAL CA  CB   sing N N 417 
VAL CA  HA   sing N N 418 
VAL C   O    doub N N 419 
VAL C   OXT  sing N N 420 
VAL CB  CG1  sing N N 421 
VAL CB  CG2  sing N N 422 
VAL CB  HB   sing N N 423 
VAL CG1 HG11 sing N N 424 
VAL CG1 HG12 sing N N 425 
VAL CG1 HG13 sing N N 426 
VAL CG2 HG21 sing N N 427 
VAL CG2 HG22 sing N N 428 
VAL CG2 HG23 sing N N 429 
VAL OXT HXT  sing N N 430 
# 
_pdbx_initial_refinement_model.id               1 
_pdbx_initial_refinement_model.entity_id_list   ? 
_pdbx_initial_refinement_model.type             'experimental model' 
_pdbx_initial_refinement_model.source_name      PDB 
_pdbx_initial_refinement_model.accession_code   1U9N 
_pdbx_initial_refinement_model.details          ? 
# 
_atom_sites.entry_id                    6HNX 
_atom_sites.fract_transf_matrix[1][1]   -0.00431708 
_atom_sites.fract_transf_matrix[1][2]   0.00648275 
_atom_sites.fract_transf_matrix[1][3]   0.00265888 
_atom_sites.fract_transf_matrix[2][1]   0.00144208 
_atom_sites.fract_transf_matrix[2][2]   0.00387822 
_atom_sites.fract_transf_matrix[2][3]   -0.00711426 
_atom_sites.fract_transf_matrix[3][1]   -0.02461045 
_atom_sites.fract_transf_matrix[3][2]   -0.01172198 
_atom_sites.fract_transf_matrix[3][3]   -0.01137865 
_atom_sites.fract_transf_vector[1]      0.141166 
_atom_sites.fract_transf_vector[2]      0.286126 
_atom_sites.fract_transf_vector[3]      0.007320 
# 
loop_
_atom_type.symbol 
C 
N 
O 
S 
# 
loop_
_atom_site.group_PDB 
_atom_site.id 
_atom_site.type_symbol 
_atom_site.label_atom_id 
_atom_site.label_alt_id 
_atom_site.label_comp_id 
_atom_site.label_asym_id 
_atom_site.label_entity_id 
_atom_site.label_seq_id 
_atom_site.pdbx_PDB_ins_code 
_atom_site.Cartn_x 
_atom_site.Cartn_y 
_atom_site.Cartn_z 
_atom_site.occupancy 
_atom_site.B_iso_or_equiv 
_atom_site.pdbx_formal_charge 
_atom_site.auth_seq_id 
_atom_site.auth_comp_id 
_atom_site.auth_asym_id 
_atom_site.auth_atom_id 
_atom_site.pdbx_PDB_model_num 
ATOM   1    N N   . ASP A 1 24  ? 6.724   10.198  -21.375 1.00 63.38 ? 24  ASP A N   1 
ATOM   2    C CA  . ASP A 1 24  ? 6.115   11.314  -22.086 1.00 57.27 ? 24  ASP A CA  1 
ATOM   3    C C   . ASP A 1 24  ? 6.213   12.584  -21.208 1.00 50.29 ? 24  ASP A C   1 
ATOM   4    O O   . ASP A 1 24  ? 6.948   12.607  -20.186 1.00 46.25 ? 24  ASP A O   1 
ATOM   5    C CB  . ASP A 1 24  ? 4.696   10.873  -22.482 1.00 64.63 ? 24  ASP A CB  1 
ATOM   6    C CG  . ASP A 1 24  ? 4.070   11.678  -23.617 1.00 74.86 ? 24  ASP A CG  1 
ATOM   7    O OD1 . ASP A 1 24  ? 4.763   11.921  -24.630 1.00 72.08 ? 24  ASP A OD1 1 
ATOM   8    O OD2 . ASP A 1 24  ? 2.904   12.097  -23.465 1.00 71.58 ? 24  ASP A OD2 1 
ATOM   9    N N   . ARG A 1 25  ? 5.483   13.637  -21.560 1.00 44.27 ? 25  ARG A N   1 
ATOM   10   C CA  . ARG A 1 25  ? 5.159   14.747  -20.621 1.00 43.17 ? 25  ARG A CA  1 
ATOM   11   C C   . ARG A 1 25  ? 4.286   14.203  -19.463 1.00 36.75 ? 25  ARG A C   1 
ATOM   12   O O   . ARG A 1 25  ? 4.395   14.736  -18.371 1.00 35.39 ? 25  ARG A O   1 
ATOM   13   C CB  . ARG A 1 25  ? 4.550   15.906  -21.415 1.00 46.93 ? 25  ARG A CB  1 
ATOM   14   C CG  . ARG A 1 25  ? 5.536   16.442  -22.448 1.00 53.14 ? 25  ARG A CG  1 
ATOM   15   C CD  . ARG A 1 25  ? 5.129   17.702  -23.184 1.00 59.32 ? 25  ARG A CD  1 
ATOM   16   N NE  . ARG A 1 25  ? 4.168   17.455  -24.246 1.00 63.07 ? 25  ARG A NE  1 
ATOM   17   C CZ  . ARG A 1 25  ? 3.735   18.369  -25.108 1.00 66.73 ? 25  ARG A CZ  1 
ATOM   18   N NH1 . ARG A 1 25  ? 4.180   19.617  -25.054 1.00 64.53 ? 25  ARG A NH1 1 
ATOM   19   N NH2 . ARG A 1 25  ? 2.849   18.030  -26.026 1.00 68.50 ? 25  ARG A NH2 1 
ATOM   20   N N   . GLU A 1 26  ? 3.483   13.162  -19.689 1.00 35.72 ? 26  GLU A N   1 
ATOM   21   C CA  . GLU A 1 26  ? 2.675   12.521  -18.625 1.00 35.35 ? 26  GLU A CA  1 
ATOM   22   C C   . GLU A 1 26  ? 3.612   12.059  -17.503 1.00 32.84 ? 26  GLU A C   1 
ATOM   23   O O   . GLU A 1 26  ? 3.413   12.481  -16.350 1.00 32.32 ? 26  GLU A O   1 
ATOM   24   C CB  . GLU A 1 26  ? 1.844   11.356  -19.150 1.00 35.17 ? 26  GLU A CB  1 
ATOM   25   C CG  . GLU A 1 26  ? 0.776   10.986  -18.144 1.00 42.49 ? 26  GLU A CG  1 
ATOM   26   C CD  . GLU A 1 26  ? -0.067  9.750   -18.416 1.00 51.70 ? 26  GLU A CD  1 
ATOM   27   O OE1 . GLU A 1 26  ? -0.369  9.515   -19.597 1.00 50.27 ? 26  GLU A OE1 1 
ATOM   28   O OE2 . GLU A 1 26  ? -0.446  9.049   -17.428 1.00 50.31 ? 26  GLU A OE2 1 
ATOM   29   N N   . LEU A 1 27  ? 4.598   11.234  -17.846 1.00 32.83 ? 27  LEU A N   1 
ATOM   30   C CA  . LEU A 1 27  ? 5.603   10.679  -16.900 1.00 35.59 ? 27  LEU A CA  1 
ATOM   31   C C   . LEU A 1 27  ? 6.269   11.826  -16.143 1.00 33.16 ? 27  LEU A C   1 
ATOM   32   O O   . LEU A 1 27  ? 6.491   11.750  -14.909 1.00 29.88 ? 27  LEU A O   1 
ATOM   33   C CB  . LEU A 1 27  ? 6.610   9.839   -17.688 1.00 39.42 ? 27  LEU A CB  1 
ATOM   34   C CG  . LEU A 1 27  ? 6.111   8.460   -18.122 1.00 45.53 ? 27  LEU A CG  1 
ATOM   35   C CD1 . LEU A 1 27  ? 7.194   7.701   -18.869 1.00 45.85 ? 27  LEU A CD1 1 
ATOM   36   C CD2 . LEU A 1 27  ? 5.642   7.630   -16.930 1.00 45.90 ? 27  LEU A CD2 1 
ATOM   37   N N   . ALA A 1 28  ? 6.584   12.898  -16.846 1.00 32.98 ? 28  ALA A N   1 
ATOM   38   C CA  . ALA A 1 28  ? 7.254   14.063  -16.243 1.00 31.75 ? 28  ALA A CA  1 
ATOM   39   C C   . ALA A 1 28  ? 6.312   14.736  -15.242 1.00 28.44 ? 28  ALA A C   1 
ATOM   40   O O   . ALA A 1 28  ? 6.755   15.228  -14.188 1.00 32.54 ? 28  ALA A O   1 
ATOM   41   C CB  . ALA A 1 28  ? 7.708   14.976  -17.363 1.00 34.50 ? 28  ALA A CB  1 
ATOM   42   N N   . ILE A 1 29  ? 5.023   14.819  -15.544 1.00 24.60 ? 29  ILE A N   1 
ATOM   43   C CA  . ILE A 1 29  ? 4.069   15.413  -14.583 1.00 23.27 ? 29  ILE A CA  1 
ATOM   44   C C   . ILE A 1 29  ? 4.066   14.516  -13.330 1.00 22.97 ? 29  ILE A C   1 
ATOM   45   O O   . ILE A 1 29  ? 4.061   15.055  -12.225 1.00 22.96 ? 29  ILE A O   1 
ATOM   46   C CB  . ILE A 1 29  ? 2.658   15.533  -15.181 1.00 24.31 ? 29  ILE A CB  1 
ATOM   47   C CG1 . ILE A 1 29  ? 2.613   16.513  -16.365 1.00 25.90 ? 29  ILE A CG1 1 
ATOM   48   C CG2 . ILE A 1 29  ? 1.673   15.914  -14.103 1.00 23.40 ? 29  ILE A CG2 1 
ATOM   49   C CD1 . ILE A 1 29  ? 1.258   16.525  -17.102 1.00 27.38 ? 29  ILE A CD1 1 
ATOM   50   N N   . LEU A 1 30  ? 3.991   13.203  -13.535 1.00 23.90 ? 30  LEU A N   1 
ATOM   51   C CA  . LEU A 1 30  ? 3.868   12.227  -12.419 1.00 24.74 ? 30  LEU A CA  1 
ATOM   52   C C   . LEU A 1 30  ? 5.129   12.323  -11.540 1.00 25.17 ? 30  LEU A C   1 
ATOM   53   O O   . LEU A 1 30  ? 4.955   12.499  -10.334 1.00 26.20 ? 30  LEU A O   1 
ATOM   54   C CB  . LEU A 1 30  ? 3.683   10.841  -13.018 1.00 25.95 ? 30  LEU A CB  1 
ATOM   55   C CG  . LEU A 1 30  ? 2.310   10.591  -13.622 1.00 27.37 ? 30  LEU A CG  1 
ATOM   56   C CD1 . LEU A 1 30  ? 2.341   9.284   -14.386 1.00 28.64 ? 30  LEU A CD1 1 
ATOM   57   C CD2 . LEU A 1 30  ? 1.231   10.573  -12.528 1.00 27.51 ? 30  LEU A CD2 1 
ATOM   58   N N   . ALA A 1 31  ? 6.326   12.360  -12.138 1.00 26.05 ? 31  ALA A N   1 
ATOM   59   C CA  . ALA A 1 31  ? 7.598   12.486  -11.373 1.00 28.76 ? 31  ALA A CA  1 
ATOM   60   C C   . ALA A 1 31  ? 7.651   13.802  -10.592 1.00 27.10 ? 31  ALA A C   1 
ATOM   61   O O   . ALA A 1 31  ? 8.079   13.790  -9.413  1.00 25.78 ? 31  ALA A O   1 
ATOM   62   C CB  . ALA A 1 31  ? 8.791   12.316  -12.277 1.00 30.64 ? 31  ALA A CB  1 
ATOM   63   N N   . THR A 1 32  ? 7.242   14.927  -11.195 1.00 26.26 ? 32  THR A N   1 
ATOM   64   C CA  . THR A 1 32  ? 7.197   16.251  -10.520 1.00 26.62 ? 32  THR A CA  1 
ATOM   65   C C   . THR A 1 32  ? 6.286   16.174  -9.309  1.00 26.89 ? 32  THR A C   1 
ATOM   66   O O   . THR A 1 32  ? 6.665   16.711  -8.230  1.00 28.40 ? 32  THR A O   1 
ATOM   67   C CB  . THR A 1 32  ? 6.703   17.373  -11.453 1.00 25.85 ? 32  THR A CB  1 
ATOM   68   O OG1 . THR A 1 32  ? 7.665   17.411  -12.499 1.00 29.23 ? 32  THR A OG1 1 
ATOM   69   C CG2 . THR A 1 32  ? 6.547   18.707  -10.767 1.00 27.20 ? 32  THR A CG2 1 
ATOM   70   N N   . ALA A 1 33  ? 5.073   15.618  -9.495  1.00 24.50 ? 33  ALA A N   1 
ATOM   71   C CA  . ALA A 1 33  ? 4.073   15.498  -8.420  1.00 23.58 ? 33  ALA A CA  1 
ATOM   72   C C   . ALA A 1 33  ? 4.688   14.672  -7.266  1.00 23.52 ? 33  ALA A C   1 
ATOM   73   O O   . ALA A 1 33  ? 4.574   15.110  -6.092  1.00 24.97 ? 33  ALA A O   1 
ATOM   74   C CB  . ALA A 1 33  ? 2.800   14.875  -8.973  1.00 24.16 ? 33  ALA A CB  1 
ATOM   75   N N   . GLU A 1 34  ? 5.310   13.540  -7.574  1.00 25.26 ? 34  GLU A N   1 
ATOM   76   C CA  . GLU A 1 34  ? 5.867   12.643  -6.514  1.00 26.96 ? 34  GLU A CA  1 
ATOM   77   C C   . GLU A 1 34  ? 6.965   13.410  -5.770  1.00 31.43 ? 34  GLU A C   1 
ATOM   78   O O   . GLU A 1 34  ? 7.018   13.336  -4.531  1.00 28.66 ? 34  GLU A O   1 
ATOM   79   C CB  . GLU A 1 34  ? 6.361   11.324  -7.102  1.00 28.52 ? 34  GLU A CB  1 
ATOM   80   C CG  . GLU A 1 34  ? 6.909   10.372  -6.026  1.00 32.83 ? 34  GLU A CG  1 
ATOM   81   C CD  . GLU A 1 34  ? 6.830   8.895   -6.361  1.00 34.63 ? 34  GLU A CD  1 
ATOM   82   O OE1 . GLU A 1 34  ? 6.856   8.576   -7.548  1.00 34.83 ? 34  GLU A OE1 1 
ATOM   83   O OE2 . GLU A 1 34  ? 6.705   8.065   -5.429  1.00 32.72 ? 34  GLU A OE2 1 
ATOM   84   N N   . ASN A 1 35  ? 7.779   14.158  -6.515  1.00 31.28 ? 35  ASN A N   1 
ATOM   85   C CA  . ASN A 1 35  ? 8.866   15.008  -5.965  1.00 33.81 ? 35  ASN A CA  1 
ATOM   86   C C   . ASN A 1 35  ? 8.295   16.056  -5.028  1.00 30.79 ? 35  ASN A C   1 
ATOM   87   O O   . ASN A 1 35  ? 8.725   16.121  -3.877  1.00 34.76 ? 35  ASN A O   1 
ATOM   88   C CB  . ASN A 1 35  ? 9.696   15.661  -7.062  1.00 39.03 ? 35  ASN A CB  1 
ATOM   89   C CG  . ASN A 1 35  ? 11.012  14.950  -7.187  1.00 50.34 ? 35  ASN A CG  1 
ATOM   90   O OD1 . ASN A 1 35  ? 11.978  15.334  -6.522  1.00 59.09 ? 35  ASN A OD1 1 
ATOM   91   N ND2 . ASN A 1 35  ? 11.018  13.860  -7.934  1.00 53.22 ? 35  ASN A ND2 1 
ATOM   92   N N   . LEU A 1 36  ? 7.313   16.827  -5.461  1.00 29.54 ? 36  LEU A N   1 
ATOM   93   C CA  . LEU A 1 36  ? 6.745   17.929  -4.652  1.00 30.10 ? 36  LEU A CA  1 
ATOM   94   C C   . LEU A 1 36  ? 5.977   17.420  -3.429  1.00 30.37 ? 36  LEU A C   1 
ATOM   95   O O   . LEU A 1 36  ? 5.949   18.152  -2.409  1.00 29.59 ? 36  LEU A O   1 
ATOM   96   C CB  . LEU A 1 36  ? 5.867   18.802  -5.549  1.00 32.95 ? 36  LEU A CB  1 
ATOM   97   C CG  . LEU A 1 36  ? 6.646   19.549  -6.638  1.00 36.06 ? 36  LEU A CG  1 
ATOM   98   C CD1 . LEU A 1 36  ? 5.706   20.417  -7.464  1.00 35.99 ? 36  LEU A CD1 1 
ATOM   99   C CD2 . LEU A 1 36  ? 7.770   20.384  -6.035  1.00 37.02 ? 36  LEU A CD2 1 
ATOM   100  N N   . LEU A 1 37  ? 5.325   16.253  -3.516  1.00 28.07 ? 37  LEU A N   1 
ATOM   101  C CA  . LEU A 1 37  ? 4.629   15.644  -2.362  1.00 26.36 ? 37  LEU A CA  1 
ATOM   102  C C   . LEU A 1 37  ? 5.609   15.267  -1.237  1.00 25.96 ? 37  LEU A C   1 
ATOM   103  O O   . LEU A 1 37  ? 5.133   15.146  -0.095  1.00 28.32 ? 37  LEU A O   1 
ATOM   104  C CB  . LEU A 1 37  ? 3.781   14.452  -2.819  1.00 26.17 ? 37  LEU A CB  1 
ATOM   105  C CG  . LEU A 1 37  ? 2.475   14.858  -3.515  1.00 25.10 ? 37  LEU A CG  1 
ATOM   106  C CD1 . LEU A 1 37  ? 1.886   13.685  -4.276  1.00 27.34 ? 37  LEU A CD1 1 
ATOM   107  C CD2 . LEU A 1 37  ? 1.485   15.470  -2.548  1.00 27.60 ? 37  LEU A CD2 1 
ATOM   108  N N   . GLU A 1 38  ? 6.883   15.092  -1.534  1.00 31.25 ? 38  GLU A N   1 
ATOM   109  C CA  . GLU A 1 38  ? 7.918   14.878  -0.486  1.00 39.05 ? 38  GLU A CA  1 
ATOM   110  C C   . GLU A 1 38  ? 8.087   16.157  0.340   1.00 42.42 ? 38  GLU A C   1 
ATOM   111  O O   . GLU A 1 38  ? 8.267   16.013  1.530   1.00 46.09 ? 38  GLU A O   1 
ATOM   112  C CB  . GLU A 1 38  ? 9.194   14.359  -1.130  1.00 43.19 ? 38  GLU A CB  1 
ATOM   113  C CG  . GLU A 1 38  ? 9.090   12.874  -1.393  1.00 50.54 ? 38  GLU A CG  1 
ATOM   114  C CD  . GLU A 1 38  ? 9.860   12.405  -2.603  1.00 61.36 ? 38  GLU A CD  1 
ATOM   115  O OE1 . GLU A 1 38  ? 11.049  12.787  -2.725  1.00 61.39 ? 38  GLU A OE1 1 
ATOM   116  O OE2 . GLU A 1 38  ? 9.245   11.699  -3.440  1.00 65.79 ? 38  GLU A OE2 1 
ATOM   117  N N   . ASP A 1 39  ? 7.884   17.340  -0.251  1.00 44.31 ? 39  ASP A N   1 
ATOM   118  C CA  . ASP A 1 39  ? 8.089   18.662  0.402   1.00 50.13 ? 39  ASP A CA  1 
ATOM   119  C C   . ASP A 1 39  ? 6.837   19.136  1.127   1.00 48.11 ? 39  ASP A C   1 
ATOM   120  O O   . ASP A 1 39  ? 6.989   19.771  2.169   1.00 44.60 ? 39  ASP A O   1 
ATOM   121  C CB  . ASP A 1 39  ? 8.434   19.758  -0.604  1.00 57.12 ? 39  ASP A CB  1 
ATOM   122  C CG  . ASP A 1 39  ? 9.919   19.842  -0.861  1.00 70.84 ? 39  ASP A CG  1 
ATOM   123  O OD1 . ASP A 1 39  ? 10.656  18.946  -0.372  1.00 73.03 ? 39  ASP A OD1 1 
ATOM   124  O OD2 . ASP A 1 39  ? 10.325  20.802  -1.539  1.00 83.65 ? 39  ASP A OD2 1 
ATOM   125  N N   . ARG A 1 40  ? 5.652   18.917  0.564   1.00 42.23 ? 40  ARG A N   1 
ATOM   126  C CA  . ARG A 1 40  ? 4.435   19.577  1.069   1.00 40.10 ? 40  ARG A CA  1 
ATOM   127  C C   . ARG A 1 40  ? 3.209   18.816  0.620   1.00 36.06 ? 40  ARG A C   1 
ATOM   128  O O   . ARG A 1 40  ? 3.297   17.987  -0.281  1.00 32.21 ? 40  ARG A O   1 
ATOM   129  C CB  . ARG A 1 40  ? 4.366   21.026  0.583   1.00 47.69 ? 40  ARG A CB  1 
ATOM   130  C CG  . ARG A 1 40  ? 4.777   21.245  -0.863  1.00 49.51 ? 40  ARG A CG  1 
ATOM   131  C CD  . ARG A 1 40  ? 4.817   22.755  -1.055  1.00 51.84 ? 40  ARG A CD  1 
ATOM   132  N NE  . ARG A 1 40  ? 4.496   23.169  -2.406  1.00 52.51 ? 40  ARG A NE  1 
ATOM   133  C CZ  . ARG A 1 40  ? 5.347   23.176  -3.426  1.00 49.04 ? 40  ARG A CZ  1 
ATOM   134  N NH1 . ARG A 1 40  ? 6.596   22.775  -3.272  1.00 46.97 ? 40  ARG A NH1 1 
ATOM   135  N NH2 . ARG A 1 40  ? 4.923   23.564  -4.612  1.00 46.88 ? 40  ARG A NH2 1 
ATOM   136  N N   . PRO A 1 41  ? 2.056   19.106  1.250   1.00 34.17 ? 41  PRO A N   1 
ATOM   137  C CA  . PRO A 1 41  ? 0.795   18.431  0.961   1.00 36.28 ? 41  PRO A CA  1 
ATOM   138  C C   . PRO A 1 41  ? 0.280   18.816  -0.426  1.00 38.44 ? 41  PRO A C   1 
ATOM   139  O O   . PRO A 1 41  ? 0.703   19.882  -0.918  1.00 37.07 ? 41  PRO A O   1 
ATOM   140  C CB  . PRO A 1 41  ? -0.218  18.987  1.986   1.00 37.98 ? 41  PRO A CB  1 
ATOM   141  C CG  . PRO A 1 41  ? 0.633   19.697  3.012   1.00 38.27 ? 41  PRO A CG  1 
ATOM   142  C CD  . PRO A 1 41  ? 1.885   20.145  2.277   1.00 35.37 ? 41  PRO A CD  1 
ATOM   143  N N   . LEU A 1 42  ? -0.667  18.029  -0.945  1.00 34.53 ? 42  LEU A N   1 
ATOM   144  C CA  . LEU A 1 42  ? -1.300  18.267  -2.264  1.00 40.43 ? 42  LEU A CA  1 
ATOM   145  C C   . LEU A 1 42  ? -1.954  19.662  -2.280  1.00 39.79 ? 42  LEU A C   1 
ATOM   146  O O   . LEU A 1 42  ? -1.706  20.404  -3.226  1.00 40.36 ? 42  LEU A O   1 
ATOM   147  C CB  . LEU A 1 42  ? -2.319  17.169  -2.579  1.00 35.65 ? 42  LEU A CB  1 
ATOM   148  C CG  . LEU A 1 42  ? -2.859  17.235  -4.009  1.00 37.91 ? 42  LEU A CG  1 
ATOM   149  C CD1 . LEU A 1 42  ? -1.741  17.043  -5.029  1.00 38.41 ? 42  LEU A CD1 1 
ATOM   150  C CD2 . LEU A 1 42  ? -3.985  16.240  -4.248  1.00 38.73 ? 42  LEU A CD2 1 
ATOM   151  N N   . ALA A 1 43  ? -2.723  20.015  -1.254  1.00 45.05 ? 43  ALA A N   1 
ATOM   152  C CA  . ALA A 1 43  ? -3.350  21.351  -1.081  1.00 43.44 ? 43  ALA A CA  1 
ATOM   153  C C   . ALA A 1 43  ? -2.339  22.486  -1.321  1.00 42.24 ? 43  ALA A C   1 
ATOM   154  O O   . ALA A 1 43  ? -2.762  23.539  -1.787  1.00 48.07 ? 43  ALA A O   1 
ATOM   155  C CB  . ALA A 1 43  ? -3.962  21.450  0.294   1.00 39.74 ? 43  ALA A CB  1 
ATOM   156  N N   . ASP A 1 44  ? -1.049  22.291  -1.045  1.00 39.46 ? 44  ASP A N   1 
ATOM   157  C CA  . ASP A 1 44  ? -0.021  23.359  -1.143  1.00 38.64 ? 44  ASP A CA  1 
ATOM   158  C C   . ASP A 1 44  ? 0.735   23.266  -2.461  1.00 38.71 ? 44  ASP A C   1 
ATOM   159  O O   . ASP A 1 44  ? 1.728   23.983  -2.617  1.00 37.34 ? 44  ASP A O   1 
ATOM   160  C CB  . ASP A 1 44  ? 0.966   23.292  0.020   1.00 43.78 ? 44  ASP A CB  1 
ATOM   161  C CG  . ASP A 1 44  ? 0.398   23.769  1.342   1.00 48.37 ? 44  ASP A CG  1 
ATOM   162  O OD1 . ASP A 1 44  ? -0.816  24.020  1.406   1.00 53.42 ? 44  ASP A OD1 1 
ATOM   163  O OD2 . ASP A 1 44  ? 1.183   23.893  2.296   1.00 56.92 ? 44  ASP A OD2 1 
ATOM   164  N N   . ILE A 1 45  ? 0.323   22.370  -3.358  1.00 40.65 ? 45  ILE A N   1 
ATOM   165  C CA  . ILE A 1 45  ? 0.947   22.230  -4.698  1.00 37.99 ? 45  ILE A CA  1 
ATOM   166  C C   . ILE A 1 45  ? -0.099  22.711  -5.707  1.00 39.24 ? 45  ILE A C   1 
ATOM   167  O O   . ILE A 1 45  ? -1.281  22.299  -5.582  1.00 39.10 ? 45  ILE A O   1 
ATOM   168  C CB  . ILE A 1 45  ? 1.397   20.782  -4.969  1.00 37.38 ? 45  ILE A CB  1 
ATOM   169  C CG1 . ILE A 1 45  ? 2.338   20.257  -3.880  1.00 34.42 ? 45  ILE A CG1 1 
ATOM   170  C CG2 . ILE A 1 45  ? 2.034   20.662  -6.340  1.00 35.73 ? 45  ILE A CG2 1 
ATOM   171  C CD1 . ILE A 1 45  ? 2.604   18.776  -3.992  1.00 34.29 ? 45  ILE A CD1 1 
ATOM   172  N N   . SER A 1 46  ? 0.305   23.581  -6.633  1.00 39.72 ? 46  SER A N   1 
ATOM   173  C CA  . SER A 1 46  ? -0.614  24.157  -7.650  1.00 42.52 ? 46  SER A CA  1 
ATOM   174  C C   . SER A 1 46  ? -0.430  23.395  -8.958  1.00 38.58 ? 46  SER A C   1 
ATOM   175  O O   . SER A 1 46  ? 0.655   22.858  -9.208  1.00 35.13 ? 46  SER A O   1 
ATOM   176  C CB  . SER A 1 46  ? -0.410  25.645  -7.862  1.00 37.97 ? 46  SER A CB  1 
ATOM   177  O OG  . SER A 1 46  ? 0.895   25.890  -8.346  1.00 40.35 ? 46  SER A OG  1 
ATOM   178  N N   . VAL A 1 47  ? -1.452  23.414  -9.798  1.00 41.91 ? 47  VAL A N   1 
ATOM   179  C CA  . VAL A 1 47  ? -1.288  22.990  -11.215 1.00 39.63 ? 47  VAL A CA  1 
ATOM   180  C C   . VAL A 1 47  ? -0.062  23.704  -11.813 1.00 32.45 ? 47  VAL A C   1 
ATOM   181  O O   . VAL A 1 47  ? 0.700   23.057  -12.540 1.00 30.21 ? 47  VAL A O   1 
ATOM   182  C CB  . VAL A 1 47  ? -2.604  23.201  -11.988 1.00 40.31 ? 47  VAL A CB  1 
ATOM   183  C CG1 . VAL A 1 47  ? -2.388  23.099  -13.493 1.00 42.12 ? 47  VAL A CG1 1 
ATOM   184  C CG2 . VAL A 1 47  ? -3.653  22.195  -11.523 1.00 40.64 ? 47  VAL A CG2 1 
ATOM   185  N N   . ASP A 1 48  ? 0.148   24.997  -11.547 1.00 40.73 ? 48  ASP A N   1 
ATOM   186  C CA  . ASP A 1 48  ? 1.286   25.750  -12.153 1.00 41.94 ? 48  ASP A CA  1 
ATOM   187  C C   . ASP A 1 48  ? 2.611   25.151  -11.673 1.00 39.78 ? 48  ASP A C   1 
ATOM   188  O O   . ASP A 1 48  ? 3.514   24.973  -12.515 1.00 38.07 ? 48  ASP A O   1 
ATOM   189  C CB  . ASP A 1 48  ? 1.190   27.266  -11.920 1.00 49.97 ? 48  ASP A CB  1 
ATOM   190  C CG  . ASP A 1 48  ? 0.001   27.946  -12.617 1.00 53.04 ? 48  ASP A CG  1 
ATOM   191  O OD1 . ASP A 1 48  ? -0.464  27.479  -13.708 1.00 48.49 ? 48  ASP A OD1 1 
ATOM   192  O OD2 . ASP A 1 48  ? -0.469  28.944  -12.071 1.00 54.44 ? 48  ASP A OD2 1 
ATOM   193  N N   . ASP A 1 49  ? 2.702   24.764  -10.388 1.00 43.63 ? 49  ASP A N   1 
ATOM   194  C CA  . ASP A 1 49  ? 3.882   24.045  -9.834  1.00 38.55 ? 49  ASP A CA  1 
ATOM   195  C C   . ASP A 1 49  ? 4.141   22.762  -10.638 1.00 33.66 ? 49  ASP A C   1 
ATOM   196  O O   . ASP A 1 49  ? 5.314   22.495  -11.015 1.00 32.59 ? 49  ASP A O   1 
ATOM   197  C CB  . ASP A 1 49  ? 3.694   23.752  -8.339  1.00 42.38 ? 49  ASP A CB  1 
ATOM   198  C CG  . ASP A 1 49  ? 3.573   24.987  -7.463  1.00 44.83 ? 49  ASP A CG  1 
ATOM   199  O OD1 . ASP A 1 49  ? 4.300   25.948  -7.717  1.00 45.11 ? 49  ASP A OD1 1 
ATOM   200  O OD2 . ASP A 1 49  ? 2.749   24.970  -6.525  1.00 47.99 ? 49  ASP A OD2 1 
ATOM   201  N N   . LEU A 1 50  ? 3.097   21.973  -10.945 1.00 31.32 ? 50  LEU A N   1 
ATOM   202  C CA  . LEU A 1 50  ? 3.285   20.687  -11.677 1.00 29.62 ? 50  LEU A CA  1 
ATOM   203  C C   . LEU A 1 50  ? 3.696   20.958  -13.116 1.00 28.01 ? 50  LEU A C   1 
ATOM   204  O O   . LEU A 1 50  ? 4.550   20.225  -13.653 1.00 27.70 ? 50  LEU A O   1 
ATOM   205  C CB  . LEU A 1 50  ? 1.980   19.889  -11.599 1.00 28.76 ? 50  LEU A CB  1 
ATOM   206  C CG  . LEU A 1 50  ? 1.562   19.517  -10.177 1.00 32.00 ? 50  LEU A CG  1 
ATOM   207  C CD1 . LEU A 1 50  ? 0.209   18.820  -10.168 1.00 34.27 ? 50  LEU A CD1 1 
ATOM   208  C CD2 . LEU A 1 50  ? 2.635   18.654  -9.510  1.00 35.14 ? 50  LEU A CD2 1 
ATOM   209  N N   . ALA A 1 51  ? 3.040   21.949  -13.738 1.00 32.03 ? 51  ALA A N   1 
ATOM   210  C CA  . ALA A 1 51  ? 3.354   22.401  -15.113 1.00 32.66 ? 51  ALA A CA  1 
ATOM   211  C C   . ALA A 1 51  ? 4.816   22.853  -15.150 1.00 29.90 ? 51  ALA A C   1 
ATOM   212  O O   . ALA A 1 51  ? 5.595   22.279  -15.921 1.00 28.89 ? 51  ALA A O   1 
ATOM   213  C CB  . ALA A 1 51  ? 2.392   23.499  -15.505 1.00 30.07 ? 51  ALA A CB  1 
ATOM   214  N N   . LYS A 1 52  ? 5.162   23.819  -14.307 1.00 37.62 ? 52  LYS A N   1 
ATOM   215  C CA  . LYS A 1 52  ? 6.550   24.365  -14.230 1.00 42.76 ? 52  LYS A CA  1 
ATOM   216  C C   . LYS A 1 52  ? 7.511   23.179  -14.131 1.00 42.36 ? 52  LYS A C   1 
ATOM   217  O O   . LYS A 1 52  ? 8.398   23.035  -14.994 1.00 35.89 ? 52  LYS A O   1 
ATOM   218  C CB  . LYS A 1 52  ? 6.637   25.295  -13.016 1.00 53.40 ? 52  LYS A CB  1 
ATOM   219  C CG  . LYS A 1 52  ? 7.586   26.483  -13.102 1.00 58.99 ? 52  LYS A CG  1 
ATOM   220  C CD  . LYS A 1 52  ? 7.410   27.428  -11.914 1.00 62.65 ? 52  LYS A CD  1 
ATOM   221  C CE  . LYS A 1 52  ? 6.185   28.321  -12.022 1.00 68.88 ? 52  LYS A CE  1 
ATOM   222  N NZ  . LYS A 1 52  ? 6.486   29.550  -12.799 1.00 76.79 ? 52  LYS A NZ  1 
ATOM   223  N N   . GLY A 1 53  ? 7.293   22.287  -13.148 1.00 41.51 ? 53  GLY A N   1 
ATOM   224  C CA  . GLY A 1 53  ? 8.204   21.160  -12.877 1.00 33.08 ? 53  GLY A CA  1 
ATOM   225  C C   . GLY A 1 53  ? 8.385   20.241  -14.059 1.00 30.04 ? 53  GLY A C   1 
ATOM   226  O O   . GLY A 1 53  ? 9.497   19.729  -14.240 1.00 31.51 ? 53  GLY A O   1 
ATOM   227  N N   . ALA A 1 54  ? 7.347   20.027  -14.870 1.00 28.20 ? 54  ALA A N   1 
ATOM   228  C CA  . ALA A 1 54  ? 7.376   19.103  -16.026 1.00 30.39 ? 54  ALA A CA  1 
ATOM   229  C C   . ALA A 1 54  ? 7.757   19.835  -17.323 1.00 32.21 ? 54  ALA A C   1 
ATOM   230  O O   . ALA A 1 54  ? 7.861   19.150  -18.354 1.00 34.67 ? 54  ALA A O   1 
ATOM   231  C CB  . ALA A 1 54  ? 6.014   18.457  -16.158 1.00 33.25 ? 54  ALA A CB  1 
ATOM   232  N N   . GLY A 1 55  ? 7.987   21.159  -17.271 1.00 36.51 ? 55  GLY A N   1 
ATOM   233  C CA  . GLY A 1 55  ? 8.473   21.951  -18.432 1.00 36.63 ? 55  GLY A CA  1 
ATOM   234  C C   . GLY A 1 55  ? 7.396   22.111  -19.502 1.00 31.37 ? 55  GLY A C   1 
ATOM   235  O O   . GLY A 1 55  ? 7.662   21.848  -20.698 1.00 35.16 ? 55  GLY A O   1 
ATOM   236  N N   . ILE A 1 56  ? 6.180   22.370  -19.056 1.00 31.29 ? 56  ILE A N   1 
ATOM   237  C CA  . ILE A 1 56  ? 4.984   22.518  -19.936 1.00 28.04 ? 56  ILE A CA  1 
ATOM   238  C C   . ILE A 1 56  ? 4.196   23.680  -19.409 1.00 26.38 ? 56  ILE A C   1 
ATOM   239  O O   . ILE A 1 56  ? 4.358   24.053  -18.240 1.00 26.76 ? 56  ILE A O   1 
ATOM   240  C CB  . ILE A 1 56  ? 4.101   21.250  -20.009 1.00 28.67 ? 56  ILE A CB  1 
ATOM   241  C CG1 . ILE A 1 56  ? 3.621   20.812  -18.621 1.00 29.40 ? 56  ILE A CG1 1 
ATOM   242  C CG2 . ILE A 1 56  ? 4.810   20.156  -20.794 1.00 31.20 ? 56  ILE A CG2 1 
ATOM   243  C CD1 . ILE A 1 56  ? 2.624   19.644  -18.620 1.00 30.45 ? 56  ILE A CD1 1 
ATOM   244  N N   . SER A 1 57  ? 3.254   24.169  -20.229 1.00 26.07 ? 57  SER A N   1 
ATOM   245  C CA  . SER A 1 57  ? 2.314   25.221  -19.802 1.00 24.05 ? 57  SER A CA  1 
ATOM   246  C C   . SER A 1 57  ? 1.181   24.604  -18.988 1.00 23.31 ? 57  SER A C   1 
ATOM   247  O O   . SER A 1 57  ? 0.930   23.383  -19.096 1.00 23.24 ? 57  SER A O   1 
ATOM   248  C CB  . SER A 1 57  ? 1.789   25.937  -21.026 1.00 24.98 ? 57  SER A CB  1 
ATOM   249  O OG  . SER A 1 57  ? 0.954   25.041  -21.749 1.00 22.23 ? 57  SER A OG  1 
ATOM   250  N N   . ARG A 1 58  ? 0.447   25.445  -18.284 1.00 21.69 ? 58  ARG A N   1 
ATOM   251  C CA  . ARG A 1 58  ? -0.788  25.056  -17.566 1.00 26.92 ? 58  ARG A CA  1 
ATOM   252  C C   . ARG A 1 58  ? -1.816  24.445  -18.518 1.00 27.98 ? 58  ARG A C   1 
ATOM   253  O O   . ARG A 1 58  ? -2.377  23.379  -18.226 1.00 22.05 ? 58  ARG A O   1 
ATOM   254  C CB  . ARG A 1 58  ? -1.276  26.274  -16.776 1.00 29.94 ? 58  ARG A CB  1 
ATOM   255  C CG  . ARG A 1 58  ? -2.638  26.198  -16.114 1.00 34.35 ? 58  ARG A CG  1 
ATOM   256  C CD  . ARG A 1 58  ? -2.998  27.580  -15.560 1.00 42.40 ? 58  ARG A CD  1 
ATOM   257  N NE  . ARG A 1 58  ? -4.297  27.511  -14.940 1.00 51.53 ? 58  ARG A NE  1 
ATOM   258  C CZ  . ARG A 1 58  ? -4.534  27.001  -13.719 1.00 65.47 ? 58  ARG A CZ  1 
ATOM   259  N NH1 . ARG A 1 58  ? -5.770  26.949  -13.238 1.00 64.46 ? 58  ARG A NH1 1 
ATOM   260  N NH2 . ARG A 1 58  ? -3.542  26.541  -12.971 1.00 63.85 ? 58  ARG A NH2 1 
ATOM   261  N N   . PRO A 1 59  ? -2.177  25.064  -19.679 1.00 25.57 ? 59  PRO A N   1 
ATOM   262  C CA  . PRO A 1 59  ? -3.138  24.396  -20.554 1.00 21.89 ? 59  PRO A CA  1 
ATOM   263  C C   . PRO A 1 59  ? -2.631  23.043  -21.067 1.00 19.15 ? 59  PRO A C   1 
ATOM   264  O O   . PRO A 1 59  ? -3.441  22.124  -21.219 1.00 20.79 ? 59  PRO A O   1 
ATOM   265  C CB  . PRO A 1 59  ? -3.376  25.384  -21.722 1.00 21.95 ? 59  PRO A CB  1 
ATOM   266  C CG  . PRO A 1 59  ? -2.312  26.430  -21.578 1.00 24.20 ? 59  PRO A CG  1 
ATOM   267  C CD  . PRO A 1 59  ? -1.813  26.425  -20.135 1.00 25.31 ? 59  PRO A CD  1 
ATOM   268  N N   . THR A 1 60  ? -1.333  22.904  -21.288 1.00 19.80 ? 60  THR A N   1 
ATOM   269  C CA  . THR A 1 60  ? -0.804  21.597  -21.748 1.00 20.02 ? 60  THR A CA  1 
ATOM   270  C C   . THR A 1 60  ? -1.036  20.552  -20.636 1.00 21.06 ? 60  THR A C   1 
ATOM   271  O O   . THR A 1 60  ? -1.403  19.415  -20.954 1.00 21.80 ? 60  THR A O   1 
ATOM   272  C CB  . THR A 1 60  ? 0.628   21.698  -22.271 1.00 22.08 ? 60  THR A CB  1 
ATOM   273  O OG1 . THR A 1 60  ? 0.658   22.515  -23.439 1.00 21.23 ? 60  THR A OG1 1 
ATOM   274  C CG2 . THR A 1 60  ? 1.187   20.351  -22.690 1.00 22.24 ? 60  THR A CG2 1 
ATOM   275  N N   . PHE A 1 61  ? -0.794  20.925  -19.393 1.00 20.84 ? 61  PHE A N   1 
ATOM   276  C CA  . PHE A 1 61  ? -1.054  20.042  -18.219 1.00 24.83 ? 61  PHE A CA  1 
ATOM   277  C C   . PHE A 1 61  ? -2.484  19.494  -18.299 1.00 27.95 ? 61  PHE A C   1 
ATOM   278  O O   . PHE A 1 61  ? -2.697  18.267  -18.165 1.00 25.03 ? 61  PHE A O   1 
ATOM   279  C CB  . PHE A 1 61  ? -0.912  20.819  -16.918 1.00 25.04 ? 61  PHE A CB  1 
ATOM   280  C CG  . PHE A 1 61  ? -1.365  20.050  -15.697 1.00 24.84 ? 61  PHE A CG  1 
ATOM   281  C CD1 . PHE A 1 61  ? -2.686  20.120  -15.282 1.00 26.61 ? 61  PHE A CD1 1 
ATOM   282  C CD2 . PHE A 1 61  ? -0.478  19.257  -14.979 1.00 25.23 ? 61  PHE A CD2 1 
ATOM   283  C CE1 . PHE A 1 61  ? -3.124  19.429  -14.157 1.00 29.17 ? 61  PHE A CE1 1 
ATOM   284  C CE2 . PHE A 1 61  ? -0.920  18.572  -13.852 1.00 28.33 ? 61  PHE A CE2 1 
ATOM   285  C CZ  . PHE A 1 61  ? -2.232  18.659  -13.441 1.00 28.49 ? 61  PHE A CZ  1 
ATOM   286  N N   . TYR A 1 62  ? -3.454  20.393  -18.525 1.00 25.39 ? 62  TYR A N   1 
ATOM   287  C CA  . TYR A 1 62  ? -4.899  20.069  -18.478 1.00 24.31 ? 62  TYR A CA  1 
ATOM   288  C C   . TYR A 1 62  ? -5.264  19.162  -19.641 1.00 23.53 ? 62  TYR A C   1 
ATOM   289  O O   . TYR A 1 62  ? -6.332  18.537  -19.581 1.00 25.84 ? 62  TYR A O   1 
ATOM   290  C CB  . TYR A 1 62  ? -5.755  21.328  -18.479 1.00 24.38 ? 62  TYR A CB  1 
ATOM   291  C CG  . TYR A 1 62  ? -5.880  21.954  -17.130 1.00 27.78 ? 62  TYR A CG  1 
ATOM   292  C CD1 . TYR A 1 62  ? -6.442  21.235  -16.081 1.00 25.77 ? 62  TYR A CD1 1 
ATOM   293  C CD2 . TYR A 1 62  ? -5.427  23.236  -16.888 1.00 30.17 ? 62  TYR A CD2 1 
ATOM   294  C CE1 . TYR A 1 62  ? -6.579  21.807  -14.829 1.00 27.47 ? 62  TYR A CE1 1 
ATOM   295  C CE2 . TYR A 1 62  ? -5.550  23.812  -15.634 1.00 35.60 ? 62  TYR A CE2 1 
ATOM   296  C CZ  . TYR A 1 62  ? -6.143  23.090  -14.603 1.00 32.31 ? 62  TYR A CZ  1 
ATOM   297  O OH  . TYR A 1 62  ? -6.229  23.640  -13.360 1.00 33.24 ? 62  TYR A OH  1 
ATOM   298  N N   . PHE A 1 63  ? -4.402  19.048  -20.651 1.00 24.70 ? 63  PHE A N   1 
ATOM   299  C CA  . PHE A 1 63  ? -4.576  18.027  -21.701 1.00 24.62 ? 63  PHE A CA  1 
ATOM   300  C C   . PHE A 1 63  ? -4.309  16.629  -21.111 1.00 29.68 ? 63  PHE A C   1 
ATOM   301  O O   . PHE A 1 63  ? -4.942  15.678  -21.533 1.00 27.70 ? 63  PHE A O   1 
ATOM   302  C CB  . PHE A 1 63  ? -3.655  18.274  -22.893 1.00 25.98 ? 63  PHE A CB  1 
ATOM   303  C CG  . PHE A 1 63  ? -3.832  17.316  -24.043 1.00 26.58 ? 63  PHE A CG  1 
ATOM   304  C CD1 . PHE A 1 63  ? -4.911  17.448  -24.912 1.00 30.27 ? 63  PHE A CD1 1 
ATOM   305  C CD2 . PHE A 1 63  ? -2.945  16.270  -24.255 1.00 30.06 ? 63  PHE A CD2 1 
ATOM   306  C CE1 . PHE A 1 63  ? -5.095  16.559  -25.964 1.00 31.16 ? 63  PHE A CE1 1 
ATOM   307  C CE2 . PHE A 1 63  ? -3.113  15.396  -25.330 1.00 32.15 ? 63  PHE A CE2 1 
ATOM   308  C CZ  . PHE A 1 63  ? -4.179  15.544  -26.185 1.00 33.06 ? 63  PHE A CZ  1 
ATOM   309  N N   . TYR A 1 64  ? -3.312  16.466  -20.240 1.00 27.30 ? 64  TYR A N   1 
ATOM   310  C CA  . TYR A 1 64  ? -2.904  15.118  -19.749 1.00 27.46 ? 64  TYR A CA  1 
ATOM   311  C C   . TYR A 1 64  ? -3.712  14.751  -18.494 1.00 26.05 ? 64  TYR A C   1 
ATOM   312  O O   . TYR A 1 64  ? -3.976  13.598  -18.325 1.00 27.19 ? 64  TYR A O   1 
ATOM   313  C CB  . TYR A 1 64  ? -1.401  15.114  -19.474 1.00 27.29 ? 64  TYR A CB  1 
ATOM   314  C CG  . TYR A 1 64  ? -0.574  15.184  -20.714 1.00 28.69 ? 64  TYR A CG  1 
ATOM   315  C CD1 . TYR A 1 64  ? -0.343  14.048  -21.466 1.00 32.05 ? 64  TYR A CD1 1 
ATOM   316  C CD2 . TYR A 1 64  ? -0.069  16.386  -21.176 1.00 27.75 ? 64  TYR A CD2 1 
ATOM   317  C CE1 . TYR A 1 64  ? 0.394   14.094  -22.638 1.00 33.37 ? 64  TYR A CE1 1 
ATOM   318  C CE2 . TYR A 1 64  ? 0.679   16.449  -22.340 1.00 28.40 ? 64  TYR A CE2 1 
ATOM   319  C CZ  . TYR A 1 64  ? 0.920   15.299  -23.067 1.00 33.64 ? 64  TYR A CZ  1 
ATOM   320  O OH  . TYR A 1 64  ? 1.675   15.357  -24.202 1.00 31.88 ? 64  TYR A OH  1 
ATOM   321  N N   . PHE A 1 65  ? -4.075  15.714  -17.653 1.00 25.16 ? 65  PHE A N   1 
ATOM   322  C CA  . PHE A 1 65  ? -4.823  15.480  -16.401 1.00 26.19 ? 65  PHE A CA  1 
ATOM   323  C C   . PHE A 1 65  ? -5.866  16.560  -16.209 1.00 29.15 ? 65  PHE A C   1 
ATOM   324  O O   . PHE A 1 65  ? -5.575  17.759  -16.345 1.00 25.86 ? 65  PHE A O   1 
ATOM   325  C CB  . PHE A 1 65  ? -3.889  15.474  -15.176 1.00 25.31 ? 65  PHE A CB  1 
ATOM   326  C CG  . PHE A 1 65  ? -2.924  14.318  -15.184 1.00 25.37 ? 65  PHE A CG  1 
ATOM   327  C CD1 . PHE A 1 65  ? -3.310  13.061  -14.724 1.00 24.40 ? 65  PHE A CD1 1 
ATOM   328  C CD2 . PHE A 1 65  ? -1.644  14.465  -15.698 1.00 24.92 ? 65  PHE A CD2 1 
ATOM   329  C CE1 . PHE A 1 65  ? -2.429  11.996  -14.762 1.00 24.42 ? 65  PHE A CE1 1 
ATOM   330  C CE2 . PHE A 1 65  ? -0.778  13.391  -15.758 1.00 26.96 ? 65  PHE A CE2 1 
ATOM   331  C CZ  . PHE A 1 65  ? -1.162  12.159  -15.255 1.00 26.25 ? 65  PHE A CZ  1 
ATOM   332  N N   . PRO A 1 66  ? -7.080  16.161  -15.785 1.00 28.01 ? 66  PRO A N   1 
ATOM   333  C CA  . PRO A 1 66  ? -8.110  17.130  -15.443 1.00 28.92 ? 66  PRO A CA  1 
ATOM   334  C C   . PRO A 1 66  ? -7.869  17.944  -14.175 1.00 30.25 ? 66  PRO A C   1 
ATOM   335  O O   . PRO A 1 66  ? -8.519  18.961  -14.005 1.00 30.99 ? 66  PRO A O   1 
ATOM   336  C CB  . PRO A 1 66  ? -9.379  16.279  -15.312 1.00 31.43 ? 66  PRO A CB  1 
ATOM   337  C CG  . PRO A 1 66  ? -8.887  14.873  -15.062 1.00 33.96 ? 66  PRO A CG  1 
ATOM   338  C CD  . PRO A 1 66  ? -7.557  14.763  -15.756 1.00 29.48 ? 66  PRO A CD  1 
ATOM   339  N N   . SER A 1 67  ? -6.949  17.513  -13.287 1.00 27.74 ? 67  SER A N   1 
ATOM   340  C CA  . SER A 1 67  ? -6.745  18.154  -11.965 1.00 29.40 ? 67  SER A CA  1 
ATOM   341  C C   . SER A 1 67  ? -5.464  17.611  -11.318 1.00 26.48 ? 67  SER A C   1 
ATOM   342  O O   . SER A 1 67  ? -5.019  16.515  -11.731 1.00 24.30 ? 67  SER A O   1 
ATOM   343  C CB  . SER A 1 67  ? -7.900  17.882  -11.031 1.00 31.65 ? 67  SER A CB  1 
ATOM   344  O OG  . SER A 1 67  ? -8.021  16.484  -10.866 1.00 32.77 ? 67  SER A OG  1 
ATOM   345  N N   . LYS A 1 68  ? -4.951  18.303  -10.304 1.00 30.60 ? 68  LYS A N   1 
ATOM   346  C CA  . LYS A 1 68  ? -3.817  17.760  -9.496  1.00 29.58 ? 68  LYS A CA  1 
ATOM   347  C C   . LYS A 1 68  ? -4.301  16.486  -8.771  1.00 29.80 ? 68  LYS A C   1 
ATOM   348  O O   . LYS A 1 68  ? -3.478  15.533  -8.682  1.00 27.26 ? 68  LYS A O   1 
ATOM   349  C CB  . LYS A 1 68  ? -3.235  18.835  -8.577  1.00 32.46 ? 68  LYS A CB  1 
ATOM   350  C CG  . LYS A 1 68  ? -4.175  19.302  -7.478  1.00 37.16 ? 68  LYS A CG  1 
ATOM   351  C CD  . LYS A 1 68  ? -3.630  20.473  -6.686  1.00 41.20 ? 68  LYS A CD  1 
ATOM   352  C CE  . LYS A 1 68  ? -4.566  20.875  -5.563  1.00 44.71 ? 68  LYS A CE  1 
ATOM   353  N NZ  . LYS A 1 68  ? -4.021  22.012  -4.793  1.00 47.97 ? 68  LYS A NZ  1 
ATOM   354  N N   . GLU A 1 69  ? -5.588  16.427  -8.393  1.00 30.40 ? 69  GLU A N   1 
ATOM   355  C CA  . GLU A 1 69  ? -6.244  15.271  -7.709  1.00 30.77 ? 69  GLU A CA  1 
ATOM   356  C C   . GLU A 1 69  ? -6.162  14.041  -8.604  1.00 30.52 ? 69  GLU A C   1 
ATOM   357  O O   . GLU A 1 69  ? -5.832  12.971  -8.106  1.00 27.97 ? 69  GLU A O   1 
ATOM   358  C CB  . GLU A 1 69  ? -7.691  15.573  -7.307  1.00 31.74 ? 69  GLU A CB  1 
ATOM   359  C CG  . GLU A 1 69  ? -7.791  16.634  -6.220  1.00 35.46 ? 69  GLU A CG  1 
ATOM   360  C CD  . GLU A 1 69  ? -7.796  18.101  -6.652  1.00 41.51 ? 69  GLU A CD  1 
ATOM   361  O OE1 . GLU A 1 69  ? -7.692  18.387  -7.858  1.00 38.09 ? 69  GLU A OE1 1 
ATOM   362  O OE2 . GLU A 1 69  ? -7.903  18.959  -5.768  1.00 46.43 ? 69  GLU A OE2 1 
ATOM   363  N N   . ALA A 1 70  ? -6.348  14.184  -9.914  1.00 27.70 ? 70  ALA A N   1 
ATOM   364  C CA  . ALA A 1 70  ? -6.225  13.052  -10.858 1.00 24.26 ? 70  ALA A CA  1 
ATOM   365  C C   . ALA A 1 70  ? -4.776  12.584  -10.925 1.00 21.45 ? 70  ALA A C   1 
ATOM   366  O O   . ALA A 1 70  ? -4.533  11.386  -11.253 1.00 23.76 ? 70  ALA A O   1 
ATOM   367  C CB  . ALA A 1 70  ? -6.688  13.451  -12.236 1.00 24.80 ? 70  ALA A CB  1 
ATOM   368  N N   . VAL A 1 71  ? -3.836  13.522  -10.815 1.00 20.80 ? 71  VAL A N   1 
ATOM   369  C CA  . VAL A 1 71  ? -2.389  13.172  -10.770 1.00 21.06 ? 71  VAL A CA  1 
ATOM   370  C C   . VAL A 1 71  ? -2.153  12.262  -9.545  1.00 20.64 ? 71  VAL A C   1 
ATOM   371  O O   . VAL A 1 71  ? -1.529  11.233  -9.726  1.00 21.26 ? 71  VAL A O   1 
ATOM   372  C CB  . VAL A 1 71  ? -1.454  14.399  -10.773 1.00 23.45 ? 71  VAL A CB  1 
ATOM   373  C CG1 . VAL A 1 71  ? -0.008  13.972  -10.719 1.00 23.52 ? 71  VAL A CG1 1 
ATOM   374  C CG2 . VAL A 1 71  ? -1.671  15.224  -12.034 1.00 23.71 ? 71  VAL A CG2 1 
ATOM   375  N N   . LEU A 1 72  ? -2.617  12.643  -8.380  1.00 23.01 ? 72  LEU A N   1 
ATOM   376  C CA  . LEU A 1 72  ? -2.422  11.804  -7.161  1.00 24.14 ? 72  LEU A CA  1 
ATOM   377  C C   . LEU A 1 72  ? -3.097  10.447  -7.361  1.00 23.49 ? 72  LEU A C   1 
ATOM   378  O O   . LEU A 1 72  ? -2.488  9.401   -7.008  1.00 23.79 ? 72  LEU A O   1 
ATOM   379  C CB  . LEU A 1 72  ? -2.986  12.518  -5.943  1.00 25.43 ? 72  LEU A CB  1 
ATOM   380  C CG  . LEU A 1 72  ? -2.988  11.701  -4.649  1.00 26.06 ? 72  LEU A CG  1 
ATOM   381  C CD1 . LEU A 1 72  ? -1.587  11.199  -4.369  1.00 26.15 ? 72  LEU A CD1 1 
ATOM   382  C CD2 . LEU A 1 72  ? -3.529  12.535  -3.503  1.00 28.04 ? 72  LEU A CD2 1 
ATOM   383  N N   . LEU A 1 73  ? -4.305  10.434  -7.916  1.00 22.73 ? 73  LEU A N   1 
ATOM   384  C CA  . LEU A 1 73  ? -5.015  9.152   -8.154  1.00 22.70 ? 73  LEU A CA  1 
ATOM   385  C C   . LEU A 1 73  ? -4.158  8.280   -9.051  1.00 21.39 ? 73  LEU A C   1 
ATOM   386  O O   . LEU A 1 73  ? -4.011  7.064   -8.779  1.00 22.43 ? 73  LEU A O   1 
ATOM   387  C CB  . LEU A 1 73  ? -6.404  9.408   -8.750  1.00 24.66 ? 73  LEU A CB  1 
ATOM   388  C CG  . LEU A 1 73  ? -7.160  8.168   -9.218  1.00 25.60 ? 73  LEU A CG  1 
ATOM   389  C CD1 . LEU A 1 73  ? -7.517  7.296   -8.009  1.00 26.38 ? 73  LEU A CD1 1 
ATOM   390  C CD2 . LEU A 1 73  ? -8.457  8.563   -9.945  1.00 27.88 ? 73  LEU A CD2 1 
ATOM   391  N N   . THR A 1 74  ? -3.553  8.819   -10.108 1.00 20.50 ? 74  THR A N   1 
ATOM   392  C CA  . THR A 1 74  ? -2.725  7.976   -10.992 1.00 19.63 ? 74  THR A CA  1 
ATOM   393  C C   . THR A 1 74  ? -1.480  7.478   -10.263 1.00 21.02 ? 74  THR A C   1 
ATOM   394  O O   . THR A 1 74  ? -1.098  6.330   -10.516 1.00 20.47 ? 74  THR A O   1 
ATOM   395  C CB  . THR A 1 74  ? -2.294  8.723   -12.265 1.00 23.11 ? 74  THR A CB  1 
ATOM   396  O OG1 . THR A 1 74  ? -3.494  9.146   -12.910 1.00 25.92 ? 74  THR A OG1 1 
ATOM   397  C CG2 . THR A 1 74  ? -1.445  7.848   -13.144 1.00 24.41 ? 74  THR A CG2 1 
ATOM   398  N N   . LEU A 1 75  ? -0.816  8.322   -9.465  1.00 20.13 ? 75  LEU A N   1 
ATOM   399  C CA  . LEU A 1 75  ? 0.391   7.898   -8.710  1.00 20.41 ? 75  LEU A CA  1 
ATOM   400  C C   . LEU A 1 75  ? -0.002  6.765   -7.744  1.00 19.95 ? 75  LEU A C   1 
ATOM   401  O O   . LEU A 1 75  ? 0.718   5.745   -7.661  1.00 20.94 ? 75  LEU A O   1 
ATOM   402  C CB  . LEU A 1 75  ? 0.980   9.069   -7.931  1.00 22.25 ? 75  LEU A CB  1 
ATOM   403  C CG  . LEU A 1 75  ? 1.822   10.039  -8.765  1.00 23.65 ? 75  LEU A CG  1 
ATOM   404  C CD1 . LEU A 1 75  ? 2.132   11.241  -7.918  1.00 27.24 ? 75  LEU A CD1 1 
ATOM   405  C CD2 . LEU A 1 75  ? 3.084   9.381   -9.315  1.00 25.66 ? 75  LEU A CD2 1 
ATOM   406  N N   . LEU A 1 76  ? -1.115  6.933   -7.082  1.00 20.02 ? 76  LEU A N   1 
ATOM   407  C CA  . LEU A 1 76  ? -1.502  5.909   -6.080  1.00 20.86 ? 76  LEU A CA  1 
ATOM   408  C C   . LEU A 1 76  ? -1.827  4.608   -6.805  1.00 20.77 ? 76  LEU A C   1 
ATOM   409  O O   . LEU A 1 76  ? -1.450  3.547   -6.347  1.00 20.34 ? 76  LEU A O   1 
ATOM   410  C CB  . LEU A 1 76  ? -2.667  6.427   -5.262  1.00 21.94 ? 76  LEU A CB  1 
ATOM   411  C CG  . LEU A 1 76  ? -3.163  5.458   -4.194  1.00 22.50 ? 76  LEU A CG  1 
ATOM   412  C CD1 . LEU A 1 76  ? -2.037  5.169   -3.187  1.00 21.82 ? 76  LEU A CD1 1 
ATOM   413  C CD2 . LEU A 1 76  ? -4.392  6.043   -3.506  1.00 22.78 ? 76  LEU A CD2 1 
ATOM   414  N N   . ASP A 1 77  ? -2.517  4.664   -7.939  1.00 20.25 ? 77  ASP A N   1 
ATOM   415  C CA  . ASP A 1 77  ? -2.858  3.461   -8.738  1.00 20.43 ? 77  ASP A CA  1 
ATOM   416  C C   . ASP A 1 77  ? -1.568  2.711   -9.077  1.00 19.78 ? 77  ASP A C   1 
ATOM   417  O O   . ASP A 1 77  ? -1.552  1.469   -9.066  1.00 20.87 ? 77  ASP A O   1 
ATOM   418  C CB  . ASP A 1 77  ? -3.650  3.906   -9.973  1.00 23.55 ? 77  ASP A CB  1 
ATOM   419  C CG  . ASP A 1 77  ? -4.116  2.774   -10.848 1.00 29.66 ? 77  ASP A CG  1 
ATOM   420  O OD1 . ASP A 1 77  ? -3.337  2.323   -11.657 1.00 38.70 ? 77  ASP A OD1 1 
ATOM   421  O OD2 . ASP A 1 77  ? -5.219  2.335   -10.653 1.00 36.15 ? 77  ASP A OD2 1 
ATOM   422  N N   . ARG A 1 78  ? -0.522  3.429   -9.483  1.00 22.58 ? 78  ARG A N   1 
ATOM   423  C CA  . ARG A 1 78  ? 0.758   2.799   -9.873  1.00 21.44 ? 78  ARG A CA  1 
ATOM   424  C C   . ARG A 1 78  ? 1.358   2.113   -8.643  1.00 20.19 ? 78  ARG A C   1 
ATOM   425  O O   . ARG A 1 78  ? 1.841   0.976   -8.780  1.00 19.04 ? 78  ARG A O   1 
ATOM   426  C CB  . ARG A 1 78  ? 1.709   3.854   -10.434 1.00 28.40 ? 78  ARG A CB  1 
ATOM   427  C CG  . ARG A 1 78  ? 1.221   4.473   -11.736 1.00 38.22 ? 78  ARG A CG  1 
ATOM   428  C CD  . ARG A 1 78  ? 2.048   5.717   -12.074 1.00 48.27 ? 78  ARG A CD  1 
ATOM   429  N NE  . ARG A 1 78  ? 3.363   5.355   -12.607 1.00 55.73 ? 78  ARG A NE  1 
ATOM   430  C CZ  . ARG A 1 78  ? 3.631   5.151   -13.902 1.00 59.51 ? 78  ARG A CZ  1 
ATOM   431  N NH1 . ARG A 1 78  ? 4.851   4.810   -14.280 1.00 60.17 ? 78  ARG A NH1 1 
ATOM   432  N NH2 . ARG A 1 78  ? 2.682   5.292   -14.812 1.00 54.83 ? 78  ARG A NH2 1 
ATOM   433  N N   . VAL A 1 79  ? 1.320   2.775   -7.496  1.00 18.60 ? 79  VAL A N   1 
ATOM   434  C CA  . VAL A 1 79  ? 1.941   2.187   -6.251  1.00 21.45 ? 79  VAL A CA  1 
ATOM   435  C C   . VAL A 1 79  ? 1.153   0.935   -5.825  1.00 20.60 ? 79  VAL A C   1 
ATOM   436  O O   . VAL A 1 79  ? 1.758   -0.156  -5.619  1.00 18.32 ? 79  VAL A O   1 
ATOM   437  C CB  . VAL A 1 79  ? 2.071   3.213   -5.118  1.00 22.58 ? 79  VAL A CB  1 
ATOM   438  C CG1 . VAL A 1 79  ? 2.572   2.560   -3.840  1.00 24.98 ? 79  VAL A CG1 1 
ATOM   439  C CG2 . VAL A 1 79  ? 2.984   4.360   -5.525  1.00 25.28 ? 79  VAL A CG2 1 
ATOM   440  N N   . VAL A 1 80  ? -0.164  1.025   -5.788  1.00 19.21 ? 80  VAL A N   1 
ATOM   441  C CA  . VAL A 1 80  ? -0.995  -0.121  -5.330  1.00 19.30 ? 80  VAL A CA  1 
ATOM   442  C C   . VAL A 1 80  ? -0.833  -1.276  -6.306  1.00 18.99 ? 80  VAL A C   1 
ATOM   443  O O   . VAL A 1 80  ? -0.709  -2.437  -5.891  1.00 18.38 ? 80  VAL A O   1 
ATOM   444  C CB  . VAL A 1 80  ? -2.449  0.305   -5.116  1.00 23.11 ? 80  VAL A CB  1 
ATOM   445  C CG1 . VAL A 1 80  ? -3.328  -0.904  -4.934  1.00 31.69 ? 80  VAL A CG1 1 
ATOM   446  C CG2 . VAL A 1 80  ? -2.585  1.246   -3.926  1.00 22.27 ? 80  VAL A CG2 1 
ATOM   447  N N   . ASN A 1 81  ? -0.835  -0.994  -7.608  1.00 18.82 ? 81  ASN A N   1 
ATOM   448  C CA  . ASN A 1 81  ? -0.620  -2.067  -8.618  1.00 19.48 ? 81  ASN A CA  1 
ATOM   449  C C   . ASN A 1 81  ? 0.785   -2.677  -8.504  1.00 18.94 ? 81  ASN A C   1 
ATOM   450  O O   . ASN A 1 81  ? 0.912   -3.892  -8.703  1.00 19.82 ? 81  ASN A O   1 
ATOM   451  C CB  . ASN A 1 81  ? -0.930  -1.569  -10.044 1.00 21.52 ? 81  ASN A CB  1 
ATOM   452  C CG  . ASN A 1 81  ? -2.397  -1.719  -10.373 1.00 24.15 ? 81  ASN A CG  1 
ATOM   453  O OD1 . ASN A 1 81  ? -2.878  -2.826  -10.652 1.00 25.74 ? 81  ASN A OD1 1 
ATOM   454  N ND2 . ASN A 1 81  ? -3.148  -0.638  -10.255 1.00 25.24 ? 81  ASN A ND2 1 
ATOM   455  N N   . GLN A 1 82  ? 1.803   -1.893  -8.161  1.00 20.19 ? 82  GLN A N   1 
ATOM   456  C CA  . GLN A 1 82  ? 3.177   -2.408  -7.994  1.00 20.23 ? 82  GLN A CA  1 
ATOM   457  C C   . GLN A 1 82  ? 3.172   -3.425  -6.855  1.00 19.94 ? 82  GLN A C   1 
ATOM   458  O O   . GLN A 1 82  ? 3.770   -4.468  -7.007  1.00 18.69 ? 82  GLN A O   1 
ATOM   459  C CB  . GLN A 1 82  ? 4.158   -1.287  -7.673  1.00 24.79 ? 82  GLN A CB  1 
ATOM   460  C CG  . GLN A 1 82  ? 5.611   -1.732  -7.663  1.00 30.06 ? 82  GLN A CG  1 
ATOM   461  C CD  . GLN A 1 82  ? 6.528   -0.546  -7.421  1.00 38.40 ? 82  GLN A CD  1 
ATOM   462  O OE1 . GLN A 1 82  ? 6.206   0.598   -7.773  1.00 42.10 ? 82  GLN A OE1 1 
ATOM   463  N NE2 . GLN A 1 82  ? 7.657   -0.795  -6.770  1.00 37.77 ? 82  GLN A NE2 1 
ATOM   464  N N   . ALA A 1 83  ? 2.508   -3.104  -5.744  1.00 18.50 ? 83  ALA A N   1 
ATOM   465  C CA  . ALA A 1 83  ? 2.434   -4.007  -4.574  1.00 19.15 ? 83  ALA A CA  1 
ATOM   466  C C   . ALA A 1 83  ? 1.708   -5.284  -4.992  1.00 16.08 ? 83  ALA A C   1 
ATOM   467  O O   . ALA A 1 83  ? 2.151   -6.402  -4.667  1.00 17.78 ? 83  ALA A O   1 
ATOM   468  C CB  . ALA A 1 83  ? 1.710   -3.316  -3.419  1.00 18.83 ? 83  ALA A CB  1 
ATOM   469  N N   . ASP A 1 84  ? 0.582   -5.114  -5.688  1.00 18.40 ? 84  ASP A N   1 
ATOM   470  C CA  . ASP A 1 84  ? -0.296  -6.227  -6.082  1.00 17.87 ? 84  ASP A CA  1 
ATOM   471  C C   . ASP A 1 84  ? 0.493   -7.175  -7.005  1.00 18.87 ? 84  ASP A C   1 
ATOM   472  O O   . ASP A 1 84  ? 0.469   -8.367  -6.795  1.00 17.85 ? 84  ASP A O   1 
ATOM   473  C CB  . ASP A 1 84  ? -1.552  -5.693  -6.734  1.00 19.23 ? 84  ASP A CB  1 
ATOM   474  C CG  . ASP A 1 84  ? -2.558  -6.817  -6.882  1.00 24.07 ? 84  ASP A CG  1 
ATOM   475  O OD1 . ASP A 1 84  ? -2.914  -7.411  -5.850  1.00 19.59 ? 84  ASP A OD1 1 
ATOM   476  O OD2 . ASP A 1 84  ? -2.916  -7.144  -8.045  1.00 23.11 ? 84  ASP A OD2 1 
ATOM   477  N N   . MET A 1 85  ? 1.202   -6.619  -7.986  1.00 19.91 ? 85  MET A N   1 
ATOM   478  C CA  . MET A 1 85  ? 1.996   -7.458  -8.927  1.00 24.05 ? 85  MET A CA  1 
ATOM   479  C C   . MET A 1 85  ? 3.163   -8.149  -8.206  1.00 21.00 ? 85  MET A C   1 
ATOM   480  O O   . MET A 1 85  ? 3.435   -9.314  -8.517  1.00 22.53 ? 85  MET A O   1 
ATOM   481  C CB  . MET A 1 85  ? 2.491   -6.595  -10.089 1.00 29.68 ? 85  MET A CB  1 
ATOM   482  C CG  . MET A 1 85  ? 1.334   -6.236  -10.994 1.00 36.12 ? 85  MET A CG  1 
ATOM   483  S SD  . MET A 1 85  ? 1.770   -5.007  -12.240 1.00 53.64 ? 85  MET A SD  1 
ATOM   484  C CE  . MET A 1 85  ? 3.018   -5.891  -13.183 1.00 51.58 ? 85  MET A CE  1 
ATOM   485  N N   . ALA A 1 86  ? 3.845   -7.477  -7.271  1.00 18.29 ? 86  ALA A N   1 
ATOM   486  C CA  . ALA A 1 86  ? 4.901   -8.092  -6.452  1.00 19.61 ? 86  ALA A CA  1 
ATOM   487  C C   . ALA A 1 86  ? 4.269   -9.241  -5.665  1.00 19.58 ? 86  ALA A C   1 
ATOM   488  O O   . ALA A 1 86  ? 4.841   -10.320 -5.623  1.00 21.32 ? 86  ALA A O   1 
ATOM   489  C CB  . ALA A 1 86  ? 5.536   -7.094  -5.546  1.00 21.76 ? 86  ALA A CB  1 
ATOM   490  N N   . LEU A 1 87  ? 3.091   -9.045  -5.081  1.00 19.25 ? 87  LEU A N   1 
ATOM   491  C CA  . LEU A 1 87  ? 2.481   -10.152 -4.292  1.00 20.84 ? 87  LEU A CA  1 
ATOM   492  C C   . LEU A 1 87  ? 2.145   -11.335 -5.239  1.00 21.31 ? 87  LEU A C   1 
ATOM   493  O O   . LEU A 1 87  ? 2.438   -12.499 -4.869  1.00 22.27 ? 87  LEU A O   1 
ATOM   494  C CB  . LEU A 1 87  ? 1.246   -9.625  -3.551  1.00 20.76 ? 87  LEU A CB  1 
ATOM   495  C CG  . LEU A 1 87  ? 0.471   -10.644 -2.719  1.00 23.71 ? 87  LEU A CG  1 
ATOM   496  C CD1 . LEU A 1 87  ? 1.284   -11.148 -1.537  1.00 26.08 ? 87  LEU A CD1 1 
ATOM   497  C CD2 . LEU A 1 87  ? -0.812  -10.017 -2.214  1.00 24.92 ? 87  LEU A CD2 1 
ATOM   498  N N   . GLN A 1 88  ? 1.575   -11.063 -6.405  1.00 20.78 ? 88  GLN A N   1 
ATOM   499  C CA  . GLN A 1 88  ? 1.233   -12.112 -7.412  1.00 26.25 ? 88  GLN A CA  1 
ATOM   500  C C   . GLN A 1 88  ? 2.496   -12.908 -7.765  1.00 27.52 ? 88  GLN A C   1 
ATOM   501  O O   . GLN A 1 88  ? 2.378   -14.118 -7.917  1.00 26.53 ? 88  GLN A O   1 
ATOM   502  C CB  . GLN A 1 88  ? 0.638   -11.499 -8.679  1.00 30.63 ? 88  GLN A CB  1 
ATOM   503  C CG  . GLN A 1 88  ? -0.880  -11.509 -8.679  1.00 40.65 ? 88  GLN A CG  1 
ATOM   504  C CD  . GLN A 1 88  ? -1.396  -10.711 -9.849  1.00 50.20 ? 88  GLN A CD  1 
ATOM   505  O OE1 . GLN A 1 88  ? -1.969  -9.631  -9.675  1.00 53.47 ? 88  GLN A OE1 1 
ATOM   506  N NE2 . GLN A 1 88  ? -1.121  -11.209 -11.051 1.00 42.75 ? 88  GLN A NE2 1 
ATOM   507  N N   . THR A 1 89  ? 3.639   -12.233 -7.923  1.00 27.35 ? 89  THR A N   1 
ATOM   508  C CA  . THR A 1 89  ? 4.957   -12.856 -8.258  1.00 28.58 ? 89  THR A CA  1 
ATOM   509  C C   . THR A 1 89  ? 5.356   -13.824 -7.150  1.00 31.88 ? 89  THR A C   1 
ATOM   510  O O   . THR A 1 89  ? 5.792   -14.964 -7.433  1.00 28.96 ? 89  THR A O   1 
ATOM   511  C CB  . THR A 1 89  ? 6.047   -11.790 -8.429  1.00 31.69 ? 89  THR A CB  1 
ATOM   512  O OG1 . THR A 1 89  ? 5.587   -10.977 -9.497  1.00 32.86 ? 89  THR A OG1 1 
ATOM   513  C CG2 . THR A 1 89  ? 7.413   -12.345 -8.777  1.00 36.32 ? 89  THR A CG2 1 
ATOM   514  N N   . LEU A 1 90  ? 5.211   -13.380 -5.907  1.00 29.92 ? 90  LEU A N   1 
ATOM   515  C CA  . LEU A 1 90  ? 5.542   -14.222 -4.744  1.00 30.78 ? 90  LEU A CA  1 
ATOM   516  C C   . LEU A 1 90  ? 4.639   -15.444 -4.693  1.00 30.38 ? 90  LEU A C   1 
ATOM   517  O O   . LEU A 1 90  ? 5.142   -16.542 -4.387  1.00 35.55 ? 90  LEU A O   1 
ATOM   518  C CB  . LEU A 1 90  ? 5.359   -13.422 -3.461  1.00 29.99 ? 90  LEU A CB  1 
ATOM   519  C CG  . LEU A 1 90  ? 6.631   -13.062 -2.727  1.00 35.32 ? 90  LEU A CG  1 
ATOM   520  C CD1 . LEU A 1 90  ? 6.275   -12.367 -1.429  1.00 32.38 ? 90  LEU A CD1 1 
ATOM   521  C CD2 . LEU A 1 90  ? 7.515   -14.288 -2.493  1.00 36.38 ? 90  LEU A CD2 1 
ATOM   522  N N   . ALA A 1 91  ? 3.332   -15.243 -4.866  1.00 36.61 ? 91  ALA A N   1 
ATOM   523  C CA  . ALA A 1 91  ? 2.335   -16.334 -4.804  1.00 37.25 ? 91  ALA A CA  1 
ATOM   524  C C   . ALA A 1 91  ? 2.775   -17.433 -5.790  1.00 39.97 ? 91  ALA A C   1 
ATOM   525  O O   . ALA A 1 91  ? 2.692   -18.603 -5.417  1.00 45.22 ? 91  ALA A O   1 
ATOM   526  C CB  . ALA A 1 91  ? 0.932   -15.826 -5.091  1.00 33.16 ? 91  ALA A CB  1 
ATOM   527  N N   . GLU A 1 92  ? 3.286   -17.039 -6.965  1.00 41.20 ? 92  GLU A N   1 
ATOM   528  C CA  . GLU A 1 92  ? 3.637   -17.945 -8.099  1.00 47.99 ? 92  GLU A CA  1 
ATOM   529  C C   . GLU A 1 92  ? 5.060   -18.502 -7.920  1.00 49.16 ? 92  GLU A C   1 
ATOM   530  O O   . GLU A 1 92  ? 5.440   -19.379 -8.699  1.00 50.46 ? 92  GLU A O   1 
ATOM   531  C CB  . GLU A 1 92  ? 3.538   -17.194 -9.433  1.00 47.63 ? 92  GLU A CB  1 
ATOM   532  C CG  . GLU A 1 92  ? 2.120   -16.863 -9.859  1.00 54.27 ? 92  GLU A CG  1 
ATOM   533  C CD  . GLU A 1 92  ? 2.008   -15.840 -10.988 1.00 56.72 ? 92  GLU A CD  1 
ATOM   534  O OE1 . GLU A 1 92  ? 2.979   -15.689 -11.750 1.00 57.88 ? 92  GLU A OE1 1 
ATOM   535  O OE2 . GLU A 1 92  ? 0.954   -15.186 -11.097 1.00 57.81 ? 92  GLU A OE2 1 
ATOM   536  N N   . ASN A 1 93  ? 5.827   -17.993 -6.950  1.00 47.51 ? 93  ASN A N   1 
ATOM   537  C CA  . ASN A 1 93  ? 7.276   -18.288 -6.757  1.00 45.70 ? 93  ASN A CA  1 
ATOM   538  C C   . ASN A 1 93  ? 7.569   -18.400 -5.270  1.00 47.63 ? 93  ASN A C   1 
ATOM   539  O O   . ASN A 1 93  ? 8.326   -17.585 -4.737  1.00 50.48 ? 93  ASN A O   1 
ATOM   540  C CB  . ASN A 1 93  ? 8.158   -17.188 -7.353  1.00 47.09 ? 93  ASN A CB  1 
ATOM   541  C CG  . ASN A 1 93  ? 8.056   -17.160 -8.854  1.00 47.66 ? 93  ASN A CG  1 
ATOM   542  O OD1 . ASN A 1 93  ? 8.517   -18.092 -9.497  1.00 59.00 ? 93  ASN A OD1 1 
ATOM   543  N ND2 . ASN A 1 93  ? 7.405   -16.161 -9.414  1.00 43.38 ? 93  ASN A ND2 1 
ATOM   544  N N   . PRO A 1 94  ? 6.962   -19.370 -4.550  1.00 47.30 ? 94  PRO A N   1 
ATOM   545  C CA  . PRO A 1 94  ? 7.168   -19.475 -3.102  1.00 47.18 ? 94  PRO A CA  1 
ATOM   546  C C   . PRO A 1 94  ? 8.650   -19.648 -2.721  1.00 51.05 ? 94  PRO A C   1 
ATOM   547  O O   . PRO A 1 94  ? 9.334   -20.469 -3.325  1.00 40.82 ? 94  PRO A O   1 
ATOM   548  C CB  . PRO A 1 94  ? 6.338   -20.707 -2.675  1.00 48.52 ? 94  PRO A CB  1 
ATOM   549  C CG  . PRO A 1 94  ? 6.025   -21.439 -3.979  1.00 48.77 ? 94  PRO A CG  1 
ATOM   550  C CD  . PRO A 1 94  ? 6.031   -20.385 -5.068  1.00 46.82 ? 94  PRO A CD  1 
ATOM   551  N N   . ALA A 1 95  ? 9.097   -18.869 -1.730  1.00 46.23 ? 95  ALA A N   1 
ATOM   552  C CA  . ALA A 1 95  ? 10.368  -19.053 -0.996  1.00 49.32 ? 95  ALA A CA  1 
ATOM   553  C C   . ALA A 1 95  ? 10.375  -20.446 -0.342  1.00 49.19 ? 95  ALA A C   1 
ATOM   554  O O   . ALA A 1 95  ? 9.294   -20.884 0.123   1.00 51.20 ? 95  ALA A O   1 
ATOM   555  C CB  . ALA A 1 95  ? 10.545  -17.924 0.005   1.00 47.72 ? 95  ALA A CB  1 
ATOM   556  N N   . ASP A 1 96  ? 11.517  -21.148 -0.399  1.00 45.18 ? 96  ASP A N   1 
ATOM   557  C CA  . ASP A 1 96  ? 11.795  -22.458 0.256   1.00 47.67 ? 96  ASP A CA  1 
ATOM   558  C C   . ASP A 1 96  ? 12.497  -22.152 1.594   1.00 47.82 ? 96  ASP A C   1 
ATOM   559  O O   . ASP A 1 96  ? 13.741  -22.083 1.650   1.00 41.91 ? 96  ASP A O   1 
ATOM   560  C CB  . ASP A 1 96  ? 12.609  -23.376 -0.664  1.00 49.76 ? 96  ASP A CB  1 
ATOM   561  C CG  . ASP A 1 96  ? 13.179  -24.611 0.019   1.00 58.48 ? 96  ASP A CG  1 
ATOM   562  O OD1 . ASP A 1 96  ? 12.518  -25.152 0.935   1.00 56.47 ? 96  ASP A OD1 1 
ATOM   563  O OD2 . ASP A 1 96  ? 14.293  -25.020 -0.358  1.00 63.44 ? 96  ASP A OD2 1 
ATOM   564  N N   . THR A 1 97  ? 11.699  -21.861 2.620   1.00 43.71 ? 97  THR A N   1 
ATOM   565  C CA  . THR A 1 97  ? 12.130  -21.444 3.979   1.00 40.03 ? 97  THR A CA  1 
ATOM   566  C C   . THR A 1 97  ? 10.954  -21.839 4.888   1.00 38.18 ? 97  THR A C   1 
ATOM   567  O O   . THR A 1 97  ? 9.953   -22.349 4.346   1.00 38.50 ? 97  THR A O   1 
ATOM   568  C CB  . THR A 1 97  ? 12.602  -19.975 3.940   1.00 40.89 ? 97  THR A CB  1 
ATOM   569  O OG1 . THR A 1 97  ? 13.183  -19.554 5.182   1.00 43.73 ? 97  THR A OG1 1 
ATOM   570  C CG2 . THR A 1 97  ? 11.485  -19.014 3.583   1.00 41.72 ? 97  THR A CG2 1 
ATOM   571  N N   . ASP A 1 98  ? 11.033  -21.610 6.195   1.00 42.20 ? 98  ASP A N   1 
ATOM   572  C CA  . ASP A 1 98  ? 9.956   -21.996 7.148   1.00 40.84 ? 98  ASP A CA  1 
ATOM   573  C C   . ASP A 1 98  ? 8.772   -21.028 6.989   1.00 41.35 ? 98  ASP A C   1 
ATOM   574  O O   . ASP A 1 98  ? 8.898   -20.008 6.277   1.00 37.62 ? 98  ASP A O   1 
ATOM   575  C CB  . ASP A 1 98  ? 10.499  -21.983 8.575   1.00 46.40 ? 98  ASP A CB  1 
ATOM   576  C CG  . ASP A 1 98  ? 11.043  -20.617 8.926   1.00 48.27 ? 98  ASP A CG  1 
ATOM   577  O OD1 . ASP A 1 98  ? 10.442  -19.641 8.478   1.00 47.93 ? 98  ASP A OD1 1 
ATOM   578  O OD2 . ASP A 1 98  ? 12.066  -20.546 9.610   1.00 54.48 ? 98  ASP A OD2 1 
ATOM   579  N N   . ARG A 1 99  ? 7.674   -21.309 7.674   1.00 34.37 ? 99  ARG A N   1 
ATOM   580  C CA  . ARG A 1 99  ? 6.410   -20.552 7.550   1.00 36.48 ? 99  ARG A CA  1 
ATOM   581  C C   . ARG A 1 99  ? 6.617   -19.099 8.028   1.00 29.56 ? 99  ARG A C   1 
ATOM   582  O O   . ARG A 1 99  ? 6.133   -18.201 7.326   1.00 35.19 ? 99  ARG A O   1 
ATOM   583  C CB  . ARG A 1 99  ? 5.276   -21.298 8.267   1.00 41.62 ? 99  ARG A CB  1 
ATOM   584  C CG  . ARG A 1 99  ? 4.631   -22.359 7.379   1.00 45.90 ? 99  ARG A CG  1 
ATOM   585  C CD  . ARG A 1 99  ? 3.747   -23.324 8.144   1.00 48.03 ? 99  ARG A CD  1 
ATOM   586  N NE  . ARG A 1 99  ? 2.848   -23.982 7.214   1.00 47.89 ? 99  ARG A NE  1 
ATOM   587  C CZ  . ARG A 1 99  ? 3.013   -25.192 6.685   1.00 54.49 ? 99  ARG A CZ  1 
ATOM   588  N NH1 . ARG A 1 99  ? 2.109   -25.663 5.836   1.00 50.08 ? 99  ARG A NH1 1 
ATOM   589  N NH2 . ARG A 1 99  ? 4.069   -25.925 7.009   1.00 57.11 ? 99  ARG A NH2 1 
ATOM   590  N N   . GLU A 1 100 ? 7.401   -18.861 9.069   1.00 27.45 ? 100 GLU A N   1 
ATOM   591  C CA  . GLU A 1 100 ? 7.629   -17.493 9.583   1.00 29.06 ? 100 GLU A CA  1 
ATOM   592  C C   . GLU A 1 100 ? 8.342   -16.660 8.500   1.00 31.90 ? 100 GLU A C   1 
ATOM   593  O O   . GLU A 1 100 ? 7.934   -15.537 8.240   1.00 24.61 ? 100 GLU A O   1 
ATOM   594  C CB  . GLU A 1 100 ? 8.419   -17.520 10.875  1.00 33.94 ? 100 GLU A CB  1 
ATOM   595  C CG  . GLU A 1 100 ? 8.629   -16.139 11.438  1.00 38.05 ? 100 GLU A CG  1 
ATOM   596  C CD  . GLU A 1 100 ? 9.484   -16.064 12.685  1.00 49.76 ? 100 GLU A CD  1 
ATOM   597  O OE1 . GLU A 1 100 ? 9.765   -17.117 13.285  1.00 60.52 ? 100 GLU A OE1 1 
ATOM   598  O OE2 . GLU A 1 100 ? 9.866   -14.952 13.053  1.00 53.10 ? 100 GLU A OE2 1 
ATOM   599  N N   . ASN A 1 101 ? 9.356   -17.208 7.836   1.00 28.73 ? 101 ASN A N   1 
ATOM   600  C CA  . ASN A 1 101 ? 10.060  -16.445 6.774   1.00 28.84 ? 101 ASN A CA  1 
ATOM   601  C C   . ASN A 1 101 ? 9.180   -16.237 5.543   1.00 22.37 ? 101 ASN A C   1 
ATOM   602  O O   . ASN A 1 101 ? 9.383   -15.211 4.893   1.00 24.20 ? 101 ASN A O   1 
ATOM   603  C CB  . ASN A 1 101 ? 11.401  -17.055 6.349   1.00 33.73 ? 101 ASN A CB  1 
ATOM   604  C CG  . ASN A 1 101 ? 12.520  -16.351 7.077   1.00 41.13 ? 101 ASN A CG  1 
ATOM   605  O OD1 . ASN A 1 101 ? 12.757  -15.164 6.838   1.00 48.78 ? 101 ASN A OD1 1 
ATOM   606  N ND2 . ASN A 1 101 ? 13.132  -17.048 8.029   1.00 44.35 ? 101 ASN A ND2 1 
ATOM   607  N N   . MET A 1 102 ? 8.267   -17.140 5.201   1.00 23.53 ? 102 MET A N   1 
ATOM   608  C CA  . MET A 1 102 ? 7.347   -16.972 4.044   1.00 26.00 ? 102 MET A CA  1 
ATOM   609  C C   . MET A 1 102 ? 6.374   -15.818 4.320   1.00 23.60 ? 102 MET A C   1 
ATOM   610  O O   . MET A 1 102 ? 6.098   -15.011 3.387   1.00 22.48 ? 102 MET A O   1 
ATOM   611  C CB  . MET A 1 102 ? 6.582   -18.258 3.734   1.00 34.25 ? 102 MET A CB  1 
ATOM   612  C CG  . MET A 1 102 ? 7.501   -19.398 3.189   1.00 42.12 ? 102 MET A CG  1 
ATOM   613  S SD  . MET A 1 102 ? 6.854   -21.090 3.545   1.00 56.51 ? 102 MET A SD  1 
ATOM   614  C CE  . MET A 1 102 ? 5.155   -20.832 3.048   1.00 65.62 ? 102 MET A CE  1 
ATOM   615  N N   . TRP A 1 103 ? 5.892   -15.699 5.563   1.00 23.80 ? 103 TRP A N   1 
ATOM   616  C CA  . TRP A 1 103 ? 4.967   -14.572 5.910   1.00 23.02 ? 103 TRP A CA  1 
ATOM   617  C C   . TRP A 1 103 ? 5.775   -13.275 5.935   1.00 20.22 ? 103 TRP A C   1 
ATOM   618  O O   . TRP A 1 103 ? 5.261   -12.261 5.475   1.00 18.94 ? 103 TRP A O   1 
ATOM   619  C CB  . TRP A 1 103 ? 4.281   -14.817 7.253   1.00 23.08 ? 103 TRP A CB  1 
ATOM   620  C CG  . TRP A 1 103 ? 3.192   -15.838 7.134   1.00 22.85 ? 103 TRP A CG  1 
ATOM   621  C CD1 . TRP A 1 103 ? 3.212   -17.125 7.600   1.00 23.73 ? 103 TRP A CD1 1 
ATOM   622  C CD2 . TRP A 1 103 ? 1.925   -15.667 6.503   1.00 20.77 ? 103 TRP A CD2 1 
ATOM   623  N NE1 . TRP A 1 103 ? 2.038   -17.751 7.299   1.00 24.78 ? 103 TRP A NE1 1 
ATOM   624  C CE2 . TRP A 1 103 ? 1.221   -16.882 6.646   1.00 22.51 ? 103 TRP A CE2 1 
ATOM   625  C CE3 . TRP A 1 103 ? 1.319   -14.627 5.812   1.00 22.57 ? 103 TRP A CE3 1 
ATOM   626  C CZ2 . TRP A 1 103 ? -0.043  -17.072 6.119   1.00 23.31 ? 103 TRP A CZ2 1 
ATOM   627  C CZ3 . TRP A 1 103 ? 0.056   -14.811 5.310   1.00 24.47 ? 103 TRP A CZ3 1 
ATOM   628  C CH2 . TRP A 1 103 ? -0.627  -16.011 5.483   1.00 23.87 ? 103 TRP A CH2 1 
ATOM   629  N N   . ARG A 1 104 ? 7.000   -13.313 6.444   1.00 19.92 ? 104 ARG A N   1 
ATOM   630  C CA  . ARG A 1 104 ? 7.866   -12.121 6.482   1.00 18.76 ? 104 ARG A CA  1 
ATOM   631  C C   . ARG A 1 104 ? 8.106   -11.659 5.037   1.00 18.58 ? 104 ARG A C   1 
ATOM   632  O O   . ARG A 1 104 ? 8.028   -10.454 4.738   1.00 16.19 ? 104 ARG A O   1 
ATOM   633  C CB  . ARG A 1 104 ? 9.182   -12.401 7.201   1.00 20.63 ? 104 ARG A CB  1 
ATOM   634  C CG  . ARG A 1 104 ? 10.110  -11.210 7.248   1.00 24.33 ? 104 ARG A CG  1 
ATOM   635  C CD  . ARG A 1 104 ? 11.397  -11.453 7.995   1.00 29.13 ? 104 ARG A CD  1 
ATOM   636  N NE  . ARG A 1 104 ? 11.083  -11.286 9.416   1.00 33.77 ? 104 ARG A NE  1 
ATOM   637  C CZ  . ARG A 1 104 ? 10.956  -12.298 10.253  1.00 38.09 ? 104 ARG A CZ  1 
ATOM   638  N NH1 . ARG A 1 104 ? 10.649  -12.057 11.517  1.00 32.00 ? 104 ARG A NH1 1 
ATOM   639  N NH2 . ARG A 1 104 ? 11.164  -13.547 9.841   1.00 40.02 ? 104 ARG A NH2 1 
ATOM   640  N N   . THR A 1 105 ? 8.390   -12.598 4.134   1.00 18.62 ? 105 THR A N   1 
ATOM   641  C CA  . THR A 1 105 ? 8.618   -12.243 2.718   1.00 16.84 ? 105 THR A CA  1 
ATOM   642  C C   . THR A 1 105 ? 7.391   -11.542 2.148   1.00 15.62 ? 105 THR A C   1 
ATOM   643  O O   . THR A 1 105 ? 7.551   -10.566 1.364   1.00 16.84 ? 105 THR A O   1 
ATOM   644  C CB  . THR A 1 105 ? 9.064   -13.475 1.900   1.00 17.43 ? 105 THR A CB  1 
ATOM   645  O OG1 . THR A 1 105 ? 10.175  -14.028 2.595   1.00 21.86 ? 105 THR A OG1 1 
ATOM   646  C CG2 . THR A 1 105 ? 9.429   -13.068 0.486   1.00 20.55 ? 105 THR A CG2 1 
ATOM   647  N N   . GLY A 1 106 ? 6.185   -11.996 2.486   1.00 16.91 ? 106 GLY A N   1 
ATOM   648  C CA  . GLY A 1 106 ? 4.949   -11.434 1.921   1.00 16.80 ? 106 GLY A CA  1 
ATOM   649  C C   . GLY A 1 106 ? 4.638   -10.054 2.512   1.00 14.69 ? 106 GLY A C   1 
ATOM   650  O O   . GLY A 1 106 ? 4.397   -9.112  1.763   1.00 15.65 ? 106 GLY A O   1 
ATOM   651  N N   . ILE A 1 107 ? 4.726   -9.914  3.818   1.00 15.59 ? 107 ILE A N   1 
ATOM   652  C CA  . ILE A 1 107 ? 4.486   -8.579  4.434   1.00 14.06 ? 107 ILE A CA  1 
ATOM   653  C C   . ILE A 1 107 ? 5.517   -7.600  3.855   1.00 13.00 ? 107 ILE A C   1 
ATOM   654  O O   . ILE A 1 107 ? 5.203   -6.422  3.663   1.00 14.98 ? 107 ILE A O   1 
ATOM   655  C CB  . ILE A 1 107 ? 4.501   -8.659  5.968   1.00 14.67 ? 107 ILE A CB  1 
ATOM   656  C CG1 . ILE A 1 107 ? 3.367   -9.582  6.446   1.00 15.65 ? 107 ILE A CG1 1 
ATOM   657  C CG2 . ILE A 1 107 ? 4.354   -7.260  6.540   1.00 15.26 ? 107 ILE A CG2 1 
ATOM   658  C CD1 . ILE A 1 107 ? 3.423   -9.916  7.915   1.00 17.66 ? 107 ILE A CD1 1 
ATOM   659  N N   . ASN A 1 108 ? 6.748   -8.056  3.674   1.00 12.88 ? 108 ASN A N   1 
ATOM   660  C CA  . ASN A 1 108 ? 7.846   -7.210  3.121   1.00 15.09 ? 108 ASN A CA  1 
ATOM   661  C C   . ASN A 1 108 ? 7.471   -6.563  1.789   1.00 14.30 ? 108 ASN A C   1 
ATOM   662  O O   . ASN A 1 108 ? 7.988   -5.491  1.455   1.00 15.22 ? 108 ASN A O   1 
ATOM   663  C CB  . ASN A 1 108 ? 9.131   -8.015  2.995   1.00 14.08 ? 108 ASN A CB  1 
ATOM   664  C CG  . ASN A 1 108 ? 10.318  -7.119  2.711   1.00 13.94 ? 108 ASN A CG  1 
ATOM   665  O OD1 . ASN A 1 108 ? 10.600  -6.188  3.477   1.00 15.16 ? 108 ASN A OD1 1 
ATOM   666  N ND2 . ASN A 1 108 ? 11.000  -7.412  1.613   1.00 15.84 ? 108 ASN A ND2 1 
ATOM   667  N N   . VAL A 1 109 ? 6.683   -7.245  0.959   1.00 15.31 ? 109 VAL A N   1 
ATOM   668  C CA  . VAL A 1 109 ? 6.238   -6.668  -0.334  1.00 16.25 ? 109 VAL A CA  1 
ATOM   669  C C   . VAL A 1 109 ? 5.572   -5.305  -0.072  1.00 15.82 ? 109 VAL A C   1 
ATOM   670  O O   . VAL A 1 109 ? 5.829   -4.314  -0.777  1.00 15.96 ? 109 VAL A O   1 
ATOM   671  C CB  . VAL A 1 109 ? 5.234   -7.610  -1.027  1.00 19.78 ? 109 VAL A CB  1 
ATOM   672  C CG1 . VAL A 1 109 ? 4.468   -6.861  -2.092  1.00 21.30 ? 109 VAL A CG1 1 
ATOM   673  C CG2 . VAL A 1 109 ? 5.974   -8.815  -1.566  1.00 22.88 ? 109 VAL A CG2 1 
ATOM   674  N N   . PHE A 1 110 ? 4.735   -5.242  0.955   1.00 16.08 ? 110 PHE A N   1 
ATOM   675  C CA  . PHE A 1 110 ? 3.972   -4.023  1.314   1.00 15.05 ? 110 PHE A CA  1 
ATOM   676  C C   . PHE A 1 110 ? 4.885   -3.005  2.019   1.00 14.11 ? 110 PHE A C   1 
ATOM   677  O O   . PHE A 1 110 ? 4.793   -1.781  1.714   1.00 14.69 ? 110 PHE A O   1 
ATOM   678  C CB  . PHE A 1 110 ? 2.757   -4.427  2.140   1.00 15.44 ? 110 PHE A CB  1 
ATOM   679  C CG  . PHE A 1 110 ? 1.757   -5.192  1.320   1.00 15.77 ? 110 PHE A CG  1 
ATOM   680  C CD1 . PHE A 1 110 ? 1.832   -6.564  1.224   1.00 16.02 ? 110 PHE A CD1 1 
ATOM   681  C CD2 . PHE A 1 110 ? 0.794   -4.511  0.603   1.00 17.06 ? 110 PHE A CD2 1 
ATOM   682  C CE1 . PHE A 1 110 ? 0.958   -7.259  0.399   1.00 17.71 ? 110 PHE A CE1 1 
ATOM   683  C CE2 . PHE A 1 110 ? -0.108  -5.192  -0.189  1.00 17.99 ? 110 PHE A CE2 1 
ATOM   684  C CZ  . PHE A 1 110 ? 0.000   -6.567  -0.319  1.00 17.70 ? 110 PHE A CZ  1 
ATOM   685  N N   . PHE A 1 111 ? 5.720   -3.472  2.936   1.00 15.31 ? 111 PHE A N   1 
ATOM   686  C CA  . PHE A 1 111 ? 6.750   -2.644  3.614   1.00 15.03 ? 111 PHE A CA  1 
ATOM   687  C C   . PHE A 1 111 ? 7.630   -1.946  2.554   1.00 14.84 ? 111 PHE A C   1 
ATOM   688  O O   . PHE A 1 111 ? 7.765   -0.746  2.615   1.00 16.72 ? 111 PHE A O   1 
ATOM   689  C CB  . PHE A 1 111 ? 7.524   -3.557  4.575   1.00 15.97 ? 111 PHE A CB  1 
ATOM   690  C CG  . PHE A 1 111 ? 8.643   -2.867  5.291   1.00 16.19 ? 111 PHE A CG  1 
ATOM   691  C CD1 . PHE A 1 111 ? 8.378   -1.916  6.259   1.00 15.31 ? 111 PHE A CD1 1 
ATOM   692  C CD2 . PHE A 1 111 ? 9.977   -3.131  4.990   1.00 17.58 ? 111 PHE A CD2 1 
ATOM   693  C CE1 . PHE A 1 111 ? 9.414   -1.297  6.944   1.00 16.51 ? 111 PHE A CE1 1 
ATOM   694  C CE2 . PHE A 1 111 ? 11.001  -2.436  5.631   1.00 19.66 ? 111 PHE A CE2 1 
ATOM   695  C CZ  . PHE A 1 111 ? 10.718  -1.539  6.628   1.00 17.03 ? 111 PHE A CZ  1 
ATOM   696  N N   . GLU A 1 112 ? 8.227   -2.702  1.635   1.00 16.01 ? 112 GLU A N   1 
ATOM   697  C CA  . GLU A 1 112 ? 9.159   -2.139  0.621   1.00 17.74 ? 112 GLU A CA  1 
ATOM   698  C C   . GLU A 1 112 ? 8.416   -1.315  -0.414  1.00 16.84 ? 112 GLU A C   1 
ATOM   699  O O   . GLU A 1 112 ? 8.918   -0.230  -0.794  1.00 17.94 ? 112 GLU A O   1 
ATOM   700  C CB  . GLU A 1 112 ? 9.941   -3.250  -0.084  1.00 20.65 ? 112 GLU A CB  1 
ATOM   701  C CG  . GLU A 1 112 ? 11.057  -3.794  0.776   1.00 25.41 ? 112 GLU A CG  1 
ATOM   702  C CD  . GLU A 1 112 ? 12.158  -2.776  1.065   1.00 30.12 ? 112 GLU A CD  1 
ATOM   703  O OE1 . GLU A 1 112 ? 12.300  -1.828  0.269   1.00 31.93 ? 112 GLU A OE1 1 
ATOM   704  O OE2 . GLU A 1 112 ? 12.836  -2.921  2.111   1.00 31.98 ? 112 GLU A OE2 1 
ATOM   705  N N   . THR A 1 113 ? 7.258   -1.760  -0.870  1.00 16.22 ? 113 THR A N   1 
ATOM   706  C CA  . THR A 1 113 ? 6.588   -1.027  -1.969  1.00 16.15 ? 113 THR A CA  1 
ATOM   707  C C   . THR A 1 113 ? 6.076   0.300   -1.427  1.00 18.55 ? 113 THR A C   1 
ATOM   708  O O   . THR A 1 113 ? 6.409   1.368   -2.028  1.00 18.19 ? 113 THR A O   1 
ATOM   709  C CB  . THR A 1 113 ? 5.455   -1.807  -2.636  1.00 18.71 ? 113 THR A CB  1 
ATOM   710  O OG1 . THR A 1 113 ? 5.987   -3.045  -3.058  1.00 18.86 ? 113 THR A OG1 1 
ATOM   711  C CG2 . THR A 1 113 ? 4.804   -1.058  -3.784  1.00 20.83 ? 113 THR A CG2 1 
ATOM   712  N N   . PHE A 1 114 ? 5.220   0.294   -0.408  1.00 17.23 ? 114 PHE A N   1 
ATOM   713  C CA  . PHE A 1 114 ? 4.680   1.573   0.138   1.00 16.58 ? 114 PHE A CA  1 
ATOM   714  C C   . PHE A 1 114 ? 5.829   2.383   0.744   1.00 17.09 ? 114 PHE A C   1 
ATOM   715  O O   . PHE A 1 114 ? 5.818   3.624   0.649   1.00 16.95 ? 114 PHE A O   1 
ATOM   716  C CB  . PHE A 1 114 ? 3.514   1.302   1.079   1.00 17.92 ? 114 PHE A CB  1 
ATOM   717  C CG  . PHE A 1 114 ? 2.279   0.866   0.333   1.00 17.75 ? 114 PHE A CG  1 
ATOM   718  C CD1 . PHE A 1 114 ? 1.518   1.795   -0.376  1.00 21.48 ? 114 PHE A CD1 1 
ATOM   719  C CD2 . PHE A 1 114 ? 1.818   -0.419  0.449   1.00 20.19 ? 114 PHE A CD2 1 
ATOM   720  C CE1 . PHE A 1 114 ? 0.360   1.402   -1.041  1.00 22.26 ? 114 PHE A CE1 1 
ATOM   721  C CE2 . PHE A 1 114 ? 0.686   -0.818  -0.239  1.00 23.53 ? 114 PHE A CE2 1 
ATOM   722  C CZ  . PHE A 1 114 ? -0.030  0.081   -0.992  1.00 22.68 ? 114 PHE A CZ  1 
ATOM   723  N N   . GLY A 1 115 ? 6.826   1.699   1.325   1.00 17.00 ? 115 GLY A N   1 
ATOM   724  C CA  . GLY A 1 115 ? 7.956   2.343   2.025   1.00 18.82 ? 115 GLY A CA  1 
ATOM   725  C C   . GLY A 1 115 ? 8.886   3.037   1.036   1.00 18.99 ? 115 GLY A C   1 
ATOM   726  O O   . GLY A 1 115 ? 9.574   3.949   1.435   1.00 21.28 ? 115 GLY A O   1 
ATOM   727  N N   . SER A 1 116 ? 8.867   2.625   -0.212  1.00 20.83 ? 116 SER A N   1 
ATOM   728  C CA  . SER A 1 116 ? 9.615   3.252   -1.333  1.00 21.99 ? 116 SER A CA  1 
ATOM   729  C C   . SER A 1 116 ? 8.875   4.454   -1.907  1.00 23.69 ? 116 SER A C   1 
ATOM   730  O O   . SER A 1 116 ? 9.479   5.165   -2.744  1.00 24.48 ? 116 SER A O   1 
ATOM   731  C CB  . SER A 1 116 ? 9.892   2.221   -2.355  1.00 24.37 ? 116 SER A CB  1 
ATOM   732  O OG  . SER A 1 116 ? 10.832  1.338   -1.783  1.00 27.50 ? 116 SER A OG  1 
ATOM   733  N N   . HIS A 1 117 ? 7.634   4.694   -1.494  1.00 21.43 ? 117 HIS A N   1 
ATOM   734  C CA  . HIS A 1 117 ? 6.759   5.751   -2.024  1.00 22.36 ? 117 HIS A CA  1 
ATOM   735  C C   . HIS A 1 117 ? 5.998   6.400   -0.881  1.00 19.93 ? 117 HIS A C   1 
ATOM   736  O O   . HIS A 1 117 ? 4.757   6.458   -0.939  1.00 19.09 ? 117 HIS A O   1 
ATOM   737  C CB  . HIS A 1 117 ? 5.841   5.186   -3.110  1.00 22.81 ? 117 HIS A CB  1 
ATOM   738  C CG  . HIS A 1 117 ? 6.588   4.618   -4.255  1.00 27.66 ? 117 HIS A CG  1 
ATOM   739  N ND1 . HIS A 1 117 ? 7.151   5.427   -5.250  1.00 26.68 ? 117 HIS A ND1 1 
ATOM   740  C CD2 . HIS A 1 117 ? 6.890   3.352   -4.587  1.00 28.05 ? 117 HIS A CD2 1 
ATOM   741  C CE1 . HIS A 1 117 ? 7.772   4.668   -6.116  1.00 29.06 ? 117 HIS A CE1 1 
ATOM   742  N NE2 . HIS A 1 117 ? 7.636   3.408   -5.753  1.00 30.98 ? 117 HIS A NE2 1 
ATOM   743  N N   . LYS A 1 118 ? 6.728   6.827   0.154   1.00 20.75 ? 118 LYS A N   1 
ATOM   744  C CA  . LYS A 1 118 ? 6.099   7.384   1.368   1.00 21.65 ? 118 LYS A CA  1 
ATOM   745  C C   . LYS A 1 118 ? 5.220   8.595   1.078   1.00 21.61 ? 118 LYS A C   1 
ATOM   746  O O   . LYS A 1 118 ? 4.158   8.719   1.716   1.00 19.82 ? 118 LYS A O   1 
ATOM   747  C CB  . LYS A 1 118 ? 7.160   7.754   2.391   1.00 22.48 ? 118 LYS A CB  1 
ATOM   748  C CG  . LYS A 1 118 ? 7.816   6.545   3.017   1.00 25.21 ? 118 LYS A CG  1 
ATOM   749  C CD  . LYS A 1 118 ? 8.740   6.998   4.122   1.00 28.97 ? 118 LYS A CD  1 
ATOM   750  C CE  . LYS A 1 118 ? 9.320   5.869   4.922   1.00 32.89 ? 118 LYS A CE  1 
ATOM   751  N NZ  . LYS A 1 118 ? 10.294  5.121   4.124   1.00 35.01 ? 118 LYS A NZ  1 
ATOM   752  N N   . ALA A 1 119 ? 5.647   9.490   0.181   1.00 22.76 ? 119 ALA A N   1 
ATOM   753  C CA  . ALA A 1 119 ? 4.876   10.731  -0.042  1.00 21.46 ? 119 ALA A CA  1 
ATOM   754  C C   . ALA A 1 119 ? 3.553   10.364  -0.719  1.00 19.15 ? 119 ALA A C   1 
ATOM   755  O O   . ALA A 1 119 ? 2.510   10.895  -0.341  1.00 21.54 ? 119 ALA A O   1 
ATOM   756  C CB  . ALA A 1 119 ? 5.672   11.700  -0.879  1.00 25.09 ? 119 ALA A CB  1 
ATOM   757  N N   . VAL A 1 120 ? 3.579   9.458   -1.680  1.00 19.68 ? 120 VAL A N   1 
ATOM   758  C CA  . VAL A 1 120 ? 2.345   9.058   -2.400  1.00 20.10 ? 120 VAL A CA  1 
ATOM   759  C C   . VAL A 1 120 ? 1.455   8.293   -1.423  1.00 21.41 ? 120 VAL A C   1 
ATOM   760  O O   . VAL A 1 120 ? 0.239   8.555   -1.382  1.00 22.69 ? 120 VAL A O   1 
ATOM   761  C CB  . VAL A 1 120 ? 2.676   8.241   -3.660  1.00 21.24 ? 120 VAL A CB  1 
ATOM   762  C CG1 . VAL A 1 120 ? 1.449   7.583   -4.265  1.00 21.06 ? 120 VAL A CG1 1 
ATOM   763  C CG2 . VAL A 1 120 ? 3.380   9.132   -4.679  1.00 21.44 ? 120 VAL A CG2 1 
ATOM   764  N N   . THR A 1 121 ? 2.050   7.402   -0.621  1.00 21.52 ? 121 THR A N   1 
ATOM   765  C CA  . THR A 1 121 ? 1.287   6.632   0.415   1.00 19.47 ? 121 THR A CA  1 
ATOM   766  C C   . THR A 1 121 ? 0.532   7.603   1.333   1.00 20.02 ? 121 THR A C   1 
ATOM   767  O O   . THR A 1 121 ? -0.694  7.441   1.565   1.00 20.94 ? 121 THR A O   1 
ATOM   768  C CB  . THR A 1 121 ? 2.234   5.731   1.207   1.00 20.57 ? 121 THR A CB  1 
ATOM   769  O OG1 . THR A 1 121 ? 2.834   4.839   0.267   1.00 20.07 ? 121 THR A OG1 1 
ATOM   770  C CG2 . THR A 1 121 ? 1.504   4.970   2.292   1.00 21.86 ? 121 THR A CG2 1 
ATOM   771  N N   . ARG A 1 122 ? 1.248   8.574   1.877   1.00 19.88 ? 122 ARG A N   1 
ATOM   772  C CA  . ARG A 1 122 ? 0.709   9.569   2.828   1.00 23.03 ? 122 ARG A CA  1 
ATOM   773  C C   . ARG A 1 122 ? -0.403  10.359  2.130   1.00 22.99 ? 122 ARG A C   1 
ATOM   774  O O   . ARG A 1 122 ? -1.483  10.458  2.682   1.00 23.25 ? 122 ARG A O   1 
ATOM   775  C CB  . ARG A 1 122 ? 1.848   10.471  3.320   1.00 27.04 ? 122 ARG A CB  1 
ATOM   776  C CG  . ARG A 1 122 ? 1.404   11.625  4.206   1.00 33.83 ? 122 ARG A CG  1 
ATOM   777  C CD  . ARG A 1 122 ? 2.416   12.773  4.209   1.00 41.02 ? 122 ARG A CD  1 
ATOM   778  N NE  . ARG A 1 122 ? 2.162   13.667  3.061   1.00 50.28 ? 122 ARG A NE  1 
ATOM   779  C CZ  . ARG A 1 122 ? 3.039   14.066  2.120   1.00 49.42 ? 122 ARG A CZ  1 
ATOM   780  N NH1 . ARG A 1 122 ? 4.316   13.708  2.157   1.00 45.69 ? 122 ARG A NH1 1 
ATOM   781  N NH2 . ARG A 1 122 ? 2.622   14.861  1.147   1.00 44.67 ? 122 ARG A NH2 1 
ATOM   782  N N   . ALA A 1 123 ? -0.162  10.889  0.926   1.00 23.77 ? 123 ALA A N   1 
ATOM   783  C CA  . ALA A 1 123 ? -1.138  11.797  0.287   1.00 21.94 ? 123 ALA A CA  1 
ATOM   784  C C   . ALA A 1 123 ? -2.342  10.983  -0.174  1.00 21.63 ? 123 ALA A C   1 
ATOM   785  O O   . ALA A 1 123 ? -3.536  11.424  -0.004  1.00 22.04 ? 123 ALA A O   1 
ATOM   786  C CB  . ALA A 1 123 ? -0.493  12.558  -0.832  1.00 22.80 ? 123 ALA A CB  1 
ATOM   787  N N   . GLY A 1 124 ? -2.079  9.772   -0.662  1.00 21.26 ? 124 GLY A N   1 
ATOM   788  C CA  . GLY A 1 124 ? -3.167  8.873   -1.096  1.00 22.21 ? 124 GLY A CA  1 
ATOM   789  C C   . GLY A 1 124 ? -4.039  8.427   0.059   1.00 21.17 ? 124 GLY A C   1 
ATOM   790  O O   . GLY A 1 124 ? -5.278  8.361   -0.103  1.00 23.69 ? 124 GLY A O   1 
ATOM   791  N N   . GLN A 1 125 ? -3.456  8.201   1.236   1.00 21.43 ? 125 GLN A N   1 
ATOM   792  C CA  . GLN A 1 125 ? -4.293  7.835   2.411   1.00 24.31 ? 125 GLN A CA  1 
ATOM   793  C C   . GLN A 1 125 ? -5.153  9.052   2.776   1.00 24.76 ? 125 GLN A C   1 
ATOM   794  O O   . GLN A 1 125 ? -6.322  8.853   3.039   1.00 22.69 ? 125 GLN A O   1 
ATOM   795  C CB  . GLN A 1 125 ? -3.502  7.334   3.627   1.00 27.72 ? 125 GLN A CB  1 
ATOM   796  C CG  . GLN A 1 125 ? -2.876  5.962   3.387   1.00 30.00 ? 125 GLN A CG  1 
ATOM   797  C CD  . GLN A 1 125 ? -3.793  4.921   2.765   1.00 36.49 ? 125 GLN A CD  1 
ATOM   798  O OE1 . GLN A 1 125 ? -3.707  4.558   1.570   1.00 49.62 ? 125 GLN A OE1 1 
ATOM   799  N NE2 . GLN A 1 125 ? -4.682  4.417   3.585   1.00 27.67 ? 125 GLN A NE2 1 
ATOM   800  N N   . ALA A 1 126 ? -4.606  10.252  2.727   1.00 23.96 ? 126 ALA A N   1 
ATOM   801  C CA  . ALA A 1 126 ? -5.344  11.462  3.155   1.00 28.12 ? 126 ALA A CA  1 
ATOM   802  C C   . ALA A 1 126 ? -6.499  11.714  2.175   1.00 28.80 ? 126 ALA A C   1 
ATOM   803  O O   . ALA A 1 126 ? -7.633  12.043  2.612   1.00 29.69 ? 126 ALA A O   1 
ATOM   804  C CB  . ALA A 1 126 ? -4.389  12.633  3.219   1.00 30.51 ? 126 ALA A CB  1 
ATOM   805  N N   . ALA A 1 127 ? -6.244  11.506  0.884   1.00 27.97 ? 127 ALA A N   1 
ATOM   806  C CA  . ALA A 1 127 ? -7.248  11.745  -0.181  1.00 26.66 ? 127 ALA A CA  1 
ATOM   807  C C   . ALA A 1 127 ? -8.429  10.781  -0.062  1.00 28.53 ? 127 ALA A C   1 
ATOM   808  O O   . ALA A 1 127 ? -9.461  11.011  -0.699  1.00 30.69 ? 127 ALA A O   1 
ATOM   809  C CB  . ALA A 1 127 ? -6.604  11.600  -1.513  1.00 25.58 ? 127 ALA A CB  1 
ATOM   810  N N   . ARG A 1 128 ? -8.322  9.680   0.677   1.00 27.47 ? 128 ARG A N   1 
ATOM   811  C CA  . ARG A 1 128 ? -9.487  8.789   0.838   1.00 27.19 ? 128 ARG A CA  1 
ATOM   812  C C   . ARG A 1 128 ? -10.688 9.547   1.394   1.00 30.31 ? 128 ARG A C   1 
ATOM   813  O O   . ARG A 1 128 ? -11.835 9.136   1.051   1.00 31.55 ? 128 ARG A O   1 
ATOM   814  C CB  . ARG A 1 128 ? -9.165  7.630   1.763   1.00 26.34 ? 128 ARG A CB  1 
ATOM   815  C CG  . ARG A 1 128 ? -8.265  6.633   1.075   1.00 28.49 ? 128 ARG A CG  1 
ATOM   816  C CD  . ARG A 1 128 ? -7.754  5.661   2.091   1.00 29.53 ? 128 ARG A CD  1 
ATOM   817  N NE  . ARG A 1 128 ? -8.827  4.792   2.502   1.00 31.77 ? 128 ARG A NE  1 
ATOM   818  C CZ  . ARG A 1 128 ? -8.685  3.844   3.416   1.00 35.82 ? 128 ARG A CZ  1 
ATOM   819  N NH1 . ARG A 1 128 ? -7.528  3.715   4.051   1.00 30.40 ? 128 ARG A NH1 1 
ATOM   820  N NH2 . ARG A 1 128 ? -9.718  3.085   3.723   1.00 33.52 ? 128 ARG A NH2 1 
ATOM   821  N N   . ALA A 1 129 ? -10.441 10.568  2.209   1.00 30.59 ? 129 ALA A N   1 
ATOM   822  C CA  . ALA A 1 129 ? -11.495 11.389  2.850   1.00 35.96 ? 129 ALA A CA  1 
ATOM   823  C C   . ALA A 1 129 ? -12.255 12.219  1.799   1.00 37.24 ? 129 ALA A C   1 
ATOM   824  O O   . ALA A 1 129 ? -13.437 12.457  1.998   1.00 38.29 ? 129 ALA A O   1 
ATOM   825  C CB  . ALA A 1 129 ? -10.899 12.265  3.923   1.00 32.57 ? 129 ALA A CB  1 
ATOM   826  N N   . THR A 1 130 ? -11.608 12.646  0.724   1.00 37.21 ? 130 THR A N   1 
ATOM   827  C CA  . THR A 1 130 ? -12.137 13.717  -0.148  1.00 39.02 ? 130 THR A CA  1 
ATOM   828  C C   . THR A 1 130 ? -12.337 13.195  -1.572  1.00 39.05 ? 130 THR A C   1 
ATOM   829  O O   . THR A 1 130 ? -12.912 13.922  -2.377  1.00 37.90 ? 130 THR A O   1 
ATOM   830  C CB  . THR A 1 130 ? -11.197 14.919  -0.063  1.00 37.91 ? 130 THR A CB  1 
ATOM   831  O OG1 . THR A 1 130 ? -9.952  14.461  -0.569  1.00 37.64 ? 130 THR A OG1 1 
ATOM   832  C CG2 . THR A 1 130 ? -11.002 15.427  1.349   1.00 39.64 ? 130 THR A CG2 1 
ATOM   833  N N   . SER A 1 131 ? -11.885 11.989  -1.896  1.00 31.06 ? 131 SER A N   1 
ATOM   834  C CA  . SER A 1 131 ? -11.990 11.471  -3.274  1.00 32.34 ? 131 SER A CA  1 
ATOM   835  C C   . SER A 1 131 ? -12.624 10.090  -3.252  1.00 36.78 ? 131 SER A C   1 
ATOM   836  O O   . SER A 1 131 ? -12.033 9.167   -2.680  1.00 30.91 ? 131 SER A O   1 
ATOM   837  C CB  . SER A 1 131 ? -10.684 11.440  -3.947  1.00 31.10 ? 131 SER A CB  1 
ATOM   838  O OG  . SER A 1 131 ? -10.789 10.666  -5.121  1.00 28.12 ? 131 SER A OG  1 
ATOM   839  N N   . VAL A 1 132 ? -13.788 9.969   -3.888  1.00 34.52 ? 132 VAL A N   1 
ATOM   840  C CA  . VAL A 1 132 ? -14.513 8.686   -3.985  1.00 33.23 ? 132 VAL A CA  1 
ATOM   841  C C   . VAL A 1 132 ? -13.661 7.741   -4.838  1.00 30.24 ? 132 VAL A C   1 
ATOM   842  O O   . VAL A 1 132 ? -13.646 6.545   -4.529  1.00 30.06 ? 132 VAL A O   1 
ATOM   843  C CB  . VAL A 1 132 ? -15.930 8.906   -4.546  1.00 37.43 ? 132 VAL A CB  1 
ATOM   844  C CG1 . VAL A 1 132 ? -16.728 7.615   -4.552  1.00 41.61 ? 132 VAL A CG1 1 
ATOM   845  C CG2 . VAL A 1 132 ? -16.665 9.977   -3.754  1.00 38.81 ? 132 VAL A CG2 1 
ATOM   846  N N   . GLU A 1 133 ? -12.959 8.243   -5.865  1.00 27.46 ? 133 GLU A N   1 
ATOM   847  C CA  . GLU A 1 133 ? -12.132 7.389   -6.748  1.00 29.85 ? 133 GLU A CA  1 
ATOM   848  C C   . GLU A 1 133 ? -10.984 6.823   -5.893  1.00 25.01 ? 133 GLU A C   1 
ATOM   849  O O   . GLU A 1 133 ? -10.576 5.661   -6.121  1.00 24.31 ? 133 GLU A O   1 
ATOM   850  C CB  . GLU A 1 133 ? -11.551 8.142   -7.948  1.00 33.88 ? 133 GLU A CB  1 
ATOM   851  C CG  . GLU A 1 133 ? -12.586 8.708   -8.905  1.00 41.35 ? 133 GLU A CG  1 
ATOM   852  C CD  . GLU A 1 133 ? -13.113 10.085  -8.526  1.00 50.99 ? 133 GLU A CD  1 
ATOM   853  O OE1 . GLU A 1 133 ? -12.943 10.520  -7.340  1.00 52.53 ? 133 GLU A OE1 1 
ATOM   854  O OE2 . GLU A 1 133 ? -13.718 10.732  -9.403  1.00 60.86 ? 133 GLU A OE2 1 
ATOM   855  N N   . VAL A 1 134 ? -10.429 7.646   -5.015  1.00 24.54 ? 134 VAL A N   1 
ATOM   856  C CA  . VAL A 1 134 ? -9.255  7.168   -4.231  1.00 25.29 ? 134 VAL A CA  1 
ATOM   857  C C   . VAL A 1 134 ? -9.772  6.134   -3.223  1.00 23.71 ? 134 VAL A C   1 
ATOM   858  O O   . VAL A 1 134 ? -9.147  5.077   -3.092  1.00 22.77 ? 134 VAL A O   1 
ATOM   859  C CB  . VAL A 1 134 ? -8.471  8.307   -3.582  1.00 24.07 ? 134 VAL A CB  1 
ATOM   860  C CG1 . VAL A 1 134 ? -7.589  7.792   -2.439  1.00 23.41 ? 134 VAL A CG1 1 
ATOM   861  C CG2 . VAL A 1 134 ? -7.626  9.059   -4.596  1.00 23.56 ? 134 VAL A CG2 1 
ATOM   862  N N   . ALA A 1 135 ? -10.904 6.415   -2.579  1.00 24.59 ? 135 ALA A N   1 
ATOM   863  C CA  . ALA A 1 135 ? -11.521 5.478   -1.601  1.00 23.98 ? 135 ALA A CA  1 
ATOM   864  C C   . ALA A 1 135 ? -11.837 4.148   -2.297  1.00 25.81 ? 135 ALA A C   1 
ATOM   865  O O   . ALA A 1 135 ? -11.578 3.087   -1.710  1.00 25.45 ? 135 ALA A O   1 
ATOM   866  C CB  . ALA A 1 135 ? -12.730 6.082   -0.955  1.00 25.37 ? 135 ALA A CB  1 
ATOM   867  N N   . GLU A 1 136 ? -12.363 4.176   -3.520  1.00 23.72 ? 136 GLU A N   1 
ATOM   868  C CA  . GLU A 1 136 ? -12.775 2.947   -4.228  1.00 25.00 ? 136 GLU A CA  1 
ATOM   869  C C   . GLU A 1 136 ? -11.534 2.156   -4.631  1.00 22.35 ? 136 GLU A C   1 
ATOM   870  O O   . GLU A 1 136 ? -11.586 0.921   -4.611  1.00 22.76 ? 136 GLU A O   1 
ATOM   871  C CB  . GLU A 1 136 ? -13.664 3.287   -5.417  1.00 29.46 ? 136 GLU A CB  1 
ATOM   872  C CG  . GLU A 1 136 ? -15.016 3.779   -4.953  1.00 35.84 ? 136 GLU A CG  1 
ATOM   873  C CD  . GLU A 1 136 ? -15.985 4.092   -6.077  1.00 44.44 ? 136 GLU A CD  1 
ATOM   874  O OE1 . GLU A 1 136 ? -15.519 4.270   -7.228  1.00 44.80 ? 136 GLU A OE1 1 
ATOM   875  O OE2 . GLU A 1 136 ? -17.201 4.179   -5.790  1.00 50.97 ? 136 GLU A OE2 1 
ATOM   876  N N   . LEU A 1 137 ? -10.463 2.847   -5.019  1.00 21.33 ? 137 LEU A N   1 
ATOM   877  C CA  . LEU A 1 137 ? -9.227  2.173   -5.458  1.00 21.61 ? 137 LEU A CA  1 
ATOM   878  C C   . LEU A 1 137 ? -8.715  1.406   -4.232  1.00 19.97 ? 137 LEU A C   1 
ATOM   879  O O   . LEU A 1 137 ? -8.414  0.224   -4.310  1.00 19.23 ? 137 LEU A O   1 
ATOM   880  C CB  . LEU A 1 137 ? -8.225  3.231   -5.931  1.00 23.60 ? 137 LEU A CB  1 
ATOM   881  C CG  . LEU A 1 137 ? -6.831  2.700   -6.252  1.00 24.50 ? 137 LEU A CG  1 
ATOM   882  C CD1 . LEU A 1 137 ? -6.841  1.726   -7.413  1.00 25.99 ? 137 LEU A CD1 1 
ATOM   883  C CD2 . LEU A 1 137 ? -5.873  3.833   -6.563  1.00 28.40 ? 137 LEU A CD2 1 
ATOM   884  N N   . TRP A 1 138 ? -8.596  2.112   -3.136  1.00 20.92 ? 138 TRP A N   1 
ATOM   885  C CA  . TRP A 1 138 ? -8.057  1.514   -1.908  1.00 22.73 ? 138 TRP A CA  1 
ATOM   886  C C   . TRP A 1 138 ? -8.939  0.314   -1.532  1.00 19.98 ? 138 TRP A C   1 
ATOM   887  O O   . TRP A 1 138 ? -8.435  -0.807  -1.259  1.00 19.56 ? 138 TRP A O   1 
ATOM   888  C CB  . TRP A 1 138 ? -8.023  2.582   -0.819  1.00 24.47 ? 138 TRP A CB  1 
ATOM   889  C CG  . TRP A 1 138 ? -7.266  1.996   0.297   1.00 27.61 ? 138 TRP A CG  1 
ATOM   890  C CD1 . TRP A 1 138 ? -7.735  1.435   1.455   1.00 31.66 ? 138 TRP A CD1 1 
ATOM   891  C CD2 . TRP A 1 138 ? -5.860  1.745   0.255   1.00 29.48 ? 138 TRP A CD2 1 
ATOM   892  N NE1 . TRP A 1 138 ? -6.690  0.911   2.173   1.00 29.96 ? 138 TRP A NE1 1 
ATOM   893  C CE2 . TRP A 1 138 ? -5.532  1.078   1.457   1.00 27.94 ? 138 TRP A CE2 1 
ATOM   894  C CE3 . TRP A 1 138 ? -4.856  2.050   -0.658  1.00 26.10 ? 138 TRP A CE3 1 
ATOM   895  C CZ2 . TRP A 1 138 ? -4.222  0.697   1.730   1.00 29.21 ? 138 TRP A CZ2 1 
ATOM   896  C CZ3 . TRP A 1 138 ? -3.563  1.698   -0.368  1.00 29.13 ? 138 TRP A CZ3 1 
ATOM   897  C CH2 . TRP A 1 138 ? -3.258  1.002   0.792   1.00 27.52 ? 138 TRP A CH2 1 
ATOM   898  N N   . SER A 1 139 ? -10.246 0.532   -1.509  1.00 20.51 ? 139 SER A N   1 
ATOM   899  C CA  . SER A 1 139 ? -11.232 -0.516  -1.154  1.00 20.16 ? 139 SER A CA  1 
ATOM   900  C C   . SER A 1 139 ? -11.076 -1.750  -2.046  1.00 18.11 ? 139 SER A C   1 
ATOM   901  O O   . SER A 1 139 ? -11.087 -2.866  -1.538  1.00 19.90 ? 139 SER A O   1 
ATOM   902  C CB  . SER A 1 139 ? -12.633 0.081   -1.127  1.00 22.31 ? 139 SER A CB  1 
ATOM   903  O OG  . SER A 1 139 ? -13.587 -0.926  -1.029  1.00 29.62 ? 139 SER A OG  1 
ATOM   904  N N   . THR A 1 140 ? -10.984 -1.594  -3.357  1.00 19.07 ? 140 THR A N   1 
ATOM   905  C CA  . THR A 1 140 ? -10.842 -2.690  -4.321  1.00 18.61 ? 140 THR A CA  1 
ATOM   906  C C   . THR A 1 140 ? -9.636  -3.545  -3.949  1.00 16.98 ? 140 THR A C   1 
ATOM   907  O O   . THR A 1 140 ? -9.745  -4.769  -3.969  1.00 17.59 ? 140 THR A O   1 
ATOM   908  C CB  . THR A 1 140 ? -10.648 -2.138  -5.745  1.00 22.88 ? 140 THR A CB  1 
ATOM   909  O OG1 . THR A 1 140 ? -11.889 -1.499  -6.028  1.00 29.00 ? 140 THR A OG1 1 
ATOM   910  C CG2 . THR A 1 140 ? -10.417 -3.194  -6.788  1.00 26.69 ? 140 THR A CG2 1 
ATOM   911  N N   . PHE A 1 141 ? -8.480  -2.922  -3.780  1.00 15.83 ? 141 PHE A N   1 
ATOM   912  C CA  . PHE A 1 141 ? -7.233  -3.692  -3.584  1.00 15.90 ? 141 PHE A CA  1 
ATOM   913  C C   . PHE A 1 141 ? -7.264  -4.324  -2.183  1.00 15.18 ? 141 PHE A C   1 
ATOM   914  O O   . PHE A 1 141 ? -6.791  -5.436  -2.098  1.00 15.18 ? 141 PHE A O   1 
ATOM   915  C CB  . PHE A 1 141 ? -6.011  -2.824  -3.877  1.00 16.79 ? 141 PHE A CB  1 
ATOM   916  C CG  . PHE A 1 141 ? -5.711  -2.800  -5.361  1.00 18.89 ? 141 PHE A CG  1 
ATOM   917  C CD1 . PHE A 1 141 ? -4.965  -3.823  -5.928  1.00 19.45 ? 141 PHE A CD1 1 
ATOM   918  C CD2 . PHE A 1 141 ? -6.240  -1.817  -6.183  1.00 20.57 ? 141 PHE A CD2 1 
ATOM   919  C CE1 . PHE A 1 141 ? -4.705  -3.829  -7.291  1.00 21.93 ? 141 PHE A CE1 1 
ATOM   920  C CE2 . PHE A 1 141 ? -5.989  -1.833  -7.555  1.00 21.84 ? 141 PHE A CE2 1 
ATOM   921  C CZ  . PHE A 1 141 ? -5.225  -2.836  -8.096  1.00 21.91 ? 141 PHE A CZ  1 
ATOM   922  N N   . MET A 1 142 ? -7.778  -3.633  -1.161  1.00 17.11 ? 142 MET A N   1 
ATOM   923  C CA  . MET A 1 142 ? -7.863  -4.225  0.209   1.00 17.79 ? 142 MET A CA  1 
ATOM   924  C C   . MET A 1 142 ? -8.723  -5.507  0.116   1.00 16.85 ? 142 MET A C   1 
ATOM   925  O O   . MET A 1 142 ? -8.393  -6.509  0.746   1.00 15.47 ? 142 MET A O   1 
ATOM   926  C CB  . MET A 1 142 ? -8.511  -3.267  1.214   1.00 21.18 ? 142 MET A CB  1 
ATOM   927  C CG  . MET A 1 142 ? -7.718  -2.077  1.592   1.00 27.42 ? 142 MET A CG  1 
ATOM   928  S SD  . MET A 1 142 ? -6.287  -2.632  2.537   1.00 30.35 ? 142 MET A SD  1 
ATOM   929  C CE  . MET A 1 142 ? -6.933  -3.071  4.160   1.00 25.12 ? 142 MET A CE  1 
ATOM   930  N N   . GLN A 1 143 ? -9.821  -5.469  -0.623  1.00 17.40 ? 143 GLN A N   1 
ATOM   931  C CA  . GLN A 1 143 ? -10.702 -6.658  -0.741  1.00 17.76 ? 143 GLN A CA  1 
ATOM   932  C C   . GLN A 1 143 ? -9.906  -7.785  -1.401  1.00 16.14 ? 143 GLN A C   1 
ATOM   933  O O   . GLN A 1 143 ? -9.987  -8.920  -0.924  1.00 16.31 ? 143 GLN A O   1 
ATOM   934  C CB  . GLN A 1 143 ? -11.950 -6.353  -1.553  1.00 21.44 ? 143 GLN A CB  1 
ATOM   935  C CG  . GLN A 1 143 ? -12.889 -5.386  -0.847  1.00 25.22 ? 143 GLN A CG  1 
ATOM   936  C CD  . GLN A 1 143 ? -14.066 -5.087  -1.760  1.00 35.03 ? 143 GLN A CD  1 
ATOM   937  O OE1 . GLN A 1 143 ? -14.778 -5.996  -2.172  1.00 37.33 ? 143 GLN A OE1 1 
ATOM   938  N NE2 . GLN A 1 143 ? -14.274 -3.823  -2.092  1.00 33.92 ? 143 GLN A NE2 1 
ATOM   939  N N   . LYS A 1 144 ? -9.087  -7.482  -2.414  1.00 15.58 ? 144 LYS A N   1 
ATOM   940  C CA  . LYS A 1 144 ? -8.291  -8.512  -3.089  1.00 17.41 ? 144 LYS A CA  1 
ATOM   941  C C   . LYS A 1 144 ? -7.258  -9.127  -2.132  1.00 15.11 ? 144 LYS A C   1 
ATOM   942  O O   . LYS A 1 144 ? -7.074  -10.331 -2.094  1.00 15.51 ? 144 LYS A O   1 
ATOM   943  C CB  . LYS A 1 144 ? -7.592  -7.885  -4.296  1.00 21.99 ? 144 LYS A CB  1 
ATOM   944  C CG  . LYS A 1 144 ? -6.919  -8.874  -5.213  1.00 29.00 ? 144 LYS A CG  1 
ATOM   945  C CD  . LYS A 1 144 ? -6.377  -8.230  -6.510  1.00 32.63 ? 144 LYS A CD  1 
ATOM   946  C CE  . LYS A 1 144 ? -5.439  -9.200  -7.214  1.00 35.89 ? 144 LYS A CE  1 
ATOM   947  N NZ  . LYS A 1 144 ? -5.076  -8.677  -8.551  1.00 40.67 ? 144 LYS A NZ  1 
ATOM   948  N N   . TRP A 1 145 ? -6.566  -8.270  -1.398  1.00 15.24 ? 145 TRP A N   1 
ATOM   949  C CA  . TRP A 1 145 ? -5.475  -8.699  -0.496  1.00 13.51 ? 145 TRP A CA  1 
ATOM   950  C C   . TRP A 1 145 ? -6.054  -9.485  0.676   1.00 13.93 ? 145 TRP A C   1 
ATOM   951  O O   . TRP A 1 145 ? -5.455  -10.489 1.053   1.00 14.31 ? 145 TRP A O   1 
ATOM   952  C CB  . TRP A 1 145 ? -4.647  -7.500  -0.066  1.00 14.96 ? 145 TRP A CB  1 
ATOM   953  C CG  . TRP A 1 145 ? -3.986  -6.828  -1.222  1.00 14.71 ? 145 TRP A CG  1 
ATOM   954  C CD1 . TRP A 1 145 ? -3.632  -7.402  -2.419  1.00 16.52 ? 145 TRP A CD1 1 
ATOM   955  C CD2 . TRP A 1 145 ? -3.586  -5.457  -1.280  1.00 14.38 ? 145 TRP A CD2 1 
ATOM   956  N NE1 . TRP A 1 145 ? -3.022  -6.461  -3.209  1.00 16.26 ? 145 TRP A NE1 1 
ATOM   957  C CE2 . TRP A 1 145 ? -3.028  -5.252  -2.564  1.00 14.25 ? 145 TRP A CE2 1 
ATOM   958  C CE3 . TRP A 1 145 ? -3.684  -4.378  -0.401  1.00 16.21 ? 145 TRP A CE3 1 
ATOM   959  C CZ2 . TRP A 1 145 ? -2.492  -4.024  -2.933  1.00 16.30 ? 145 TRP A CZ2 1 
ATOM   960  C CZ3 . TRP A 1 145 ? -3.209  -3.143  -0.781  1.00 18.63 ? 145 TRP A CZ3 1 
ATOM   961  C CH2 . TRP A 1 145 ? -2.619  -2.977  -2.034  1.00 16.90 ? 145 TRP A CH2 1 
ATOM   962  N N   . ILE A 1 146 ? -7.205  -9.067  1.183   1.00 14.84 ? 146 ILE A N   1 
ATOM   963  C CA  . ILE A 1 146 ? -7.893  -9.811  2.275   1.00 13.97 ? 146 ILE A CA  1 
ATOM   964  C C   . ILE A 1 146 ? -8.343  -11.179 1.738   1.00 13.46 ? 146 ILE A C   1 
ATOM   965  O O   . ILE A 1 146 ? -8.137  -12.176 2.387   1.00 15.29 ? 146 ILE A O   1 
ATOM   966  C CB  . ILE A 1 146 ? -9.061  -8.969  2.825   1.00 13.43 ? 146 ILE A CB  1 
ATOM   967  C CG1 . ILE A 1 146 ? -8.502  -7.772  3.602   1.00 14.18 ? 146 ILE A CG1 1 
ATOM   968  C CG2 . ILE A 1 146 ? -9.982  -9.871  3.656   1.00 15.45 ? 146 ILE A CG2 1 
ATOM   969  C CD1 . ILE A 1 146 ? -9.520  -6.722  3.938   1.00 14.08 ? 146 ILE A CD1 1 
ATOM   970  N N   . ALA A 1 147 ? -8.952  -11.215 0.559   1.00 14.71 ? 147 ALA A N   1 
ATOM   971  C CA  . ALA A 1 147 ? -9.414  -12.492 -0.038  1.00 15.42 ? 147 ALA A CA  1 
ATOM   972  C C   . ALA A 1 147 ? -8.227  -13.442 -0.197  1.00 16.94 ? 147 ALA A C   1 
ATOM   973  O O   . ALA A 1 147 ? -8.356  -14.648 0.098   1.00 16.36 ? 147 ALA A O   1 
ATOM   974  C CB  . ALA A 1 147 ? -10.128 -12.244 -1.355  1.00 16.75 ? 147 ALA A CB  1 
ATOM   975  N N   . TYR A 1 148 ? -7.089  -12.946 -0.685  1.00 16.66 ? 148 TYR A N   1 
ATOM   976  C CA  . TYR A 1 148 ? -5.910  -13.827 -0.873  1.00 17.98 ? 148 TYR A CA  1 
ATOM   977  C C   . TYR A 1 148 ? -5.423  -14.326 0.499   1.00 15.31 ? 148 TYR A C   1 
ATOM   978  O O   . TYR A 1 148 ? -5.127  -15.527 0.698   1.00 15.74 ? 148 TYR A O   1 
ATOM   979  C CB  . TYR A 1 148 ? -4.832  -13.120 -1.698  1.00 18.98 ? 148 TYR A CB  1 
ATOM   980  C CG  . TYR A 1 148 ? -3.594  -13.949 -1.835  1.00 23.94 ? 148 TYR A CG  1 
ATOM   981  C CD1 . TYR A 1 148 ? -3.608  -15.199 -2.447  1.00 25.25 ? 148 TYR A CD1 1 
ATOM   982  C CD2 . TYR A 1 148 ? -2.401  -13.511 -1.290  1.00 26.18 ? 148 TYR A CD2 1 
ATOM   983  C CE1 . TYR A 1 148 ? -2.456  -15.976 -2.541  1.00 27.89 ? 148 TYR A CE1 1 
ATOM   984  C CE2 . TYR A 1 148 ? -1.252  -14.277 -1.370  1.00 27.65 ? 148 TYR A CE2 1 
ATOM   985  C CZ  . TYR A 1 148 ? -1.264  -15.501 -2.008  1.00 29.17 ? 148 TYR A CZ  1 
ATOM   986  O OH  . TYR A 1 148 ? -0.109  -16.234 -2.025  1.00 30.04 ? 148 TYR A OH  1 
ATOM   987  N N   . THR A 1 149 ? -5.331  -13.433 1.487   1.00 13.68 ? 149 THR A N   1 
ATOM   988  C CA  . THR A 1 149 ? -4.871  -13.784 2.847   1.00 14.47 ? 149 THR A CA  1 
ATOM   989  C C   . THR A 1 149 ? -5.792  -14.888 3.403   1.00 13.05 ? 149 THR A C   1 
ATOM   990  O O   . THR A 1 149 ? -5.323  -15.874 3.969   1.00 13.97 ? 149 THR A O   1 
ATOM   991  C CB  . THR A 1 149 ? -4.872  -12.547 3.769   1.00 13.44 ? 149 THR A CB  1 
ATOM   992  O OG1 . THR A 1 149 ? -4.003  -11.526 3.239   1.00 14.49 ? 149 THR A OG1 1 
ATOM   993  C CG2 . THR A 1 149 ? -4.459  -12.906 5.175   1.00 13.06 ? 149 THR A CG2 1 
ATOM   994  N N   . ALA A 1 150 ? -7.098  -14.692 3.302   1.00 13.88 ? 150 ALA A N   1 
ATOM   995  C CA  . ALA A 1 150 ? -8.107  -15.652 3.804   1.00 14.73 ? 150 ALA A CA  1 
ATOM   996  C C   . ALA A 1 150 ? -7.924  -17.021 3.100   1.00 14.80 ? 150 ALA A C   1 
ATOM   997  O O   . ALA A 1 150 ? -8.028  -18.040 3.775   1.00 16.14 ? 150 ALA A O   1 
ATOM   998  C CB  . ALA A 1 150 ? -9.497  -15.109 3.642   1.00 15.52 ? 150 ALA A CB  1 
ATOM   999  N N   . ALA A 1 151 ? -7.757  -17.036 1.779   1.00 17.46 ? 151 ALA A N   1 
ATOM   1000 C CA  . ALA A 1 151 ? -7.583  -18.298 1.006   1.00 19.52 ? 151 ALA A CA  1 
ATOM   1001 C C   . ALA A 1 151 ? -6.346  -19.041 1.495   1.00 20.65 ? 151 ALA A C   1 
ATOM   1002 O O   . ALA A 1 151 ? -6.403  -20.269 1.655   1.00 19.74 ? 151 ALA A O   1 
ATOM   1003 C CB  . ALA A 1 151 ? -7.525  -18.021 -0.459  1.00 19.70 ? 151 ALA A CB  1 
ATOM   1004 N N   . VAL A 1 152 ? -5.283  -18.313 1.835   1.00 18.68 ? 152 VAL A N   1 
ATOM   1005 C CA  . VAL A 1 152 ? -4.049  -18.958 2.323   1.00 17.35 ? 152 VAL A CA  1 
ATOM   1006 C C   . VAL A 1 152 ? -4.323  -19.540 3.697   1.00 18.87 ? 152 VAL A C   1 
ATOM   1007 O O   . VAL A 1 152 ? -3.894  -20.655 3.977   1.00 16.92 ? 152 VAL A O   1 
ATOM   1008 C CB  . VAL A 1 152 ? -2.901  -17.939 2.326   1.00 18.35 ? 152 VAL A CB  1 
ATOM   1009 C CG1 . VAL A 1 152 ? -1.723  -18.441 3.132   1.00 19.74 ? 152 VAL A CG1 1 
ATOM   1010 C CG2 . VAL A 1 152 ? -2.537  -17.590 0.903   1.00 20.22 ? 152 VAL A CG2 1 
ATOM   1011 N N   . ILE A 1 153 ? -4.975  -18.785 4.575   1.00 16.96 ? 153 ILE A N   1 
ATOM   1012 C CA  . ILE A 1 153 ? -5.251  -19.277 5.946   1.00 16.66 ? 153 ILE A CA  1 
ATOM   1013 C C   . ILE A 1 153 ? -6.099  -20.563 5.823   1.00 19.82 ? 153 ILE A C   1 
ATOM   1014 O O   . ILE A 1 153 ? -5.809  -21.498 6.523   1.00 19.29 ? 153 ILE A O   1 
ATOM   1015 C CB  . ILE A 1 153 ? -5.954  -18.187 6.779   1.00 16.87 ? 153 ILE A CB  1 
ATOM   1016 C CG1 . ILE A 1 153 ? -4.980  -17.039 7.073   1.00 16.28 ? 153 ILE A CG1 1 
ATOM   1017 C CG2 . ILE A 1 153 ? -6.510  -18.741 8.067   1.00 17.01 ? 153 ILE A CG2 1 
ATOM   1018 C CD1 . ILE A 1 153 ? -5.644  -15.832 7.681   1.00 14.93 ? 153 ILE A CD1 1 
ATOM   1019 N N   . ASP A 1 154 ? -7.123  -20.561 4.992   1.00 18.92 ? 154 ASP A N   1 
ATOM   1020 C CA  . ASP A 1 154 ? -7.991  -21.757 4.765   1.00 21.65 ? 154 ASP A CA  1 
ATOM   1021 C C   . ASP A 1 154 ? -7.155  -22.950 4.261   1.00 22.68 ? 154 ASP A C   1 
ATOM   1022 O O   . ASP A 1 154 ? -7.348  -24.085 4.782   1.00 23.48 ? 154 ASP A O   1 
ATOM   1023 C CB  . ASP A 1 154 ? -9.146  -21.408 3.841   1.00 24.13 ? 154 ASP A CB  1 
ATOM   1024 C CG  . ASP A 1 154 ? -10.289 -20.717 4.567   1.00 27.14 ? 154 ASP A CG  1 
ATOM   1025 O OD1 . ASP A 1 154 ? -10.494 -20.965 5.800   1.00 30.05 ? 154 ASP A OD1 1 
ATOM   1026 O OD2 . ASP A 1 154 ? -10.961 -19.921 3.907   1.00 36.69 ? 154 ASP A OD2 1 
ATOM   1027 N N   . ALA A 1 155 ? -6.235  -22.722 3.344   1.00 23.33 ? 155 ALA A N   1 
ATOM   1028 C CA  . ALA A 1 155 ? -5.375  -23.789 2.769   1.00 24.06 ? 155 ALA A CA  1 
ATOM   1029 C C   . ALA A 1 155 ? -4.469  -24.311 3.866   1.00 24.51 ? 155 ALA A C   1 
ATOM   1030 O O   . ALA A 1 155 ? -4.361  -25.513 3.994   1.00 24.18 ? 155 ALA A O   1 
ATOM   1031 C CB  . ALA A 1 155 ? -4.575  -23.287 1.585   1.00 25.48 ? 155 ALA A CB  1 
ATOM   1032 N N   . GLU A 1 156 ? -3.951  -23.438 4.741   1.00 19.75 ? 156 GLU A N   1 
ATOM   1033 C CA  . GLU A 1 156 ? -3.129  -23.874 5.873   1.00 20.17 ? 156 GLU A CA  1 
ATOM   1034 C C   . GLU A 1 156 ? -3.970  -24.754 6.800   1.00 21.23 ? 156 GLU A C   1 
ATOM   1035 O O   . GLU A 1 156 ? -3.448  -25.736 7.372   1.00 24.70 ? 156 GLU A O   1 
ATOM   1036 C CB  . GLU A 1 156 ? -2.566  -22.635 6.587   1.00 22.69 ? 156 GLU A CB  1 
ATOM   1037 C CG  . GLU A 1 156 ? -1.406  -21.981 5.873   1.00 21.85 ? 156 GLU A CG  1 
ATOM   1038 C CD  . GLU A 1 156 ? -0.152  -22.864 5.916   1.00 26.28 ? 156 GLU A CD  1 
ATOM   1039 O OE1 . GLU A 1 156 ? 0.744   -22.613 6.743   1.00 22.67 ? 156 GLU A OE1 1 
ATOM   1040 O OE2 . GLU A 1 156 ? -0.074  -23.813 5.118   1.00 26.75 ? 156 GLU A OE2 1 
ATOM   1041 N N   . ARG A 1 157 ? -5.211  -24.369 7.060   1.00 20.20 ? 157 ARG A N   1 
ATOM   1042 C CA  . ARG A 1 157 ? -6.099  -25.139 7.977   1.00 19.33 ? 157 ARG A CA  1 
ATOM   1043 C C   . ARG A 1 157 ? -6.398  -26.517 7.328   1.00 21.82 ? 157 ARG A C   1 
ATOM   1044 O O   . ARG A 1 157 ? -6.411  -27.526 8.045   1.00 25.71 ? 157 ARG A O   1 
ATOM   1045 C CB  . ARG A 1 157 ? -7.397  -24.375 8.234   1.00 20.75 ? 157 ARG A CB  1 
ATOM   1046 C CG  . ARG A 1 157 ? -7.188  -23.154 9.125   1.00 20.18 ? 157 ARG A CG  1 
ATOM   1047 C CD  . ARG A 1 157 ? -8.402  -22.269 9.182   1.00 18.33 ? 157 ARG A CD  1 
ATOM   1048 N NE  . ARG A 1 157 ? -8.130  -21.160 10.100  1.00 19.02 ? 157 ARG A NE  1 
ATOM   1049 C CZ  . ARG A 1 157 ? -9.026  -20.308 10.551  1.00 20.23 ? 157 ARG A CZ  1 
ATOM   1050 N NH1 . ARG A 1 157 ? -8.663  -19.386 11.434  1.00 17.99 ? 157 ARG A NH1 1 
ATOM   1051 N NH2 . ARG A 1 157 ? -10.287 -20.390 10.148  1.00 19.46 ? 157 ARG A NH2 1 
ATOM   1052 N N   . ASP A 1 158 ? -6.709  -26.514 6.056   1.00 23.29 ? 158 ASP A N   1 
ATOM   1053 C CA  . ASP A 1 158 ? -7.043  -27.751 5.278   1.00 29.49 ? 158 ASP A CA  1 
ATOM   1054 C C   . ASP A 1 158 ? -5.881  -28.744 5.302   1.00 32.87 ? 158 ASP A C   1 
ATOM   1055 O O   . ASP A 1 158 ? -6.169  -29.948 5.420   1.00 34.86 ? 158 ASP A O   1 
ATOM   1056 C CB  . ASP A 1 158 ? -7.388  -27.393 3.837   1.00 29.67 ? 158 ASP A CB  1 
ATOM   1057 C CG  . ASP A 1 158 ? -8.743  -26.714 3.723   1.00 33.74 ? 158 ASP A CG  1 
ATOM   1058 O OD1 . ASP A 1 158 ? -9.487  -26.708 4.737   1.00 40.11 ? 158 ASP A OD1 1 
ATOM   1059 O OD2 . ASP A 1 158 ? -9.056  -26.204 2.617   1.00 42.04 ? 158 ASP A OD2 1 
ATOM   1060 N N   . ARG A 1 159 ? -4.631  -28.277 5.243   1.00 31.26 ? 159 ARG A N   1 
ATOM   1061 C CA  . ARG A 1 159 ? -3.442  -29.165 5.290   1.00 32.48 ? 159 ARG A CA  1 
ATOM   1062 C C   . ARG A 1 159 ? -3.036  -29.448 6.742   1.00 32.27 ? 159 ARG A C   1 
ATOM   1063 O O   . ARG A 1 159 ? -2.082  -30.206 6.924   1.00 33.50 ? 159 ARG A O   1 
ATOM   1064 C CB  . ARG A 1 159 ? -2.317  -28.651 4.378   1.00 34.69 ? 159 ARG A CB  1 
ATOM   1065 C CG  . ARG A 1 159 ? -1.559  -27.432 4.863   1.00 37.23 ? 159 ARG A CG  1 
ATOM   1066 C CD  . ARG A 1 159 ? -0.497  -26.921 3.888   1.00 35.30 ? 159 ARG A CD  1 
ATOM   1067 N NE  . ARG A 1 159 ? -0.969  -26.707 2.523   1.00 42.39 ? 159 ARG A NE  1 
ATOM   1068 C CZ  . ARG A 1 159 ? -1.171  -25.522 1.930   1.00 44.98 ? 159 ARG A CZ  1 
ATOM   1069 N NH1 . ARG A 1 159 ? -0.971  -24.372 2.577   1.00 42.67 ? 159 ARG A NH1 1 
ATOM   1070 N NH2 . ARG A 1 159 ? -1.574  -25.492 0.672   1.00 41.45 ? 159 ARG A NH2 1 
ATOM   1071 N N   . GLY A 1 160 ? -3.764  -28.957 7.754   1.00 28.96 ? 160 GLY A N   1 
ATOM   1072 C CA  . GLY A 1 160 ? -3.531  -29.263 9.183   1.00 29.17 ? 160 GLY A CA  1 
ATOM   1073 C C   . GLY A 1 160 ? -2.396  -28.463 9.794   1.00 29.44 ? 160 GLY A C   1 
ATOM   1074 O O   . GLY A 1 160 ? -1.995  -28.759 10.918  1.00 31.16 ? 160 GLY A O   1 
ATOM   1075 N N   . ALA A 1 161 ? -1.890  -27.443 9.108   1.00 29.36 ? 161 ALA A N   1 
ATOM   1076 C CA  . ALA A 1 161 ? -0.772  -26.606 9.587   1.00 26.93 ? 161 ALA A CA  1 
ATOM   1077 C C   . ALA A 1 161 ? -1.277  -25.468 10.494  1.00 25.36 ? 161 ALA A C   1 
ATOM   1078 O O   . ALA A 1 161 ? -0.508  -25.030 11.315  1.00 26.64 ? 161 ALA A O   1 
ATOM   1079 C CB  . ALA A 1 161 ? -0.013  -26.090 8.399   1.00 28.91 ? 161 ALA A CB  1 
ATOM   1080 N N   . ALA A 1 162 ? -2.555  -25.097 10.433  1.00 23.66 ? 162 ALA A N   1 
ATOM   1081 C CA  . ALA A 1 162 ? -3.139  -23.987 11.232  1.00 23.59 ? 162 ALA A CA  1 
ATOM   1082 C C   . ALA A 1 162 ? -4.449  -24.463 11.853  1.00 21.79 ? 162 ALA A C   1 
ATOM   1083 O O   . ALA A 1 162 ? -5.237  -25.154 11.211  1.00 23.12 ? 162 ALA A O   1 
ATOM   1084 C CB  . ALA A 1 162 ? -3.391  -22.790 10.365  1.00 20.88 ? 162 ALA A CB  1 
ATOM   1085 N N   . PRO A 1 163 ? -4.727  -24.084 13.103  1.00 20.32 ? 163 PRO A N   1 
ATOM   1086 C CA  . PRO A 1 163 ? -5.944  -24.527 13.764  1.00 22.88 ? 163 PRO A CA  1 
ATOM   1087 C C   . PRO A 1 163 ? -7.155  -23.726 13.290  1.00 24.35 ? 163 PRO A C   1 
ATOM   1088 O O   . PRO A 1 163 ? -7.015  -22.574 12.954  1.00 20.94 ? 163 PRO A O   1 
ATOM   1089 C CB  . PRO A 1 163 ? -5.663  -24.269 15.242  1.00 19.89 ? 163 PRO A CB  1 
ATOM   1090 C CG  . PRO A 1 163 ? -4.760  -23.028 15.189  1.00 23.00 ? 163 PRO A CG  1 
ATOM   1091 C CD  . PRO A 1 163 ? -3.882  -23.236 13.966  1.00 20.72 ? 163 PRO A CD  1 
ATOM   1092 N N   . ARG A 1 164 ? -8.322  -24.347 13.314  1.00 20.81 ? 164 ARG A N   1 
ATOM   1093 C CA  . ARG A 1 164 ? -9.586  -23.646 12.977  1.00 25.07 ? 164 ARG A CA  1 
ATOM   1094 C C   . ARG A 1 164 ? -10.030 -22.801 14.165  1.00 22.90 ? 164 ARG A C   1 
ATOM   1095 O O   . ARG A 1 164 ? -10.815 -23.280 14.999  1.00 21.56 ? 164 ARG A O   1 
ATOM   1096 C CB  . ARG A 1 164 ? -10.690 -24.621 12.539  1.00 28.85 ? 164 ARG A CB  1 
ATOM   1097 C CG  . ARG A 1 164 ? -10.258 -25.552 11.409  1.00 38.31 ? 164 ARG A CG  1 
ATOM   1098 C CD  . ARG A 1 164 ? -11.340 -26.439 10.773  1.00 44.66 ? 164 ARG A CD  1 
ATOM   1099 N NE  . ARG A 1 164 ? -10.797 -27.105 9.583   1.00 45.73 ? 164 ARG A NE  1 
ATOM   1100 C CZ  . ARG A 1 164 ? -10.633 -26.534 8.377   1.00 46.76 ? 164 ARG A CZ  1 
ATOM   1101 N NH1 . ARG A 1 164 ? -10.983 -25.272 8.170   1.00 44.79 ? 164 ARG A NH1 1 
ATOM   1102 N NH2 . ARG A 1 164 ? -10.098 -27.224 7.379   1.00 45.28 ? 164 ARG A NH2 1 
ATOM   1103 N N   . THR A 1 165 ? -9.718  -21.513 14.133  1.00 20.75 ? 165 THR A N   1 
ATOM   1104 C CA  . THR A 1 165 ? -10.051 -20.582 15.224  1.00 19.48 ? 165 THR A CA  1 
ATOM   1105 C C   . THR A 1 165 ? -11.083 -19.607 14.672  1.00 21.54 ? 165 THR A C   1 
ATOM   1106 O O   . THR A 1 165 ? -12.216 -20.026 14.363  1.00 21.79 ? 165 THR A O   1 
ATOM   1107 C CB  . THR A 1 165 ? -8.759  -19.948 15.800  1.00 20.46 ? 165 THR A CB  1 
ATOM   1108 O OG1 . THR A 1 165 ? -8.092  -19.310 14.687  1.00 17.96 ? 165 THR A OG1 1 
ATOM   1109 C CG2 . THR A 1 165 ? -7.841  -20.937 16.490  1.00 21.23 ? 165 THR A CG2 1 
ATOM   1110 N N   . LEU A 1 166 ? -10.709 -18.356 14.451  1.00 19.49 ? 166 LEU A N   1 
ATOM   1111 C CA  . LEU A 1 166 ? -11.639 -17.362 13.895  1.00 18.53 ? 166 LEU A CA  1 
ATOM   1112 C C   . LEU A 1 166 ? -11.977 -17.741 12.453  1.00 18.51 ? 166 LEU A C   1 
ATOM   1113 O O   . LEU A 1 166 ? -11.129 -18.262 11.749  1.00 18.73 ? 166 LEU A O   1 
ATOM   1114 C CB  . LEU A 1 166 ? -10.966 -15.992 13.821  1.00 19.45 ? 166 LEU A CB  1 
ATOM   1115 C CG  . LEU A 1 166 ? -10.640 -15.263 15.114  1.00 20.52 ? 166 LEU A CG  1 
ATOM   1116 C CD1 . LEU A 1 166 ? -10.066 -13.918 14.744  1.00 18.50 ? 166 LEU A CD1 1 
ATOM   1117 C CD2 . LEU A 1 166 ? -11.840 -15.101 16.060  1.00 21.37 ? 166 LEU A CD2 1 
ATOM   1118 N N   . PRO A 1 167 ? -13.135 -17.319 11.924  1.00 18.08 ? 167 PRO A N   1 
ATOM   1119 C CA  . PRO A 1 167 ? -13.376 -17.304 10.475  1.00 18.60 ? 167 PRO A CA  1 
ATOM   1120 C C   . PRO A 1 167 ? -12.232 -16.615 9.740   1.00 18.90 ? 167 PRO A C   1 
ATOM   1121 O O   . PRO A 1 167 ? -11.883 -15.464 10.109  1.00 16.49 ? 167 PRO A O   1 
ATOM   1122 C CB  . PRO A 1 167 ? -14.631 -16.461 10.311  1.00 19.28 ? 167 PRO A CB  1 
ATOM   1123 C CG  . PRO A 1 167 ? -15.377 -16.667 11.636  1.00 18.32 ? 167 PRO A CG  1 
ATOM   1124 C CD  . PRO A 1 167 ? -14.269 -16.748 12.666  1.00 17.99 ? 167 PRO A CD  1 
ATOM   1125 N N   . ALA A 1 168 ? -11.679 -17.304 8.736   1.00 16.02 ? 168 ALA A N   1 
ATOM   1126 C CA  . ALA A 1 168 ? -10.433 -16.878 8.065   1.00 16.97 ? 168 ALA A CA  1 
ATOM   1127 C C   . ALA A 1 168 ? -10.640 -15.483 7.481   1.00 17.29 ? 168 ALA A C   1 
ATOM   1128 O O   . ALA A 1 168 ? -9.666  -14.654 7.514   1.00 15.46 ? 168 ALA A O   1 
ATOM   1129 C CB  . ALA A 1 168 ? -10.057 -17.898 7.025   1.00 19.36 ? 168 ALA A CB  1 
ATOM   1130 N N   . HIS A 1 169 ? -11.823 -15.171 6.922   1.00 15.55 ? 169 HIS A N   1 
ATOM   1131 C CA  . HIS A 1 169 ? -11.972 -13.880 6.200   1.00 15.51 ? 169 HIS A CA  1 
ATOM   1132 C C   . HIS A 1 169 ? -11.966 -12.714 7.204   1.00 15.59 ? 169 HIS A C   1 
ATOM   1133 O O   . HIS A 1 169 ? -11.476 -11.615 6.911   1.00 14.47 ? 169 HIS A O   1 
ATOM   1134 C CB  . HIS A 1 169 ? -13.209 -13.886 5.279   1.00 17.24 ? 169 HIS A CB  1 
ATOM   1135 C CG  . HIS A 1 169 ? -13.245 -12.764 4.289   1.00 16.46 ? 169 HIS A CG  1 
ATOM   1136 N ND1 . HIS A 1 169 ? -13.869 -11.555 4.565   1.00 16.05 ? 169 HIS A ND1 1 
ATOM   1137 C CD2 . HIS A 1 169 ? -12.718 -12.653 3.053   1.00 15.58 ? 169 HIS A CD2 1 
ATOM   1138 C CE1 . HIS A 1 169 ? -13.720 -10.752 3.535   1.00 16.80 ? 169 HIS A CE1 1 
ATOM   1139 N NE2 . HIS A 1 169 ? -13.042 -11.435 2.570   1.00 17.18 ? 169 HIS A NE2 1 
ATOM   1140 N N   . GLU A 1 170 ? -12.533 -12.944 8.389   1.00 14.57 ? 170 GLU A N   1 
ATOM   1141 C CA  . GLU A 1 170 ? -12.560 -11.915 9.455   1.00 15.38 ? 170 GLU A CA  1 
ATOM   1142 C C   . GLU A 1 170 ? -11.144 -11.709 10.009  1.00 13.76 ? 170 GLU A C   1 
ATOM   1143 O O   . GLU A 1 170 ? -10.723 -10.548 10.199  1.00 12.91 ? 170 GLU A O   1 
ATOM   1144 C CB  . GLU A 1 170 ? -13.582 -12.316 10.519  1.00 17.41 ? 170 GLU A CB  1 
ATOM   1145 C CG  . GLU A 1 170 ? -14.995 -12.364 9.948   1.00 19.63 ? 170 GLU A CG  1 
ATOM   1146 C CD  . GLU A 1 170 ? -16.036 -13.002 10.863  1.00 23.06 ? 170 GLU A CD  1 
ATOM   1147 O OE1 . GLU A 1 170 ? -15.669 -13.315 12.035  1.00 19.97 ? 170 GLU A OE1 1 
ATOM   1148 O OE2 . GLU A 1 170 ? -17.199 -13.188 10.375  1.00 21.94 ? 170 GLU A OE2 1 
ATOM   1149 N N   . LEU A 1 171 ? -10.418 -12.791 10.260  1.00 13.15 ? 171 LEU A N   1 
ATOM   1150 C CA  . LEU A 1 171 ? -9.023  -12.695 10.754  1.00 13.38 ? 171 LEU A CA  1 
ATOM   1151 C C   . LEU A 1 171 ? -8.221  -11.936 9.690   1.00 13.02 ? 171 LEU A C   1 
ATOM   1152 O O   . LEU A 1 171 ? -7.468  -10.991 10.056  1.00 12.40 ? 171 LEU A O   1 
ATOM   1153 C CB  . LEU A 1 171 ? -8.453  -14.085 10.959  1.00 14.24 ? 171 LEU A CB  1 
ATOM   1154 C CG  . LEU A 1 171 ? -6.973  -14.168 11.336  1.00 13.46 ? 171 LEU A CG  1 
ATOM   1155 C CD1 . LEU A 1 171 ? -6.650  -13.257 12.519  1.00 14.09 ? 171 LEU A CD1 1 
ATOM   1156 C CD2 . LEU A 1 171 ? -6.580  -15.592 11.662  1.00 15.07 ? 171 LEU A CD2 1 
ATOM   1157 N N   . ALA A 1 172 ? -8.358  -12.335 8.420   1.00 13.74 ? 172 ALA A N   1 
ATOM   1158 C CA  . ALA A 1 172 ? -7.638  -11.690 7.292   1.00 14.27 ? 172 ALA A CA  1 
ATOM   1159 C C   . ALA A 1 172 ? -7.931  -10.199 7.261   1.00 14.28 ? 172 ALA A C   1 
ATOM   1160 O O   . ALA A 1 172 ? -7.009  -9.382  6.983   1.00 13.02 ? 172 ALA A O   1 
ATOM   1161 C CB  . ALA A 1 172 ? -7.955  -12.332 5.984   1.00 14.10 ? 172 ALA A CB  1 
ATOM   1162 N N   . THR A 1 173 ? -9.194  -9.826  7.445   1.00 12.19 ? 173 THR A N   1 
ATOM   1163 C CA  . THR A 1 173 ? -9.586  -8.413  7.426   1.00 12.13 ? 173 THR A CA  1 
ATOM   1164 C C   . THR A 1 173 ? -8.818  -7.621  8.501   1.00 11.69 ? 173 THR A C   1 
ATOM   1165 O O   . THR A 1 173 ? -8.287  -6.555  8.208   1.00 11.86 ? 173 THR A O   1 
ATOM   1166 C CB  . THR A 1 173 ? -11.123 -8.262  7.525   1.00 13.98 ? 173 THR A CB  1 
ATOM   1167 O OG1 . THR A 1 173 ? -11.732 -8.925  6.403   1.00 14.18 ? 173 THR A OG1 1 
ATOM   1168 C CG2 . THR A 1 173 ? -11.519 -6.808  7.527   1.00 13.36 ? 173 THR A CG2 1 
ATOM   1169 N N   . ALA A 1 174 ? -8.863  -8.062  9.738   1.00 11.91 ? 174 ALA A N   1 
ATOM   1170 C CA  . ALA A 1 174 ? -8.226  -7.342  10.851  1.00 12.87 ? 174 ALA A CA  1 
ATOM   1171 C C   . ALA A 1 174 ? -6.709  -7.281  10.637  1.00 11.93 ? 174 ALA A C   1 
ATOM   1172 O O   . ALA A 1 174 ? -6.102  -6.249  10.931  1.00 12.26 ? 174 ALA A O   1 
ATOM   1173 C CB  . ALA A 1 174 ? -8.539  -8.063  12.136  1.00 11.61 ? 174 ALA A CB  1 
ATOM   1174 N N   . LEU A 1 175 ? -6.076  -8.350  10.165  1.00 12.07 ? 175 LEU A N   1 
ATOM   1175 C CA  . LEU A 1 175 ? -4.596  -8.340  9.944   1.00 11.53 ? 175 LEU A CA  1 
ATOM   1176 C C   . LEU A 1 175 ? -4.221  -7.363  8.836   1.00 11.79 ? 175 LEU A C   1 
ATOM   1177 O O   . LEU A 1 175 ? -3.208  -6.683  8.966   1.00 12.04 ? 175 LEU A O   1 
ATOM   1178 C CB  . LEU A 1 175 ? -4.141  -9.762  9.614   1.00 11.88 ? 175 LEU A CB  1 
ATOM   1179 C CG  . LEU A 1 175 ? -4.222  -10.775 10.770  1.00 12.64 ? 175 LEU A CG  1 
ATOM   1180 C CD1 . LEU A 1 175 ? -3.793  -12.155 10.298  1.00 13.65 ? 175 LEU A CD1 1 
ATOM   1181 C CD2 . LEU A 1 175 ? -3.360  -10.425 11.959  1.00 13.68 ? 175 LEU A CD2 1 
ATOM   1182 N N   . ASN A 1 176 ? -5.019  -7.290  7.769   1.00 12.07 ? 176 ASN A N   1 
ATOM   1183 C CA  . ASN A 1 176 ? -4.746  -6.333  6.696   1.00 12.24 ? 176 ASN A CA  1 
ATOM   1184 C C   . ASN A 1 176 ? -4.951  -4.903  7.198   1.00 13.04 ? 176 ASN A C   1 
ATOM   1185 O O   . ASN A 1 176 ? -4.155  -4.003  6.802   1.00 12.74 ? 176 ASN A O   1 
ATOM   1186 C CB  . ASN A 1 176 ? -5.536  -6.635  5.419   1.00 12.47 ? 176 ASN A CB  1 
ATOM   1187 C CG  . ASN A 1 176 ? -4.861  -7.676  4.547   1.00 12.38 ? 176 ASN A CG  1 
ATOM   1188 O OD1 . ASN A 1 176 ? -4.197  -7.275  3.611   1.00 14.06 ? 176 ASN A OD1 1 
ATOM   1189 N ND2 . ASN A 1 176 ? -5.033  -8.959  4.820   1.00 12.82 ? 176 ASN A ND2 1 
ATOM   1190 N N   . LEU A 1 177 ? -6.037  -4.643  7.936   1.00 12.51 ? 177 LEU A N   1 
ATOM   1191 C CA  . LEU A 1 177 ? -6.277  -3.291  8.495   1.00 12.84 ? 177 LEU A CA  1 
ATOM   1192 C C   . LEU A 1 177 ? -5.169  -2.910  9.510   1.00 12.39 ? 177 LEU A C   1 
ATOM   1193 O O   . LEU A 1 177 ? -4.754  -1.749  9.540   1.00 11.21 ? 177 LEU A O   1 
ATOM   1194 C CB  . LEU A 1 177 ? -7.660  -3.251  9.142   1.00 12.70 ? 177 LEU A CB  1 
ATOM   1195 C CG  . LEU A 1 177 ? -8.854  -3.281  8.202   1.00 12.80 ? 177 LEU A CG  1 
ATOM   1196 C CD1 . LEU A 1 177 ? -10.137 -3.466  8.985   1.00 14.98 ? 177 LEU A CD1 1 
ATOM   1197 C CD2 . LEU A 1 177 ? -8.910  -2.022  7.408   1.00 14.00 ? 177 LEU A CD2 1 
ATOM   1198 N N   . MET A 1 178 ? -4.711  -3.848  10.323  1.00 12.31 ? 178 MET A N   1 
ATOM   1199 C CA  . MET A 1 178 ? -3.563  -3.624  11.201  1.00 13.05 ? 178 MET A CA  1 
ATOM   1200 C C   . MET A 1 178 ? -2.370  -3.186  10.351  1.00 13.55 ? 178 MET A C   1 
ATOM   1201 O O   . MET A 1 178 ? -1.697  -2.191  10.712  1.00 11.85 ? 178 MET A O   1 
ATOM   1202 C CB  . MET A 1 178 ? -3.169  -4.857  12.014  1.00 13.95 ? 178 MET A CB  1 
ATOM   1203 C CG  . MET A 1 178 ? -1.892  -4.622  12.815  1.00 13.75 ? 178 MET A CG  1 
ATOM   1204 S SD  . MET A 1 178 ? -1.423  -6.050  13.793  1.00 16.57 ? 178 MET A SD  1 
ATOM   1205 C CE  . MET A 1 178 ? -1.062  -7.217  12.487  1.00 14.19 ? 178 MET A CE  1 
ATOM   1206 N N   . ASN A 1 179 ? -2.087  -3.905  9.275   1.00 12.82 ? 179 ASN A N   1 
ATOM   1207 C CA  . ASN A 1 179 ? -0.884  -3.579  8.489   1.00 13.48 ? 179 ASN A CA  1 
ATOM   1208 C C   . ASN A 1 179 ? -1.041  -2.206  7.849   1.00 12.36 ? 179 ASN A C   1 
ATOM   1209 O O   . ASN A 1 179 ? -0.052  -1.409  7.843   1.00 12.68 ? 179 ASN A O   1 
ATOM   1210 C CB  . ASN A 1 179 ? -0.566  -4.640  7.447   1.00 13.12 ? 179 ASN A CB  1 
ATOM   1211 C CG  . ASN A 1 179 ? 0.033   -5.874  8.068   1.00 14.65 ? 179 ASN A CG  1 
ATOM   1212 O OD1 . ASN A 1 179 ? -0.067  -6.058  9.296   1.00 15.10 ? 179 ASN A OD1 1 
ATOM   1213 N ND2 . ASN A 1 179 ? 0.689   -6.672  7.237   1.00 14.31 ? 179 ASN A ND2 1 
ATOM   1214 N N   . GLU A 1 180 ? -2.214  -1.882  7.335   1.00 12.56 ? 180 GLU A N   1 
ATOM   1215 C CA  . GLU A 1 180 ? -2.432  -0.574  6.700   1.00 14.03 ? 180 GLU A CA  1 
ATOM   1216 C C   . GLU A 1 180 ? -2.134  0.514   7.756   1.00 13.58 ? 180 GLU A C   1 
ATOM   1217 O O   . GLU A 1 180 ? -1.266  1.426   7.516   1.00 15.00 ? 180 GLU A O   1 
ATOM   1218 C CB  . GLU A 1 180 ? -3.870  -0.472  6.203   1.00 16.43 ? 180 GLU A CB  1 
ATOM   1219 C CG  . GLU A 1 180 ? -4.231  0.917   5.725   1.00 18.48 ? 180 GLU A CG  1 
ATOM   1220 C CD  . GLU A 1 180 ? -5.745  1.111   5.569   1.00 22.74 ? 180 GLU A CD  1 
ATOM   1221 O OE1 . GLU A 1 180 ? -6.382  0.205   5.151   1.00 22.28 ? 180 GLU A OE1 1 
ATOM   1222 O OE2 . GLU A 1 180 ? -6.275  2.116   5.996   1.00 29.15 ? 180 GLU A OE2 1 
ATOM   1223 N N   . ARG A 1 181 ? -2.761  0.437   8.923   1.00 13.98 ? 181 ARG A N   1 
ATOM   1224 C CA  . ARG A 1 181 ? -2.626  1.510   9.939   1.00 13.82 ? 181 ARG A CA  1 
ATOM   1225 C C   . ARG A 1 181 ? -1.185  1.548   10.467  1.00 13.74 ? 181 ARG A C   1 
ATOM   1226 O O   . ARG A 1 181 ? -0.629  2.673   10.697  1.00 14.71 ? 181 ARG A O   1 
ATOM   1227 C CB  . ARG A 1 181 ? -3.617  1.299   11.083  1.00 14.83 ? 181 ARG A CB  1 
ATOM   1228 C CG  . ARG A 1 181 ? -3.682  2.474   12.054  1.00 15.70 ? 181 ARG A CG  1 
ATOM   1229 C CD  . ARG A 1 181 ? -4.258  3.731   11.443  1.00 19.64 ? 181 ARG A CD  1 
ATOM   1230 N NE  . ARG A 1 181 ? -4.198  4.693   12.528  1.00 23.48 ? 181 ARG A NE  1 
ATOM   1231 C CZ  . ARG A 1 181 ? -3.283  5.654   12.654  1.00 23.81 ? 181 ARG A CZ  1 
ATOM   1232 N NH1 . ARG A 1 181 ? -3.316  6.450   13.708  1.00 27.39 ? 181 ARG A NH1 1 
ATOM   1233 N NH2 . ARG A 1 181 ? -2.353  5.805   11.742  1.00 26.83 ? 181 ARG A NH2 1 
ATOM   1234 N N   . THR A 1 182 ? -0.580  0.401   10.741  1.00 13.49 ? 182 THR A N   1 
ATOM   1235 C CA  . THR A 1 182 ? 0.708   0.321   11.462  1.00 13.61 ? 182 THR A CA  1 
ATOM   1236 C C   . THR A 1 182 ? 1.846   0.698   10.491  1.00 13.29 ? 182 THR A C   1 
ATOM   1237 O O   . THR A 1 182 ? 2.676   1.514   10.863  1.00 12.98 ? 182 THR A O   1 
ATOM   1238 C CB  . THR A 1 182 ? 0.908   -1.049  12.102  1.00 14.33 ? 182 THR A CB  1 
ATOM   1239 O OG1 . THR A 1 182 ? -0.223  -1.328  12.954  1.00 14.07 ? 182 THR A OG1 1 
ATOM   1240 C CG2 . THR A 1 182 ? 2.199   -1.080  12.863  1.00 14.00 ? 182 THR A CG2 1 
ATOM   1241 N N   . LEU A 1 183 ? 1.894   0.108   9.276   1.00 13.22 ? 183 LEU A N   1 
ATOM   1242 C CA  . LEU A 1 183 ? 2.915   0.499   8.281   1.00 14.22 ? 183 LEU A CA  1 
ATOM   1243 C C   . LEU A 1 183 ? 2.865   1.994   8.013   1.00 13.94 ? 183 LEU A C   1 
ATOM   1244 O O   . LEU A 1 183 ? 3.943   2.622   8.004   1.00 14.23 ? 183 LEU A O   1 
ATOM   1245 C CB  . LEU A 1 183 ? 2.725   -0.271  6.987   1.00 14.47 ? 183 LEU A CB  1 
ATOM   1246 C CG  . LEU A 1 183 ? 3.107   -1.738  7.067   1.00 14.76 ? 183 LEU A CG  1 
ATOM   1247 C CD1 . LEU A 1 183 ? 2.667   -2.424  5.794   1.00 15.59 ? 183 LEU A CD1 1 
ATOM   1248 C CD2 . LEU A 1 183 ? 4.617   -1.924  7.312   1.00 16.21 ? 183 LEU A CD2 1 
ATOM   1249 N N   . PHE A 1 184 ? 1.686   2.538   7.739   1.00 14.00 ? 184 PHE A N   1 
ATOM   1250 C CA  . PHE A 1 184 ? 1.559   3.940   7.282   1.00 14.27 ? 184 PHE A CA  1 
ATOM   1251 C C   . PHE A 1 184 ? 1.827   4.885   8.467   1.00 15.73 ? 184 PHE A C   1 
ATOM   1252 O O   . PHE A 1 184 ? 2.408   5.971   8.281   1.00 17.07 ? 184 PHE A O   1 
ATOM   1253 C CB  . PHE A 1 184 ? 0.214   4.171   6.576   1.00 14.89 ? 184 PHE A CB  1 
ATOM   1254 C CG  . PHE A 1 184 ? 0.038   3.281   5.358   1.00 15.26 ? 184 PHE A CG  1 
ATOM   1255 C CD1 . PHE A 1 184 ? 1.109   2.552   4.834   1.00 17.15 ? 184 PHE A CD1 1 
ATOM   1256 C CD2 . PHE A 1 184 ? -1.171  3.201   4.707   1.00 17.96 ? 184 PHE A CD2 1 
ATOM   1257 C CE1 . PHE A 1 184 ? 0.957   1.755   3.703   1.00 17.27 ? 184 PHE A CE1 1 
ATOM   1258 C CE2 . PHE A 1 184 ? -1.307  2.418   3.564   1.00 16.89 ? 184 PHE A CE2 1 
ATOM   1259 C CZ  . PHE A 1 184 ? -0.254  1.672   3.095   1.00 17.00 ? 184 PHE A CZ  1 
ATOM   1260 N N   . ALA A 1 185 ? 1.471   4.516   9.692   1.00 14.53 ? 185 ALA A N   1 
ATOM   1261 C CA  . ALA A 1 185 ? 1.856   5.360   10.856  1.00 14.73 ? 185 ALA A CA  1 
ATOM   1262 C C   . ALA A 1 185 ? 3.382   5.386   10.997  1.00 15.50 ? 185 ALA A C   1 
ATOM   1263 O O   . ALA A 1 185 ? 3.943   6.490   11.275  1.00 16.81 ? 185 ALA A O   1 
ATOM   1264 C CB  . ALA A 1 185 ? 1.226   4.852   12.111  1.00 14.63 ? 185 ALA A CB  1 
ATOM   1265 N N   . SER A 1 186 ? 4.042   4.239   10.812  1.00 13.44 ? 186 SER A N   1 
ATOM   1266 C CA  . SER A 1 186 ? 5.520   4.150   10.920  1.00 15.26 ? 186 SER A CA  1 
ATOM   1267 C C   . SER A 1 186 ? 6.144   5.038   9.827   1.00 16.14 ? 186 SER A C   1 
ATOM   1268 O O   . SER A 1 186 ? 7.052   5.824   10.141  1.00 15.89 ? 186 SER A O   1 
ATOM   1269 C CB  . SER A 1 186 ? 6.028   2.737   10.823  1.00 16.83 ? 186 SER A CB  1 
ATOM   1270 O OG  . SER A 1 186 ? 5.619   1.966   11.961  1.00 19.70 ? 186 SER A OG  1 
ATOM   1271 N N   . PHE A 1 187 ? 5.673   4.933   8.595   1.00 16.71 ? 187 PHE A N   1 
ATOM   1272 C CA  . PHE A 1 187 ? 6.268   5.686   7.475   1.00 17.58 ? 187 PHE A CA  1 
ATOM   1273 C C   . PHE A 1 187 ? 6.085   7.177   7.723   1.00 21.19 ? 187 PHE A C   1 
ATOM   1274 O O   . PHE A 1 187 ? 6.948   7.938   7.313   1.00 23.49 ? 187 PHE A O   1 
ATOM   1275 C CB  . PHE A 1 187 ? 5.589   5.318   6.163   1.00 16.41 ? 187 PHE A CB  1 
ATOM   1276 C CG  . PHE A 1 187 ? 5.859   3.917   5.704   1.00 17.50 ? 187 PHE A CG  1 
ATOM   1277 C CD1 . PHE A 1 187 ? 6.962   3.220   6.159   1.00 17.86 ? 187 PHE A CD1 1 
ATOM   1278 C CD2 . PHE A 1 187 ? 4.981   3.271   4.837   1.00 17.51 ? 187 PHE A CD2 1 
ATOM   1279 C CE1 . PHE A 1 187 ? 7.203   1.919   5.755   1.00 20.84 ? 187 PHE A CE1 1 
ATOM   1280 C CE2 . PHE A 1 187 ? 5.229   1.969   4.452   1.00 18.10 ? 187 PHE A CE2 1 
ATOM   1281 C CZ  . PHE A 1 187 ? 6.348   1.307   4.884   1.00 19.24 ? 187 PHE A CZ  1 
ATOM   1282 N N   . ALA A 1 188 ? 4.952   7.595   8.269   1.00 20.25 ? 188 ALA A N   1 
ATOM   1283 C CA  . ALA A 1 188 ? 4.642   9.028   8.467   1.00 22.70 ? 188 ALA A CA  1 
ATOM   1284 C C   . ALA A 1 188 ? 5.317   9.548   9.735   1.00 24.30 ? 188 ALA A C   1 
ATOM   1285 O O   . ALA A 1 188 ? 5.227   10.755  9.964   1.00 27.05 ? 188 ALA A O   1 
ATOM   1286 C CB  . ALA A 1 188 ? 3.154   9.238   8.443   1.00 23.17 ? 188 ALA A CB  1 
ATOM   1287 N N   . GLY A 1 189 ? 5.998   8.715   10.518  1.00 22.85 ? 189 GLY A N   1 
ATOM   1288 C CA  . GLY A 1 189 ? 6.568   9.098   11.824  1.00 23.93 ? 189 GLY A CA  1 
ATOM   1289 C C   . GLY A 1 189 ? 5.514   9.621   12.789  1.00 26.60 ? 189 GLY A C   1 
ATOM   1290 O O   . GLY A 1 189 ? 5.848   10.499  13.633  1.00 25.82 ? 189 GLY A O   1 
ATOM   1291 N N   . GLU A 1 190 ? 4.311   9.062   12.778  1.00 21.13 ? 190 GLU A N   1 
ATOM   1292 C CA  . GLU A 1 190 ? 3.238   9.499   13.711  1.00 20.00 ? 190 GLU A CA  1 
ATOM   1293 C C   . GLU A 1 190 ? 3.667   9.246   15.157  1.00 20.52 ? 190 GLU A C   1 
ATOM   1294 O O   . GLU A 1 190 ? 4.472   8.317   15.452  1.00 18.63 ? 190 GLU A O   1 
ATOM   1295 C CB  . GLU A 1 190 ? 1.927   8.740   13.518  1.00 21.45 ? 190 GLU A CB  1 
ATOM   1296 C CG  . GLU A 1 190 ? 1.357   8.937   12.143  1.00 24.23 ? 190 GLU A CG  1 
ATOM   1297 C CD  . GLU A 1 190 ? -0.075  8.436   11.991  1.00 27.30 ? 190 GLU A CD  1 
ATOM   1298 O OE1 . GLU A 1 190 ? -0.688  7.976   12.996  1.00 26.19 ? 190 GLU A OE1 1 
ATOM   1299 O OE2 . GLU A 1 190 ? -0.575  8.593   10.881  1.00 34.14 ? 190 GLU A OE2 1 
ATOM   1300 N N   . GLN A 1 191 ? 3.090   10.022  16.071  1.00 21.69 ? 191 GLN A N   1 
ATOM   1301 C CA  . GLN A 1 191 ? 3.261   9.760   17.517  1.00 25.95 ? 191 GLN A CA  1 
ATOM   1302 C C   . GLN A 1 191 ? 1.890   9.366   18.036  1.00 26.89 ? 191 GLN A C   1 
ATOM   1303 O O   . GLN A 1 191 ? 0.957   10.185  18.017  1.00 25.70 ? 191 GLN A O   1 
ATOM   1304 C CB  . GLN A 1 191 ? 3.869   10.960  18.256  1.00 34.53 ? 191 GLN A CB  1 
ATOM   1305 C CG  . GLN A 1 191 ? 4.083   10.626  19.732  1.00 44.30 ? 191 GLN A CG  1 
ATOM   1306 C CD  . GLN A 1 191 ? 5.287   11.260  20.391  1.00 53.40 ? 191 GLN A CD  1 
ATOM   1307 O OE1 . GLN A 1 191 ? 5.155   12.118  21.268  1.00 60.67 ? 191 GLN A OE1 1 
ATOM   1308 N NE2 . GLN A 1 191 ? 6.473   10.815  20.004  1.00 54.83 ? 191 GLN A NE2 1 
ATOM   1309 N N   . PRO A 1 192 ? 1.637   8.094   18.411  1.00 24.38 ? 192 PRO A N   1 
ATOM   1310 C CA  . PRO A 1 192 ? 2.604   6.998   18.442  1.00 22.42 ? 192 PRO A CA  1 
ATOM   1311 C C   . PRO A 1 192 ? 2.719   6.176   17.145  1.00 19.01 ? 192 PRO A C   1 
ATOM   1312 O O   . PRO A 1 192 ? 1.824   6.128   16.314  1.00 19.47 ? 192 PRO A O   1 
ATOM   1313 C CB  . PRO A 1 192 ? 1.952   6.086   19.487  1.00 28.13 ? 192 PRO A CB  1 
ATOM   1314 C CG  . PRO A 1 192 ? 0.493   6.186   19.174  1.00 28.74 ? 192 PRO A CG  1 
ATOM   1315 C CD  . PRO A 1 192 ? 0.287   7.638   18.777  1.00 28.06 ? 192 PRO A CD  1 
ATOM   1316 N N   . SER A 1 193 ? 3.858   5.504   17.005  1.00 15.79 ? 193 SER A N   1 
ATOM   1317 C CA  . SER A 1 193 ? 4.122   4.560   15.895  1.00 15.79 ? 193 SER A CA  1 
ATOM   1318 C C   . SER A 1 193 ? 5.230   3.607   16.284  1.00 15.94 ? 193 SER A C   1 
ATOM   1319 O O   . SER A 1 193 ? 6.039   3.896   17.133  1.00 16.55 ? 193 SER A O   1 
ATOM   1320 C CB  . SER A 1 193 ? 4.397   5.243   14.567  1.00 15.86 ? 193 SER A CB  1 
ATOM   1321 O OG  . SER A 1 193 ? 5.574   6.041   14.615  1.00 17.26 ? 193 SER A OG  1 
ATOM   1322 N N   . VAL A 1 194 ? 5.248   2.464   15.642  1.00 14.03 ? 194 VAL A N   1 
ATOM   1323 C CA  . VAL A 1 194 ? 6.359   1.501   15.795  1.00 14.34 ? 194 VAL A CA  1 
ATOM   1324 C C   . VAL A 1 194 ? 7.489   2.096   14.962  1.00 13.92 ? 194 VAL A C   1 
ATOM   1325 O O   . VAL A 1 194 ? 7.237   2.492   13.815  1.00 14.75 ? 194 VAL A O   1 
ATOM   1326 C CB  . VAL A 1 194 ? 5.930   0.136   15.262  1.00 14.08 ? 194 VAL A CB  1 
ATOM   1327 C CG1 . VAL A 1 194 ? 7.041   -0.868  15.299  1.00 14.31 ? 194 VAL A CG1 1 
ATOM   1328 C CG2 . VAL A 1 194 ? 4.710   -0.416  15.969  1.00 15.63 ? 194 VAL A CG2 1 
ATOM   1329 N N   . PRO A 1 195 ? 8.750   2.095   15.428  1.00 14.67 ? 195 PRO A N   1 
ATOM   1330 C CA  . PRO A 1 195 ? 9.868   2.522   14.595  1.00 15.84 ? 195 PRO A CA  1 
ATOM   1331 C C   . PRO A 1 195 ? 9.872   1.737   13.281  1.00 15.75 ? 195 PRO A C   1 
ATOM   1332 O O   . PRO A 1 195 ? 9.638   0.514   13.236  1.00 13.88 ? 195 PRO A O   1 
ATOM   1333 C CB  . PRO A 1 195 ? 11.107  2.185   15.419  1.00 18.85 ? 195 PRO A CB  1 
ATOM   1334 C CG  . PRO A 1 195 ? 10.600  2.216   16.826  1.00 19.71 ? 195 PRO A CG  1 
ATOM   1335 C CD  . PRO A 1 195 ? 9.175   1.698   16.781  1.00 18.02 ? 195 PRO A CD  1 
ATOM   1336 N N   . GLU A 1 196 ? 10.184  2.421   12.195  1.00 14.43 ? 196 GLU A N   1 
ATOM   1337 C CA  . GLU A 1 196 ? 10.203  1.767   10.865  1.00 16.27 ? 196 GLU A CA  1 
ATOM   1338 C C   . GLU A 1 196 ? 11.131  0.551   10.849  1.00 17.08 ? 196 GLU A C   1 
ATOM   1339 O O   . GLU A 1 196 ? 10.807  -0.454  10.212  1.00 16.16 ? 196 GLU A O   1 
ATOM   1340 C CB  . GLU A 1 196 ? 10.580  2.842   9.845   1.00 18.70 ? 196 GLU A CB  1 
ATOM   1341 C CG  . GLU A 1 196 ? 10.509  2.329   8.443   1.00 23.61 ? 196 GLU A CG  1 
ATOM   1342 C CD  . GLU A 1 196 ? 10.706  3.400   7.345   1.00 28.97 ? 196 GLU A CD  1 
ATOM   1343 O OE1 . GLU A 1 196 ? 10.615  4.619   7.631   1.00 35.64 ? 196 GLU A OE1 1 
ATOM   1344 O OE2 . GLU A 1 196 ? 10.838  3.004   6.213   1.00 35.19 ? 196 GLU A OE2 1 
ATOM   1345 N N   . ALA A 1 197 ? 12.266  0.615   11.543  1.00 15.52 ? 197 ALA A N   1 
ATOM   1346 C CA  . ALA A 1 197 ? 13.228  -0.506  11.577  1.00 15.06 ? 197 ALA A CA  1 
ATOM   1347 C C   . ALA A 1 197 ? 12.683  -1.670  12.414  1.00 15.18 ? 197 ALA A C   1 
ATOM   1348 O O   . ALA A 1 197 ? 13.318  -2.670  12.418  1.00 15.96 ? 197 ALA A O   1 
ATOM   1349 C CB  . ALA A 1 197 ? 14.560  -0.024  12.131  1.00 16.49 ? 197 ALA A CB  1 
ATOM   1350 N N   . ARG A 1 198 ? 11.557  -1.536  13.110  1.00 13.56 ? 198 ARG A N   1 
ATOM   1351 C CA  . ARG A 1 198 ? 10.990  -2.631  13.946  1.00 14.41 ? 198 ARG A CA  1 
ATOM   1352 C C   . ARG A 1 198 ? 9.611   -3.095  13.433  1.00 13.22 ? 198 ARG A C   1 
ATOM   1353 O O   . ARG A 1 198 ? 9.080   -4.076  13.971  1.00 13.06 ? 198 ARG A O   1 
ATOM   1354 C CB  . ARG A 1 198 ? 10.910  -2.209  15.399  1.00 15.49 ? 198 ARG A CB  1 
ATOM   1355 C CG  . ARG A 1 198 ? 12.262  -1.973  16.055  1.00 16.95 ? 198 ARG A CG  1 
ATOM   1356 C CD  . ARG A 1 198 ? 13.045  -3.225  16.381  1.00 18.63 ? 198 ARG A CD  1 
ATOM   1357 N NE  . ARG A 1 198 ? 12.116  -4.192  16.943  1.00 21.28 ? 198 ARG A NE  1 
ATOM   1358 C CZ  . ARG A 1 198 ? 12.152  -5.485  16.654  1.00 20.98 ? 198 ARG A CZ  1 
ATOM   1359 N NH1 . ARG A 1 198 ? 13.135  -5.923  15.913  1.00 23.19 ? 198 ARG A NH1 1 
ATOM   1360 N NH2 . ARG A 1 198 ? 11.259  -6.353  17.109  1.00 22.28 ? 198 ARG A NH2 1 
ATOM   1361 N N   . VAL A 1 199 ? 9.026   -2.414  12.470  1.00 13.69 ? 199 VAL A N   1 
ATOM   1362 C CA  . VAL A 1 199 ? 7.597   -2.648  12.137  1.00 13.92 ? 199 VAL A CA  1 
ATOM   1363 C C   . VAL A 1 199 ? 7.447   -4.000  11.410  1.00 14.35 ? 199 VAL A C   1 
ATOM   1364 O O   . VAL A 1 199 ? 6.488   -4.696  11.687  1.00 14.04 ? 199 VAL A O   1 
ATOM   1365 C CB  . VAL A 1 199 ? 6.981   -1.433  11.418  1.00 15.07 ? 199 VAL A CB  1 
ATOM   1366 C CG1 . VAL A 1 199 ? 7.483   -1.287  10.029  1.00 15.15 ? 199 VAL A CG1 1 
ATOM   1367 C CG2 . VAL A 1 199 ? 5.449   -1.486  11.443  1.00 15.04 ? 199 VAL A CG2 1 
ATOM   1368 N N   . LEU A 1 200 ? 8.382   -4.397  10.555  1.00 15.18 ? 200 LEU A N   1 
ATOM   1369 C CA  . LEU A 1 200 ? 8.244   -5.703  9.852   1.00 15.90 ? 200 LEU A CA  1 
ATOM   1370 C C   . LEU A 1 200 ? 8.188   -6.834  10.851  1.00 15.76 ? 200 LEU A C   1 
ATOM   1371 O O   . LEU A 1 200 ? 7.256   -7.653  10.802  1.00 16.14 ? 200 LEU A O   1 
ATOM   1372 C CB  . LEU A 1 200 ? 9.402   -5.898  8.878   1.00 17.22 ? 200 LEU A CB  1 
ATOM   1373 C CG  . LEU A 1 200 ? 9.279   -7.108  7.966   1.00 18.38 ? 200 LEU A CG  1 
ATOM   1374 C CD1 . LEU A 1 200 ? 7.948   -7.092  7.194   1.00 18.30 ? 200 LEU A CD1 1 
ATOM   1375 C CD2 . LEU A 1 200 ? 10.508  -7.084  7.039   1.00 19.82 ? 200 LEU A CD2 1 
ATOM   1376 N N   . ASP A 1 201 ? 9.163   -6.898  11.762  1.00 16.27 ? 201 ASP A N   1 
ATOM   1377 C CA  . ASP A 1 201 ? 9.206   -7.957  12.779  1.00 15.49 ? 201 ASP A CA  1 
ATOM   1378 C C   . ASP A 1 201 ? 7.928   -7.924  13.642  1.00 13.88 ? 201 ASP A C   1 
ATOM   1379 O O   . ASP A 1 201 ? 7.445   -9.010  14.047  1.00 13.85 ? 201 ASP A O   1 
ATOM   1380 C CB  . ASP A 1 201 ? 10.430  -7.767  13.666  1.00 19.56 ? 201 ASP A CB  1 
ATOM   1381 C CG  . ASP A 1 201 ? 11.767  -8.319  13.166  1.00 23.52 ? 201 ASP A CG  1 
ATOM   1382 O OD1 . ASP A 1 201 ? 11.775  -8.982  12.158  1.00 25.12 ? 201 ASP A OD1 1 
ATOM   1383 O OD2 . ASP A 1 201 ? 12.792  -8.052  13.868  1.00 29.98 ? 201 ASP A OD2 1 
ATOM   1384 N N   . THR A 1 202 ? 7.461   -6.730  13.995  1.00 12.81 ? 202 THR A N   1 
ATOM   1385 C CA  . THR A 1 202 ? 6.268   -6.561  14.842  1.00 12.27 ? 202 THR A CA  1 
ATOM   1386 C C   . THR A 1 202 ? 5.077   -7.245  14.165  1.00 12.12 ? 202 THR A C   1 
ATOM   1387 O O   . THR A 1 202 ? 4.336   -8.069  14.786  1.00 13.04 ? 202 THR A O   1 
ATOM   1388 C CB  . THR A 1 202 ? 6.023   -5.080  15.154  1.00 13.18 ? 202 THR A CB  1 
ATOM   1389 O OG1 . THR A 1 202 ? 7.173   -4.580  15.847  1.00 14.58 ? 202 THR A OG1 1 
ATOM   1390 C CG2 . THR A 1 202 ? 4.813   -4.915  16.045  1.00 13.65 ? 202 THR A CG2 1 
ATOM   1391 N N   . LEU A 1 203 ? 4.859   -6.882  12.919  1.00 12.77 ? 203 LEU A N   1 
ATOM   1392 C CA  . LEU A 1 203 ? 3.705   -7.418  12.152  1.00 12.41 ? 203 LEU A CA  1 
ATOM   1393 C C   . LEU A 1 203 ? 3.848   -8.895  11.875  1.00 12.33 ? 203 LEU A C   1 
ATOM   1394 O O   . LEU A 1 203 ? 2.871   -9.621  12.031  1.00 12.71 ? 203 LEU A O   1 
ATOM   1395 C CB  . LEU A 1 203 ? 3.543   -6.627  10.853  1.00 13.04 ? 203 LEU A CB  1 
ATOM   1396 C CG  . LEU A 1 203 ? 3.247   -5.137  11.041  1.00 13.09 ? 203 LEU A CG  1 
ATOM   1397 C CD1 . LEU A 1 203 ? 3.261   -4.417  9.735   1.00 14.35 ? 203 LEU A CD1 1 
ATOM   1398 C CD2 . LEU A 1 203 ? 1.955   -4.858  11.746  1.00 13.59 ? 203 LEU A CD2 1 
ATOM   1399 N N   . VAL A 1 204 ? 5.045   -9.364  11.556  1.00 12.61 ? 204 VAL A N   1 
ATOM   1400 C CA  . VAL A 1 204 ? 5.215   -10.819 11.309  1.00 12.91 ? 204 VAL A CA  1 
ATOM   1401 C C   . VAL A 1 204 ? 4.820   -11.590 12.577  1.00 12.93 ? 204 VAL A C   1 
ATOM   1402 O O   . VAL A 1 204 ? 4.122   -12.616 12.462  1.00 13.65 ? 204 VAL A O   1 
ATOM   1403 C CB  . VAL A 1 204 ? 6.645   -11.139 10.862  1.00 15.07 ? 204 VAL A CB  1 
ATOM   1404 C CG1 . VAL A 1 204 ? 6.887   -12.643 10.906  1.00 17.50 ? 204 VAL A CG1 1 
ATOM   1405 C CG2 . VAL A 1 204 ? 6.919   -10.522 9.484   1.00 14.79 ? 204 VAL A CG2 1 
ATOM   1406 N N   . HIS A 1 205 ? 5.212   -11.115 13.754  1.00 12.21 ? 205 HIS A N   1 
ATOM   1407 C CA  . HIS A 1 205 ? 4.923   -11.832 15.024  1.00 13.18 ? 205 HIS A CA  1 
ATOM   1408 C C   . HIS A 1 205 ? 3.405   -11.949 15.194  1.00 12.30 ? 205 HIS A C   1 
ATOM   1409 O O   . HIS A 1 205 ? 2.899   -13.032 15.537  1.00 13.11 ? 205 HIS A O   1 
ATOM   1410 C CB  . HIS A 1 205 ? 5.533   -11.117 16.211  1.00 14.07 ? 205 HIS A CB  1 
ATOM   1411 C CG  . HIS A 1 205 ? 5.018   -11.576 17.523  1.00 14.98 ? 205 HIS A CG  1 
ATOM   1412 N ND1 . HIS A 1 205 ? 5.606   -12.664 18.168  1.00 15.75 ? 205 HIS A ND1 1 
ATOM   1413 C CD2 . HIS A 1 205 ? 3.963   -11.200 18.278  1.00 14.46 ? 205 HIS A CD2 1 
ATOM   1414 C CE1 . HIS A 1 205 ? 4.952   -12.882 19.301  1.00 16.50 ? 205 HIS A CE1 1 
ATOM   1415 N NE2 . HIS A 1 205 ? 3.931   -12.028 19.389  1.00 14.31 ? 205 HIS A NE2 1 
ATOM   1416 N N   . ILE A 1 206 ? 2.691   -10.860 15.009  1.00 12.67 ? 206 ILE A N   1 
ATOM   1417 C CA  . ILE A 1 206 ? 1.219   -10.842 15.206  1.00 12.44 ? 206 ILE A CA  1 
ATOM   1418 C C   . ILE A 1 206 ? 0.513   -11.717 14.148  1.00 13.14 ? 206 ILE A C   1 
ATOM   1419 O O   . ILE A 1 206 ? -0.424  -12.437 14.528  1.00 12.25 ? 206 ILE A O   1 
ATOM   1420 C CB  . ILE A 1 206 ? 0.711   -9.380  15.247  1.00 12.96 ? 206 ILE A CB  1 
ATOM   1421 C CG1 . ILE A 1 206 ? 1.390   -8.634  16.402  1.00 13.87 ? 206 ILE A CG1 1 
ATOM   1422 C CG2 . ILE A 1 206 ? -0.804  -9.346  15.447  1.00 14.36 ? 206 ILE A CG2 1 
ATOM   1423 C CD1 . ILE A 1 206 ? 1.138   -7.121  16.356  1.00 14.02 ? 206 ILE A CD1 1 
ATOM   1424 N N   . TRP A 1 207 ? 0.937   -11.679 12.878  1.00 13.55 ? 207 TRP A N   1 
ATOM   1425 C CA  . TRP A 1 207 ? 0.378   -12.566 11.803  1.00 13.37 ? 207 TRP A CA  1 
ATOM   1426 C C   . TRP A 1 207 ? 0.612   -14.039 12.178  1.00 14.79 ? 207 TRP A C   1 
ATOM   1427 O O   . TRP A 1 207 ? -0.359  -14.855 12.272  1.00 13.58 ? 207 TRP A O   1 
ATOM   1428 C CB  . TRP A 1 207 ? 0.978   -12.221 10.456  1.00 13.70 ? 207 TRP A CB  1 
ATOM   1429 C CG  . TRP A 1 207 ? 0.366   -11.033 9.808   1.00 13.83 ? 207 TRP A CG  1 
ATOM   1430 C CD1 . TRP A 1 207 ? 0.287   -9.746  10.286  1.00 12.19 ? 207 TRP A CD1 1 
ATOM   1431 C CD2 . TRP A 1 207 ? -0.278  -11.015 8.527   1.00 13.15 ? 207 TRP A CD2 1 
ATOM   1432 N NE1 . TRP A 1 207 ? -0.340  -8.941  9.376   1.00 12.54 ? 207 TRP A NE1 1 
ATOM   1433 C CE2 . TRP A 1 207 ? -0.715  -9.700  8.299   1.00 12.88 ? 207 TRP A CE2 1 
ATOM   1434 C CE3 . TRP A 1 207 ? -0.556  -11.980 7.553   1.00 13.66 ? 207 TRP A CE3 1 
ATOM   1435 C CZ2 . TRP A 1 207 ? -1.396  -9.323  7.135   1.00 13.93 ? 207 TRP A CZ2 1 
ATOM   1436 C CZ3 . TRP A 1 207 ? -1.203  -11.586 6.403   1.00 12.80 ? 207 TRP A CZ3 1 
ATOM   1437 C CH2 . TRP A 1 207 ? -1.622  -10.296 6.200   1.00 13.37 ? 207 TRP A CH2 1 
ATOM   1438 N N   . VAL A 1 208 ? 1.837   -14.393 12.546  1.00 14.80 ? 208 VAL A N   1 
ATOM   1439 C CA  . VAL A 1 208 ? 2.154   -15.819 12.773  1.00 15.79 ? 208 VAL A CA  1 
ATOM   1440 C C   . VAL A 1 208 ? 1.440   -16.327 14.022  1.00 15.70 ? 208 VAL A C   1 
ATOM   1441 O O   . VAL A 1 208 ? 0.866   -17.451 13.967  1.00 14.98 ? 208 VAL A O   1 
ATOM   1442 C CB  . VAL A 1 208 ? 3.684   -16.015 12.826  1.00 16.34 ? 208 VAL A CB  1 
ATOM   1443 C CG1 . VAL A 1 208 ? 4.008   -17.414 13.299  1.00 21.88 ? 208 VAL A CG1 1 
ATOM   1444 C CG2 . VAL A 1 208 ? 4.271   -15.754 11.451  1.00 17.52 ? 208 VAL A CG2 1 
ATOM   1445 N N   . THR A 1 209 ? 1.500   -15.589 15.134  1.00 14.53 ? 209 THR A N   1 
ATOM   1446 C CA  . THR A 1 209 ? 0.817   -16.031 16.365  1.00 15.69 ? 209 THR A CA  1 
ATOM   1447 C C   . THR A 1 209 ? -0.696  -16.089 16.155  1.00 15.95 ? 209 THR A C   1 
ATOM   1448 O O   . THR A 1 209 ? -1.340  -17.062 16.662  1.00 17.56 ? 209 THR A O   1 
ATOM   1449 C CB  . THR A 1 209 ? 1.172   -15.167 17.582  1.00 17.10 ? 209 THR A CB  1 
ATOM   1450 O OG1 . THR A 1 209 ? 0.862   -13.801 17.307  1.00 14.37 ? 209 THR A OG1 1 
ATOM   1451 C CG2 . THR A 1 209 ? 2.633   -15.350 17.960  1.00 16.62 ? 209 THR A CG2 1 
ATOM   1452 N N   . SER A 1 210 ? -1.287  -15.151 15.418  1.00 14.08 ? 210 SER A N   1 
ATOM   1453 C CA  . SER A 1 210 ? -2.765  -15.143 15.303  1.00 15.22 ? 210 SER A CA  1 
ATOM   1454 C C   . SER A 1 210 ? -3.244  -16.209 14.305  1.00 15.14 ? 210 SER A C   1 
ATOM   1455 O O   . SER A 1 210 ? -4.347  -16.764 14.473  1.00 16.88 ? 210 SER A O   1 
ATOM   1456 C CB  . SER A 1 210 ? -3.302  -13.751 15.014  1.00 16.10 ? 210 SER A CB  1 
ATOM   1457 O OG  . SER A 1 210 ? -2.970  -13.368 13.727  1.00 18.40 ? 210 SER A OG  1 
ATOM   1458 N N   . ILE A 1 211 ? -2.464  -16.532 13.290  1.00 14.63 ? 211 ILE A N   1 
ATOM   1459 C CA  . ILE A 1 211 ? -2.827  -17.570 12.290  1.00 14.87 ? 211 ILE A CA  1 
ATOM   1460 C C   . ILE A 1 211 ? -2.553  -18.966 12.844  1.00 18.06 ? 211 ILE A C   1 
ATOM   1461 O O   . ILE A 1 211 ? -3.403  -19.857 12.582  1.00 16.31 ? 211 ILE A O   1 
ATOM   1462 C CB  . ILE A 1 211 ? -2.114  -17.315 10.961  1.00 15.73 ? 211 ILE A CB  1 
ATOM   1463 C CG1 . ILE A 1 211 ? -2.636  -16.033 10.349  1.00 14.84 ? 211 ILE A CG1 1 
ATOM   1464 C CG2 . ILE A 1 211 ? -2.260  -18.513 10.024  1.00 17.06 ? 211 ILE A CG2 1 
ATOM   1465 C CD1 . ILE A 1 211 ? -1.797  -15.482 9.199   1.00 16.03 ? 211 ILE A CD1 1 
ATOM   1466 N N   . TYR A 1 212 ? -1.469  -19.169 13.589  1.00 15.98 ? 212 TYR A N   1 
ATOM   1467 C CA  . TYR A 1 212 ? -1.072  -20.537 14.009  1.00 18.22 ? 212 TYR A CA  1 
ATOM   1468 C C   . TYR A 1 212 ? -1.412  -20.819 15.457  1.00 19.15 ? 212 TYR A C   1 
ATOM   1469 O O   . TYR A 1 212 ? -1.306  -22.024 15.821  1.00 20.21 ? 212 TYR A O   1 
ATOM   1470 C CB  . TYR A 1 212 ? 0.398   -20.786 13.676  1.00 17.37 ? 212 TYR A CB  1 
ATOM   1471 C CG  . TYR A 1 212 ? 0.634   -20.750 12.192  1.00 18.49 ? 212 TYR A CG  1 
ATOM   1472 C CD1 . TYR A 1 212 ? 0.401   -21.848 11.366  1.00 18.51 ? 212 TYR A CD1 1 
ATOM   1473 C CD2 . TYR A 1 212 ? 1.079   -19.586 11.586  1.00 17.38 ? 212 TYR A CD2 1 
ATOM   1474 C CE1 . TYR A 1 212 ? 0.541   -21.754 9.989   1.00 17.35 ? 212 TYR A CE1 1 
ATOM   1475 C CE2 . TYR A 1 212 ? 1.243   -19.495 10.228  1.00 17.55 ? 212 TYR A CE2 1 
ATOM   1476 C CZ  . TYR A 1 212 ? 1.017   -20.589 9.421   1.00 18.33 ? 212 TYR A CZ  1 
ATOM   1477 O OH  . TYR A 1 212 ? 1.145   -20.416 8.080   1.00 18.01 ? 212 TYR A OH  1 
ATOM   1478 N N   . GLY A 1 213 ? -1.774  -19.804 16.249  1.00 20.11 ? 213 GLY A N   1 
ATOM   1479 C CA  . GLY A 1 213 ? -1.977  -19.919 17.694  1.00 21.78 ? 213 GLY A CA  1 
ATOM   1480 C C   . GLY A 1 213 ? -3.355  -20.484 18.023  1.00 25.45 ? 213 GLY A C   1 
ATOM   1481 O O   . GLY A 1 213 ? -4.362  -20.106 17.373  1.00 24.11 ? 213 GLY A O   1 
ATOM   1482 N N   . GLU A 1 214 ? -3.398  -21.399 18.995  1.00 32.91 ? 214 GLU A N   1 
ATOM   1483 C CA  . GLU A 1 214 ? -4.597  -22.228 19.341  1.00 38.42 ? 214 GLU A CA  1 
ATOM   1484 C C   . GLU A 1 214 ? -5.578  -21.398 20.158  1.00 39.56 ? 214 GLU A C   1 
ATOM   1485 O O   . GLU A 1 214 ? -4.918  -20.713 20.942  1.00 37.78 ? 214 GLU A O   1 
ATOM   1486 C CB  . GLU A 1 214 ? -4.145  -23.420 20.173  1.00 43.07 ? 214 GLU A CB  1 
ATOM   1487 C CG  . GLU A 1 214 ? -3.290  -24.400 19.403  1.00 46.01 ? 214 GLU A CG  1 
ATOM   1488 C CD  . GLU A 1 214 ? -4.096  -25.309 18.500  1.00 55.18 ? 214 GLU A CD  1 
ATOM   1489 O OE1 . GLU A 1 214 ? -5.342  -25.444 18.732  1.00 56.10 ? 214 GLU A OE1 1 
ATOM   1490 O OE2 . GLU A 1 214 ? -3.488  -25.865 17.562  1.00 61.67 ? 214 GLU A OE2 1 
HETATM 1491 C C4  . GFZ B 2 .   ? 2.498   -17.826 3.279   1.00 27.20 ? 301 GFZ A C4  1 
HETATM 1492 C C14 . GFZ B 2 .   ? -0.981  -13.043 2.482   1.00 20.97 ? 301 GFZ A C14 1 
HETATM 1493 C C5  . GFZ B 2 .   ? 2.946   -16.749 2.309   1.00 26.76 ? 301 GFZ A C5  1 
HETATM 1494 C C6  . GFZ B 2 .   ? 2.018   -16.669 1.077   1.00 25.72 ? 301 GFZ A C6  1 
HETATM 1495 C C11 . GFZ B 2 .   ? 1.401   -13.889 1.336   1.00 20.93 ? 301 GFZ A C11 1 
HETATM 1496 C C7  . GFZ B 2 .   ? 1.899   -18.080 0.436   1.00 27.69 ? 301 GFZ A C7  1 
HETATM 1497 C C8  . GFZ B 2 .   ? 1.611   -19.159 1.497   1.00 28.69 ? 301 GFZ A C8  1 
HETATM 1498 C C9  . GFZ B 2 .   ? 2.657   -15.781 0.048   1.00 25.10 ? 301 GFZ A C9  1 
HETATM 1499 C C10 . GFZ B 2 .   ? 2.621   -14.374 0.626   1.00 26.29 ? 301 GFZ A C10 1 
HETATM 1500 C C12 . GFZ B 2 .   ? 1.201   -12.564 1.680   1.00 20.43 ? 301 GFZ A C12 1 
HETATM 1501 C C13 . GFZ B 2 .   ? 0.019   -12.111 2.247   1.00 17.63 ? 301 GFZ A C13 1 
HETATM 1502 N N1  . GFZ B 2 .   ? 2.568   -19.162 2.620   1.00 29.64 ? 301 GFZ A N1  1 
HETATM 1503 N N2  . GFZ B 2 .   ? -1.488  -5.846  3.594   1.00 15.10 ? 301 GFZ A N2  1 
HETATM 1504 C C3  . GFZ B 2 .   ? 1.340   -20.015 4.622   1.00 44.21 ? 301 GFZ A C3  1 
HETATM 1505 C C1  . GFZ B 2 .   ? 1.925   -21.605 2.850   1.00 43.11 ? 301 GFZ A C1  1 
HETATM 1506 C C2  . GFZ B 2 .   ? 2.347   -20.308 3.554   1.00 38.58 ? 301 GFZ A C2  1 
HETATM 1507 O O1  . GFZ B 2 .   ? 3.522   -13.602 0.278   1.00 27.17 ? 301 GFZ A O1  1 
HETATM 1508 C C15 . GFZ B 2 .   ? -0.771  -14.386 2.182   1.00 22.45 ? 301 GFZ A C15 1 
HETATM 1509 C C16 . GFZ B 2 .   ? 0.426   -14.816 1.623   1.00 23.72 ? 301 GFZ A C16 1 
HETATM 1510 O O2  . GFZ B 2 .   ? 0.653   -16.139 1.290   1.00 25.58 ? 301 GFZ A O2  1 
HETATM 1511 C C17 . GFZ B 2 .   ? -0.182  -10.694 2.607   1.00 14.80 ? 301 GFZ A C17 1 
HETATM 1512 C C18 . GFZ B 2 .   ? -1.290  -9.928  2.235   1.00 15.16 ? 301 GFZ A C18 1 
HETATM 1513 C C19 . GFZ B 2 .   ? -1.400  -8.605  2.669   1.00 16.15 ? 301 GFZ A C19 1 
HETATM 1514 C C20 . GFZ B 2 .   ? -0.417  -8.050  3.491   1.00 14.95 ? 301 GFZ A C20 1 
HETATM 1515 C C21 . GFZ B 2 .   ? 0.659   -8.810  3.826   1.00 15.26 ? 301 GFZ A C21 1 
HETATM 1516 C C22 . GFZ B 2 .   ? 0.772   -10.103 3.412   1.00 14.13 ? 301 GFZ A C22 1 
HETATM 1517 C C23 . GFZ B 2 .   ? -0.425  -6.615  3.898   1.00 15.15 ? 301 GFZ A C23 1 
HETATM 1518 O O3  . GFZ B 2 .   ? 0.567   -6.099  4.464   1.00 16.25 ? 301 GFZ A O3  1 
HETATM 1519 C C24 . GFZ B 2 .   ? -1.581  -4.459  3.578   1.00 15.41 ? 301 GFZ A C24 1 
HETATM 1520 C C25 . GFZ B 2 .   ? -2.811  -3.943  3.271   1.00 16.12 ? 301 GFZ A C25 1 
HETATM 1521 C C26 . GFZ B 2 .   ? -3.023  -2.569  3.173   1.00 17.85 ? 301 GFZ A C26 1 
HETATM 1522 C C27 . GFZ B 2 .   ? -2.003  -1.664  3.403   1.00 16.93 ? 301 GFZ A C27 1 
HETATM 1523 C C28 . GFZ B 2 .   ? -0.758  -2.170  3.680   1.00 15.88 ? 301 GFZ A C28 1 
HETATM 1524 C C29 . GFZ B 2 .   ? -0.519  -3.535  3.757   1.00 16.85 ? 301 GFZ A C29 1 
HETATM 1525 O O   . HOH C 3 .   ? -3.266  6.827   16.082  1.00 36.21 ? 401 HOH A O   1 
HETATM 1526 O O   . HOH C 3 .   ? -12.358 -17.920 3.599   1.00 31.01 ? 402 HOH A O   1 
HETATM 1527 O O   . HOH C 3 .   ? -13.815 -13.369 13.652  1.00 21.17 ? 403 HOH A O   1 
HETATM 1528 O O   . HOH C 3 .   ? -1.882  10.344  5.169   1.00 30.14 ? 404 HOH A O   1 
HETATM 1529 O O   . HOH C 3 .   ? 12.191  -13.381 5.142   1.00 27.52 ? 405 HOH A O   1 
HETATM 1530 O O   . HOH C 3 .   ? -11.466 3.085   0.840   1.00 35.08 ? 406 HOH A O   1 
HETATM 1531 O O   . HOH C 3 .   ? -0.556  7.256   15.505  1.00 24.46 ? 407 HOH A O   1 
HETATM 1532 O O   . HOH C 3 .   ? 13.015  -5.193  3.616   1.00 19.80 ? 408 HOH A O   1 
HETATM 1533 O O   . HOH C 3 .   ? -10.656 -15.894 -0.088  1.00 23.07 ? 409 HOH A O   1 
HETATM 1534 O O   . HOH C 3 .   ? -5.455  -19.302 15.061  1.00 18.66 ? 410 HOH A O   1 
HETATM 1535 O O   . HOH C 3 .   ? -8.047  -21.856 0.281   1.00 30.11 ? 411 HOH A O   1 
HETATM 1536 O O   . HOH C 3 .   ? -6.735  -27.323 10.800  1.00 30.84 ? 412 HOH A O   1 
HETATM 1537 O O   . HOH C 3 .   ? -3.643  14.111  -0.327  1.00 31.68 ? 413 HOH A O   1 
HETATM 1538 O O   . HOH C 3 .   ? -5.978  -20.283 11.841  1.00 17.28 ? 414 HOH A O   1 
HETATM 1539 O O   . HOH C 3 .   ? -13.500 -7.700  4.746   1.00 24.00 ? 415 HOH A O   1 
HETATM 1540 O O   . HOH C 3 .   ? -11.383 -6.467  -5.314  1.00 25.07 ? 416 HOH A O   1 
HETATM 1541 O O   . HOH C 3 .   ? 6.176   8.795   -2.857  1.00 23.29 ? 417 HOH A O   1 
HETATM 1542 O O   . HOH C 3 .   ? 9.001   -11.266 14.048  1.00 19.16 ? 418 HOH A O   1 
HETATM 1543 O O   . HOH C 3 .   ? -6.044  -0.272  -10.887 1.00 32.67 ? 419 HOH A O   1 
HETATM 1544 O O   . HOH C 3 .   ? 11.022  -3.189  9.901   1.00 14.73 ? 420 HOH A O   1 
HETATM 1545 O O   . HOH C 3 .   ? 3.371   2.036   13.563  1.00 16.95 ? 421 HOH A O   1 
HETATM 1546 O O   . HOH C 3 .   ? 2.007   7.135   5.807   1.00 23.91 ? 422 HOH A O   1 
HETATM 1547 O O   . HOH C 3 .   ? 6.030   -15.184 0.628   1.00 30.24 ? 423 HOH A O   1 
HETATM 1548 O O   . HOH C 3 .   ? 7.860   -13.663 14.484  1.00 27.26 ? 424 HOH A O   1 
HETATM 1549 O O   . HOH C 3 .   ? -12.340 -9.743  0.468   1.00 18.18 ? 425 HOH A O   1 
HETATM 1550 O O   . HOH C 3 .   ? -8.587  -26.886 14.442  1.00 35.07 ? 426 HOH A O   1 
HETATM 1551 O O   . HOH C 3 .   ? -6.333  20.589  -9.495  1.00 41.71 ? 427 HOH A O   1 
HETATM 1552 O O   . HOH C 3 .   ? 11.916  -9.066  17.136  1.00 27.45 ? 428 HOH A O   1 
HETATM 1553 O O   . HOH C 3 .   ? 4.153   8.033   4.429   1.00 24.78 ? 429 HOH A O   1 
HETATM 1554 O O   . HOH C 3 .   ? -7.594  -12.111 -4.199  1.00 27.68 ? 430 HOH A O   1 
HETATM 1555 O O   . HOH C 3 .   ? 3.398   23.138  -23.081 1.00 24.67 ? 431 HOH A O   1 
HETATM 1556 O O   . HOH C 3 .   ? 1.183   28.196  -18.489 1.00 36.64 ? 432 HOH A O   1 
HETATM 1557 O O   . HOH C 3 .   ? 9.881   -9.682  -0.094  1.00 19.82 ? 433 HOH A O   1 
HETATM 1558 O O   . HOH C 3 .   ? 1.555   12.207  14.943  1.00 33.36 ? 434 HOH A O   1 
HETATM 1559 O O   . HOH C 3 .   ? 11.524  -5.188  11.760  1.00 14.91 ? 435 HOH A O   1 
HETATM 1560 O O   . HOH C 3 .   ? 9.718   7.024   -0.025  1.00 25.91 ? 436 HOH A O   1 
HETATM 1561 O O   . HOH C 3 .   ? -4.888  3.778   8.078   1.00 31.49 ? 437 HOH A O   1 
HETATM 1562 O O   . HOH C 3 .   ? 13.523  3.229   12.326  1.00 18.91 ? 438 HOH A O   1 
HETATM 1563 O O   . HOH C 3 .   ? -1.808  9.709   16.939  1.00 35.58 ? 439 HOH A O   1 
HETATM 1564 O O   . HOH C 3 .   ? 8.379   9.642   -1.138  1.00 31.29 ? 440 HOH A O   1 
HETATM 1565 O O   . HOH C 3 .   ? 5.242   10.412  5.467   1.00 34.20 ? 441 HOH A O   1 
HETATM 1566 O O   . HOH C 3 .   ? 1.564   28.495  -23.350 1.00 25.27 ? 442 HOH A O   1 
HETATM 1567 O O   . HOH C 3 .   ? -13.264 -7.565  2.014   1.00 27.68 ? 443 HOH A O   1 
HETATM 1568 O O   . HOH C 3 .   ? -0.326  8.064   6.016   1.00 33.05 ? 444 HOH A O   1 
HETATM 1569 O O   . HOH C 3 .   ? 13.111  -3.782  8.292   1.00 26.65 ? 445 HOH A O   1 
# 
